data_1TUM
#
_entry.id   1TUM
#
_cell.length_a   1.000
_cell.length_b   1.000
_cell.length_c   1.000
_cell.angle_alpha   90.00
_cell.angle_beta   90.00
_cell.angle_gamma   90.00
#
_symmetry.space_group_name_H-M   'P 1'
#
loop_
_entity.id
_entity.type
_entity.pdbx_description
1 polymer 'MUTATOR MUTT PROTEIN'
2 non-polymer 'MAGNESIUM ION'
3 non-polymer 'DIPHOSPHOMETHYLPHOSPHONIC ACID ADENOSYL ESTER'
4 non-polymer 'COBALT TETRAAMMINE ION'
5 water water
#
_entity_poly.entity_id   1
_entity_poly.type   'polypeptide(L)'
_entity_poly.pdbx_seq_one_letter_code
;MKKLQIAVGIIRNENNEIFITRRAADAHMANKLEFPGGKIEMGETPEQAVVRELQEEVGITPQHFSLFEKLEYEFPDRHI
TLWFWLVERWEGEPWGKEGQPGEWMSLVGLNADDFPPANEPVIAKLKRL
;
_entity_poly.pdbx_strand_id   A
#
loop_
_chem_comp.id
_chem_comp.type
_chem_comp.name
_chem_comp.formula
APC non-polymer 'DIPHOSPHOMETHYLPHOSPHONIC ACID ADENOSYL ESTER' 'C11 H18 N5 O12 P3'
CON non-polymer 'COBALT TETRAAMMINE ION' 'Co H12 N4 3'
MG non-polymer 'MAGNESIUM ION' 'Mg 2'
#
# COMPACT_ATOMS: atom_id res chain seq x y z
N MET A 1 -0.19 10.16 22.00
CA MET A 1 0.97 9.78 22.85
C MET A 1 1.52 8.42 22.41
N LYS A 2 1.38 8.09 21.15
CA LYS A 2 1.91 6.78 20.68
C LYS A 2 2.31 6.88 19.22
N LYS A 3 2.94 5.88 18.69
CA LYS A 3 3.31 5.94 17.25
C LYS A 3 3.23 4.54 16.64
N LEU A 4 2.98 4.48 15.36
CA LEU A 4 2.90 3.15 14.68
C LEU A 4 3.14 3.34 13.19
N GLN A 5 3.67 2.35 12.53
CA GLN A 5 3.93 2.48 11.08
C GLN A 5 3.18 1.39 10.33
N ILE A 6 3.00 1.57 9.07
CA ILE A 6 2.26 0.55 8.29
C ILE A 6 3.12 0.09 7.12
N ALA A 7 3.52 -1.16 7.14
CA ALA A 7 4.36 -1.69 6.03
C ALA A 7 3.46 -2.11 4.89
N VAL A 8 2.77 -1.19 4.28
CA VAL A 8 1.87 -1.57 3.16
C VAL A 8 2.72 -1.77 1.89
N GLY A 9 3.08 -0.71 1.23
CA GLY A 9 3.87 -0.87 -0.01
C GLY A 9 2.91 -1.37 -1.08
N ILE A 10 2.24 -0.46 -1.73
CA ILE A 10 1.28 -0.88 -2.78
C ILE A 10 2.00 -1.85 -3.68
N ILE A 11 1.28 -2.50 -4.54
CA ILE A 11 1.96 -3.49 -5.41
C ILE A 11 1.44 -3.37 -6.86
N ARG A 12 1.90 -2.39 -7.59
CA ARG A 12 1.45 -2.25 -9.01
C ARG A 12 2.29 -3.19 -9.84
N ASN A 13 1.75 -3.91 -10.78
CA ASN A 13 2.64 -4.85 -11.52
C ASN A 13 2.13 -5.28 -12.91
N GLU A 14 1.01 -4.85 -13.40
CA GLU A 14 0.64 -5.31 -14.78
C GLU A 14 1.16 -4.26 -15.76
N ASN A 15 1.14 -3.08 -15.29
CA ASN A 15 1.65 -1.88 -16.02
C ASN A 15 1.79 -0.87 -14.91
N ASN A 16 0.72 -0.81 -14.17
CA ASN A 16 0.60 0.01 -12.97
C ASN A 16 -0.59 -0.58 -12.23
N GLU A 17 -0.72 -1.90 -12.26
CA GLU A 17 -1.91 -2.53 -11.60
C GLU A 17 -1.61 -2.86 -10.15
N ILE A 18 -2.08 -2.05 -9.24
CA ILE A 18 -1.83 -2.31 -7.80
C ILE A 18 -2.93 -3.18 -7.20
N PHE A 19 -2.59 -3.95 -6.23
CA PHE A 19 -3.60 -4.81 -5.53
C PHE A 19 -4.31 -3.95 -4.48
N ILE A 20 -4.65 -2.75 -4.82
CA ILE A 20 -5.31 -1.83 -3.84
C ILE A 20 -6.80 -2.12 -3.73
N THR A 21 -7.36 -1.75 -2.61
CA THR A 21 -8.83 -1.93 -2.42
C THR A 21 -9.54 -1.04 -3.44
N ARG A 22 -9.91 -1.59 -4.56
CA ARG A 22 -10.57 -0.77 -5.62
C ARG A 22 -12.07 -1.05 -5.67
N ARG A 23 -12.82 -0.48 -4.76
CA ARG A 23 -14.30 -0.67 -4.73
C ARG A 23 -14.70 -1.99 -5.40
N ALA A 24 -14.50 -3.09 -4.73
CA ALA A 24 -14.86 -4.40 -5.33
C ALA A 24 -16.22 -4.28 -6.04
N ALA A 25 -17.18 -3.71 -5.37
CA ALA A 25 -18.52 -3.54 -6.00
C ALA A 25 -18.48 -2.30 -6.90
N ASP A 26 -19.32 -2.25 -7.90
CA ASP A 26 -19.33 -1.07 -8.81
C ASP A 26 -19.70 0.18 -8.00
N ALA A 27 -18.78 1.07 -7.80
CA ALA A 27 -19.08 2.30 -7.02
C ALA A 27 -19.34 3.48 -7.96
N HIS A 28 -20.16 4.41 -7.55
CA HIS A 28 -20.44 5.59 -8.42
C HIS A 28 -19.27 6.56 -8.31
N MET A 29 -18.50 6.45 -7.26
CA MET A 29 -17.33 7.34 -7.09
C MET A 29 -16.06 6.62 -7.57
N ALA A 30 -14.92 7.14 -7.26
CA ALA A 30 -13.66 6.46 -7.71
C ALA A 30 -12.49 6.85 -6.81
N ASN A 31 -12.77 7.35 -5.63
CA ASN A 31 -11.67 7.73 -4.71
C ASN A 31 -11.47 6.61 -3.69
N LYS A 32 -11.98 5.44 -3.97
CA LYS A 32 -11.84 4.31 -3.01
C LYS A 32 -10.48 3.62 -3.15
N LEU A 33 -9.43 4.38 -3.35
CA LEU A 33 -8.08 3.75 -3.49
C LEU A 33 -7.26 4.04 -2.22
N GLU A 34 -7.32 3.15 -1.25
CA GLU A 34 -6.56 3.38 0.01
C GLU A 34 -5.18 2.73 -0.11
N PHE A 35 -4.78 1.91 0.83
CA PHE A 35 -3.44 1.27 0.73
C PHE A 35 -3.42 0.00 1.58
N PRO A 36 -2.94 -1.07 0.99
CA PRO A 36 -2.85 -2.38 1.65
C PRO A 36 -1.95 -2.30 2.89
N GLY A 37 -2.50 -1.95 4.02
CA GLY A 37 -1.69 -1.83 5.27
C GLY A 37 -0.91 -3.12 5.55
N GLY A 38 -0.48 -3.30 6.76
CA GLY A 38 0.30 -4.51 7.14
C GLY A 38 0.98 -4.27 8.48
N LYS A 39 1.30 -3.04 8.78
CA LYS A 39 1.96 -2.70 10.08
C LYS A 39 3.40 -3.21 10.10
N ILE A 40 4.36 -2.35 9.90
CA ILE A 40 5.78 -2.80 9.95
C ILE A 40 6.23 -2.87 11.42
N GLU A 41 6.85 -3.94 11.80
CA GLU A 41 7.31 -4.07 13.21
C GLU A 41 8.19 -5.32 13.35
N MET A 42 7.89 -6.35 12.60
CA MET A 42 8.70 -7.60 12.70
C MET A 42 10.19 -7.27 12.54
N GLY A 43 11.05 -8.16 12.95
CA GLY A 43 12.51 -7.90 12.80
C GLY A 43 12.85 -6.54 13.41
N GLU A 44 13.39 -5.66 12.62
CA GLU A 44 13.76 -4.31 13.12
C GLU A 44 14.12 -3.42 11.94
N THR A 45 13.60 -3.73 10.78
CA THR A 45 13.92 -2.93 9.56
C THR A 45 12.75 -3.10 8.59
N PRO A 46 12.43 -2.06 7.86
CA PRO A 46 11.32 -2.10 6.89
C PRO A 46 11.41 -3.32 5.99
N GLU A 47 12.54 -3.98 5.93
CA GLU A 47 12.65 -5.19 5.07
C GLU A 47 12.00 -6.38 5.78
N GLN A 48 12.62 -6.90 6.81
CA GLN A 48 11.98 -8.05 7.52
C GLN A 48 10.59 -7.66 7.99
N ALA A 49 10.41 -6.40 8.29
CA ALA A 49 9.08 -5.94 8.77
C ALA A 49 8.06 -6.05 7.65
N VAL A 50 8.24 -5.32 6.59
CA VAL A 50 7.24 -5.39 5.47
C VAL A 50 7.29 -6.75 4.79
N VAL A 51 8.45 -7.20 4.47
CA VAL A 51 8.63 -8.51 3.80
C VAL A 51 7.98 -9.64 4.62
N ARG A 52 8.14 -9.61 5.91
CA ARG A 52 7.53 -10.66 6.77
C ARG A 52 6.05 -10.33 6.92
N GLU A 53 5.73 -9.06 6.87
CA GLU A 53 4.30 -8.66 6.93
C GLU A 53 3.69 -8.96 5.58
N LEU A 54 4.52 -9.24 4.62
CA LEU A 54 4.06 -9.56 3.26
C LEU A 54 3.58 -11.01 3.22
N GLN A 55 4.45 -11.92 3.57
CA GLN A 55 4.09 -13.38 3.55
C GLN A 55 3.00 -13.68 4.59
N GLU A 56 3.10 -13.12 5.76
CA GLU A 56 2.10 -13.43 6.82
C GLU A 56 0.67 -13.11 6.35
N GLU A 57 0.50 -12.20 5.40
CA GLU A 57 -0.90 -11.89 4.95
C GLU A 57 -1.41 -12.95 3.97
N VAL A 58 -1.06 -12.84 2.72
CA VAL A 58 -1.54 -13.83 1.71
C VAL A 58 -0.68 -15.09 1.77
N GLY A 59 0.47 -15.08 1.17
CA GLY A 59 1.34 -16.29 1.22
C GLY A 59 2.08 -16.48 -0.12
N ILE A 60 2.43 -15.42 -0.79
CA ILE A 60 3.17 -15.59 -2.07
C ILE A 60 4.68 -15.48 -1.78
N THR A 61 5.48 -15.19 -2.76
CA THR A 61 6.95 -15.09 -2.49
C THR A 61 7.55 -13.85 -3.18
N PRO A 62 7.65 -13.85 -4.49
CA PRO A 62 8.21 -12.71 -5.22
C PRO A 62 7.38 -11.45 -4.94
N GLN A 63 7.68 -10.40 -5.66
CA GLN A 63 6.99 -9.09 -5.51
C GLN A 63 8.02 -8.00 -5.72
N HIS A 64 9.28 -8.33 -5.55
CA HIS A 64 10.34 -7.31 -5.74
C HIS A 64 9.90 -6.00 -5.07
N PHE A 65 9.90 -5.98 -3.77
CA PHE A 65 9.45 -4.77 -3.04
C PHE A 65 10.45 -3.63 -3.21
N SER A 66 9.96 -2.42 -3.19
CA SER A 66 10.84 -1.23 -3.34
C SER A 66 10.28 -0.13 -2.43
N LEU A 67 11.11 0.68 -1.84
CA LEU A 67 10.59 1.74 -0.93
C LEU A 67 9.79 2.77 -1.73
N PHE A 68 10.45 3.53 -2.55
CA PHE A 68 9.78 4.59 -3.37
C PHE A 68 9.60 5.82 -2.48
N GLU A 69 9.02 5.66 -1.33
CA GLU A 69 8.82 6.82 -0.42
C GLU A 69 7.86 6.42 0.70
N LYS A 70 7.59 7.32 1.60
CA LYS A 70 6.68 7.00 2.72
C LYS A 70 6.13 8.29 3.32
N LEU A 71 5.02 8.24 3.99
CA LEU A 71 4.46 9.49 4.59
C LEU A 71 4.41 9.37 6.11
N GLU A 72 3.89 10.37 6.74
CA GLU A 72 3.76 10.36 8.22
C GLU A 72 2.61 11.29 8.59
N TYR A 73 1.41 10.77 8.65
CA TYR A 73 0.25 11.63 8.99
C TYR A 73 0.24 11.83 10.50
N GLU A 74 0.18 13.05 10.95
CA GLU A 74 0.18 13.29 12.40
C GLU A 74 -1.25 13.58 12.88
N PHE A 75 -1.67 12.96 13.95
CA PHE A 75 -3.05 13.19 14.45
C PHE A 75 -2.96 13.82 15.84
N PRO A 76 -4.09 14.26 16.35
CA PRO A 76 -4.15 14.88 17.69
C PRO A 76 -3.40 14.02 18.71
N ASP A 77 -3.65 12.74 18.71
CA ASP A 77 -2.95 11.84 19.66
C ASP A 77 -2.61 10.55 18.94
N ARG A 78 -2.35 10.62 17.67
CA ARG A 78 -2.04 9.40 16.89
C ARG A 78 -0.91 9.68 15.89
N HIS A 79 0.32 9.42 16.27
CA HIS A 79 1.45 9.62 15.33
C HIS A 79 1.55 8.40 14.42
N ILE A 80 0.92 8.44 13.29
CA ILE A 80 0.94 7.23 12.40
C ILE A 80 2.00 7.38 11.30
N THR A 81 2.34 6.29 10.68
CA THR A 81 3.33 6.29 9.58
C THR A 81 2.82 5.30 8.52
N LEU A 82 3.39 5.29 7.35
CA LEU A 82 2.88 4.33 6.33
C LEU A 82 3.97 4.04 5.28
N TRP A 83 4.83 3.12 5.55
CA TRP A 83 5.90 2.78 4.56
C TRP A 83 5.25 2.36 3.24
N PHE A 84 5.62 2.97 2.15
CA PHE A 84 5.02 2.59 0.84
C PHE A 84 5.98 1.71 0.06
N TRP A 85 6.19 0.49 0.49
CA TRP A 85 7.12 -0.39 -0.26
C TRP A 85 6.44 -0.85 -1.55
N LEU A 86 6.63 -0.12 -2.61
CA LEU A 86 5.97 -0.50 -3.90
C LEU A 86 6.66 -1.72 -4.51
N VAL A 87 5.89 -2.73 -4.82
CA VAL A 87 6.48 -3.95 -5.43
C VAL A 87 5.97 -4.05 -6.87
N GLU A 88 6.50 -4.91 -7.69
CA GLU A 88 6.01 -4.97 -9.11
C GLU A 88 6.11 -6.38 -9.73
N ARG A 89 6.25 -7.42 -8.95
CA ARG A 89 6.32 -8.78 -9.57
C ARG A 89 6.01 -9.86 -8.53
N TRP A 90 4.80 -9.92 -8.08
CA TRP A 90 4.45 -10.96 -7.08
C TRP A 90 4.18 -12.28 -7.79
N GLU A 91 4.16 -13.37 -7.07
CA GLU A 91 3.88 -14.69 -7.69
C GLU A 91 2.37 -14.83 -7.87
N GLY A 92 1.94 -15.42 -8.97
CA GLY A 92 0.48 -15.65 -9.22
C GLY A 92 -0.39 -14.59 -8.53
N GLU A 93 -0.63 -14.76 -7.25
CA GLU A 93 -1.47 -13.77 -6.51
C GLU A 93 -0.55 -12.82 -5.71
N PRO A 94 -1.04 -11.62 -5.49
CA PRO A 94 -0.29 -10.59 -4.74
C PRO A 94 -0.29 -10.91 -3.24
N TRP A 95 -0.07 -9.90 -2.43
CA TRP A 95 -0.06 -10.10 -0.95
C TRP A 95 0.29 -8.78 -0.26
N GLY A 96 -0.64 -8.20 0.46
CA GLY A 96 -0.34 -6.92 1.15
C GLY A 96 -1.61 -6.36 1.80
N LYS A 97 -2.72 -6.44 1.14
CA LYS A 97 -3.98 -5.90 1.73
C LYS A 97 -4.08 -6.32 3.20
N GLU A 98 -4.21 -5.39 4.10
CA GLU A 98 -4.33 -5.77 5.54
C GLU A 98 -5.74 -6.34 5.76
N GLY A 99 -6.58 -5.66 6.47
CA GLY A 99 -7.97 -6.17 6.66
C GLY A 99 -8.81 -5.64 5.49
N GLN A 100 -8.17 -5.10 4.49
CA GLN A 100 -8.89 -4.55 3.32
C GLN A 100 -9.01 -5.62 2.23
N PRO A 101 -9.79 -5.34 1.22
CA PRO A 101 -10.00 -6.28 0.10
C PRO A 101 -8.72 -6.42 -0.72
N GLY A 102 -8.13 -5.32 -1.09
CA GLY A 102 -6.89 -5.39 -1.91
C GLY A 102 -7.22 -6.10 -3.23
N GLU A 103 -7.06 -5.43 -4.34
CA GLU A 103 -7.39 -6.09 -5.63
C GLU A 103 -6.63 -5.41 -6.78
N TRP A 104 -6.23 -6.17 -7.75
CA TRP A 104 -5.50 -5.58 -8.91
C TRP A 104 -6.31 -4.36 -9.38
N MET A 105 -5.65 -3.27 -9.64
CA MET A 105 -6.39 -2.06 -10.09
C MET A 105 -5.73 -1.51 -11.35
N SER A 106 -6.42 -1.58 -12.46
CA SER A 106 -5.83 -1.03 -13.71
C SER A 106 -5.98 0.49 -13.69
N LEU A 107 -5.19 1.16 -12.89
CA LEU A 107 -5.28 2.64 -12.79
C LEU A 107 -4.52 3.28 -13.96
N VAL A 108 -3.22 3.11 -13.97
CA VAL A 108 -2.33 3.69 -15.04
C VAL A 108 -1.61 4.90 -14.47
N GLY A 109 -0.38 4.74 -14.05
CA GLY A 109 0.37 5.88 -13.48
C GLY A 109 -0.56 6.66 -12.55
N LEU A 110 -0.71 6.19 -11.34
CA LEU A 110 -1.62 6.83 -10.36
C LEU A 110 -1.74 8.33 -10.59
N ASN A 111 -2.84 8.90 -10.20
CA ASN A 111 -3.07 10.35 -10.41
C ASN A 111 -3.57 11.02 -9.12
N ALA A 112 -3.86 10.24 -8.11
CA ALA A 112 -4.39 10.83 -6.84
C ALA A 112 -5.86 11.22 -7.07
N ASP A 113 -6.34 11.07 -8.28
CA ASP A 113 -7.74 11.41 -8.58
C ASP A 113 -8.62 10.24 -8.13
N ASP A 114 -8.02 9.10 -8.02
CA ASP A 114 -8.76 7.88 -7.58
C ASP A 114 -8.40 7.56 -6.13
N PHE A 115 -7.39 8.21 -5.61
CA PHE A 115 -6.98 7.95 -4.20
C PHE A 115 -7.50 9.08 -3.30
N PRO A 116 -7.86 8.73 -2.09
CA PRO A 116 -8.39 9.69 -1.10
C PRO A 116 -7.31 10.70 -0.70
N PRO A 117 -7.76 11.88 -0.33
CA PRO A 117 -6.86 12.96 0.10
C PRO A 117 -6.17 12.56 1.41
N ALA A 118 -6.76 11.67 2.16
CA ALA A 118 -6.15 11.23 3.45
C ALA A 118 -4.66 10.95 3.24
N ASN A 119 -4.34 10.04 2.36
CA ASN A 119 -2.91 9.72 2.11
C ASN A 119 -2.36 10.69 1.08
N GLU A 120 -2.64 11.96 1.23
CA GLU A 120 -2.16 12.97 0.27
C GLU A 120 -0.61 13.01 0.18
N PRO A 121 0.05 12.95 1.32
CA PRO A 121 1.52 13.02 1.36
C PRO A 121 2.19 11.99 0.44
N VAL A 122 1.64 10.82 0.31
CA VAL A 122 2.29 9.81 -0.58
C VAL A 122 1.56 9.76 -1.93
N ILE A 123 0.28 9.89 -1.92
CA ILE A 123 -0.48 9.86 -3.20
C ILE A 123 0.07 10.96 -4.10
N ALA A 124 0.60 11.99 -3.51
CA ALA A 124 1.17 13.10 -4.31
C ALA A 124 2.32 12.54 -5.16
N LYS A 125 3.07 11.65 -4.59
CA LYS A 125 4.21 11.04 -5.31
C LYS A 125 3.72 10.00 -6.32
N LEU A 126 2.72 9.22 -5.96
CA LEU A 126 2.21 8.22 -6.95
C LEU A 126 1.83 8.99 -8.20
N LYS A 127 1.18 10.10 -8.00
CA LYS A 127 0.77 10.97 -9.13
C LYS A 127 1.89 10.98 -10.17
N ARG A 128 3.10 11.07 -9.71
CA ARG A 128 4.27 11.10 -10.62
C ARG A 128 4.59 9.66 -11.07
N LEU A 129 4.70 8.75 -10.14
CA LEU A 129 5.01 7.33 -10.50
C LEU A 129 6.04 7.30 -11.63
MG MG B . -0.01 -7.26 8.67
PG APC C . -2.20 -5.26 11.14
O1G APC C . -3.56 -5.48 11.99
O2G APC C . -1.96 -6.39 10.22
O3G APC C . -2.27 -3.88 10.31
PB APC C . -0.84 -4.67 13.67
O1B APC C . -2.05 -5.33 14.50
O2B APC C . 0.45 -5.18 14.19
O3B APC C . -0.93 -5.07 12.11
PA APC C . -0.39 -2.83 15.16
O1A APC C . 1.09 -2.93 15.17
O2A APC C . -1.15 -3.62 16.15
C3A APC C . -0.88 -3.19 13.81
O5' APC C . -0.74 -1.29 15.44
C5' APC C . -0.93 -0.37 14.36
C4' APC C . -2.31 0.26 14.40
O4' APC C . -2.29 1.63 13.95
C3' APC C . -3.26 -0.50 13.50
O3' APC C . -4.10 -1.39 14.26
C2' APC C . -4.09 0.54 12.79
O2' APC C . -5.44 0.53 13.23
C1' APC C . -3.43 1.88 13.09
N9 APC C . -3.02 2.52 11.83
C8 APC C . -2.24 2.05 10.84
N7 APC C . -2.11 2.77 9.77
C5 APC C . -2.91 3.87 10.09
C6 APC C . -3.22 5.04 9.39
N6 APC C . -2.76 5.31 8.18
N1 APC C . -4.02 5.92 10.00
C2 APC C . -4.50 5.68 11.21
N3 APC C . -4.27 4.60 11.97
C4 APC C . -3.46 3.73 11.34
HOG3 APC C . -2.23 -4.11 9.37
H3A1 APC C . -0.25 -2.74 13.04
H3A2 APC C . -1.91 -2.85 13.69
H5'1 APC C . -0.81 -0.91 13.41
H5'2 APC C . -0.17 0.40 14.42
H4' APC C . -2.68 0.22 15.42
H3' APC C . -2.68 -1.06 12.77
HO3' APC C . -4.83 -0.93 14.68
H2' APC C . -4.05 0.36 11.71
HO2' APC C . -6.00 0.60 12.45
H1' APC C . -4.14 2.52 13.61
H8 APC C . -1.71 1.08 10.93
HN61 APC C . -2.14 4.66 7.71
HN62 APC C . -3.02 6.18 7.72
H2 APC C . -5.12 6.46 11.66
CO CON D . -3.73 -6.41 13.86
N1 CON D . -3.87 -7.34 15.75
N2 CON D . -5.43 -7.49 13.21
N3 CON D . -4.98 -4.85 14.54
N4 CON D . -2.47 -7.97 13.18
HN11 CON D . -3.57 -8.24 15.68
HN12 CON D . -4.78 -7.33 16.04
HN13 CON D . -3.32 -6.86 16.38
HN21 CON D . -5.80 -7.07 12.43
HN22 CON D . -5.17 -8.39 13.00
HN23 CON D . -6.09 -7.49 13.90
HN31 CON D . -4.46 -4.06 14.66
HN32 CON D . -5.38 -5.10 15.38
HN33 CON D . -5.67 -4.69 13.89
HN41 CON D . -2.80 -8.29 12.35
HN42 CON D . -1.59 -7.63 13.08
HN43 CON D . -2.48 -8.68 13.83
N MET A 1 -1.25 8.45 22.57
CA MET A 1 -0.49 7.33 23.20
C MET A 1 0.95 7.34 22.71
N LYS A 2 1.18 6.96 21.48
CA LYS A 2 2.56 6.95 20.94
C LYS A 2 2.50 6.98 19.41
N LYS A 3 3.21 6.12 18.72
CA LYS A 3 3.16 6.18 17.24
C LYS A 3 3.36 4.78 16.65
N LEU A 4 2.92 4.58 15.43
CA LEU A 4 3.10 3.26 14.76
C LEU A 4 3.56 3.51 13.32
N GLN A 5 3.61 2.47 12.54
CA GLN A 5 4.00 2.63 11.12
C GLN A 5 3.18 1.66 10.28
N ILE A 6 3.34 1.67 9.00
CA ILE A 6 2.54 0.76 8.15
C ILE A 6 3.37 0.30 6.96
N ALA A 7 3.73 -0.96 6.96
CA ALA A 7 4.54 -1.50 5.83
C ALA A 7 3.60 -1.88 4.70
N VAL A 8 2.97 -0.91 4.09
CA VAL A 8 2.04 -1.22 2.98
C VAL A 8 2.84 -1.51 1.71
N GLY A 9 3.39 -0.50 1.09
CA GLY A 9 4.14 -0.77 -0.15
C GLY A 9 3.17 -1.35 -1.17
N ILE A 10 2.44 -0.49 -1.82
CA ILE A 10 1.46 -0.96 -2.83
C ILE A 10 2.16 -1.96 -3.73
N ILE A 11 1.45 -2.60 -4.59
CA ILE A 11 2.10 -3.60 -5.46
C ILE A 11 1.60 -3.47 -6.91
N ARG A 12 2.14 -2.53 -7.64
CA ARG A 12 1.69 -2.35 -9.07
C ARG A 12 2.61 -3.20 -9.96
N ASN A 13 2.09 -3.93 -10.91
CA ASN A 13 3.01 -4.74 -11.74
C ASN A 13 2.39 -5.19 -13.06
N GLU A 14 2.04 -4.29 -13.88
CA GLU A 14 1.51 -4.65 -15.23
C GLU A 14 1.93 -3.52 -16.15
N ASN A 15 1.64 -2.38 -15.64
CA ASN A 15 1.95 -1.06 -16.25
C ASN A 15 1.82 -0.16 -15.03
N ASN A 16 0.73 -0.36 -14.35
CA ASN A 16 0.44 0.31 -13.09
C ASN A 16 -0.67 -0.49 -12.39
N GLU A 17 -0.62 -1.82 -12.39
CA GLU A 17 -1.74 -2.57 -11.74
C GLU A 17 -1.41 -2.89 -10.29
N ILE A 18 -1.86 -2.07 -9.38
CA ILE A 18 -1.60 -2.31 -7.94
C ILE A 18 -2.69 -3.19 -7.33
N PHE A 19 -2.36 -3.90 -6.28
CA PHE A 19 -3.37 -4.75 -5.59
C PHE A 19 -4.13 -3.84 -4.62
N ILE A 20 -4.56 -2.70 -5.08
CA ILE A 20 -5.27 -1.73 -4.22
C ILE A 20 -6.73 -2.08 -4.07
N THR A 21 -7.32 -1.64 -3.01
CA THR A 21 -8.77 -1.88 -2.79
C THR A 21 -9.54 -1.04 -3.80
N ARG A 22 -9.95 -1.63 -4.88
CA ARG A 22 -10.67 -0.86 -5.93
C ARG A 22 -12.17 -1.17 -5.88
N ARG A 23 -12.93 -0.33 -5.23
CA ARG A 23 -14.42 -0.52 -5.13
C ARG A 23 -14.80 -1.99 -5.32
N ALA A 24 -14.60 -2.80 -4.31
CA ALA A 24 -14.95 -4.25 -4.44
C ALA A 24 -16.32 -4.38 -5.11
N ALA A 25 -17.31 -3.72 -4.59
CA ALA A 25 -18.66 -3.81 -5.19
C ALA A 25 -18.75 -2.89 -6.42
N ASP A 26 -19.89 -2.82 -7.05
CA ASP A 26 -20.02 -1.95 -8.24
C ASP A 26 -20.15 -0.49 -7.78
N ALA A 27 -19.12 0.29 -7.96
CA ALA A 27 -19.18 1.71 -7.51
C ALA A 27 -19.46 2.62 -8.70
N HIS A 28 -19.70 3.88 -8.44
CA HIS A 28 -19.96 4.84 -9.54
C HIS A 28 -19.02 6.03 -9.38
N MET A 29 -18.00 5.88 -8.57
CA MET A 29 -17.03 6.99 -8.35
C MET A 29 -15.62 6.54 -8.75
N ALA A 30 -14.75 6.30 -7.80
CA ALA A 30 -13.35 5.85 -8.13
C ALA A 30 -12.37 6.35 -7.06
N ASN A 31 -12.82 7.14 -6.11
CA ASN A 31 -11.88 7.63 -5.06
C ASN A 31 -11.60 6.50 -4.06
N LYS A 32 -12.07 5.31 -4.35
CA LYS A 32 -11.86 4.16 -3.42
C LYS A 32 -10.47 3.54 -3.64
N LEU A 33 -9.42 4.29 -3.39
CA LEU A 33 -8.05 3.72 -3.56
C LEU A 33 -7.28 3.87 -2.25
N GLU A 34 -7.35 2.90 -1.38
CA GLU A 34 -6.61 3.01 -0.09
C GLU A 34 -5.21 2.42 -0.27
N PHE A 35 -4.68 1.78 0.74
CA PHE A 35 -3.32 1.18 0.59
C PHE A 35 -3.23 -0.12 1.40
N PRO A 36 -2.88 -1.18 0.73
CA PRO A 36 -2.73 -2.50 1.38
C PRO A 36 -1.57 -2.48 2.39
N GLY A 37 -1.83 -2.15 3.63
CA GLY A 37 -0.72 -2.11 4.63
C GLY A 37 -1.12 -2.88 5.89
N GLY A 38 -0.29 -3.80 6.31
CA GLY A 38 -0.62 -4.59 7.54
C GLY A 38 0.25 -4.16 8.73
N LYS A 39 0.52 -2.88 8.85
CA LYS A 39 1.33 -2.39 10.01
C LYS A 39 2.72 -3.00 10.02
N ILE A 40 3.73 -2.20 9.94
CA ILE A 40 5.12 -2.75 10.02
C ILE A 40 5.48 -2.94 11.49
N GLU A 41 6.03 -4.07 11.83
CA GLU A 41 6.39 -4.30 13.25
C GLU A 41 7.20 -5.60 13.40
N MET A 42 7.03 -6.54 12.51
CA MET A 42 7.80 -7.81 12.61
C MET A 42 9.29 -7.49 12.69
N GLY A 43 9.98 -8.05 13.65
CA GLY A 43 11.44 -7.78 13.76
C GLY A 43 11.65 -6.32 14.17
N GLU A 44 12.36 -5.58 13.36
CA GLU A 44 12.61 -4.14 13.69
C GLU A 44 13.19 -3.42 12.47
N THR A 45 12.97 -3.95 11.30
CA THR A 45 13.50 -3.30 10.07
C THR A 45 12.44 -3.42 8.98
N PRO A 46 12.26 -2.37 8.23
CA PRO A 46 11.25 -2.36 7.14
C PRO A 46 11.37 -3.61 6.26
N GLU A 47 12.46 -4.33 6.33
CA GLU A 47 12.57 -5.56 5.49
C GLU A 47 11.82 -6.69 6.20
N GLN A 48 12.40 -7.29 7.20
CA GLN A 48 11.68 -8.39 7.91
C GLN A 48 10.28 -7.91 8.28
N ALA A 49 10.12 -6.65 8.53
CA ALA A 49 8.79 -6.12 8.92
C ALA A 49 7.82 -6.20 7.76
N VAL A 50 8.10 -5.55 6.67
CA VAL A 50 7.15 -5.59 5.51
C VAL A 50 7.15 -6.97 4.88
N VAL A 51 8.30 -7.50 4.67
CA VAL A 51 8.46 -8.84 4.04
C VAL A 51 7.72 -9.91 4.88
N ARG A 52 7.92 -9.91 6.17
CA ARG A 52 7.23 -10.91 7.03
C ARG A 52 5.76 -10.51 7.14
N GLU A 53 5.50 -9.24 7.18
CA GLU A 53 4.09 -8.75 7.23
C GLU A 53 3.42 -9.13 5.92
N LEU A 54 4.22 -9.40 4.94
CA LEU A 54 3.70 -9.76 3.60
C LEU A 54 3.25 -11.22 3.59
N GLN A 55 4.15 -12.12 3.79
CA GLN A 55 3.77 -13.57 3.80
C GLN A 55 2.72 -13.84 4.88
N GLU A 56 2.90 -13.29 6.06
CA GLU A 56 1.91 -13.53 7.15
C GLU A 56 0.51 -13.15 6.69
N GLU A 57 0.41 -12.33 5.69
CA GLU A 57 -0.93 -11.92 5.20
C GLU A 57 -1.53 -13.01 4.32
N VAL A 58 -1.33 -12.91 3.04
CA VAL A 58 -1.89 -13.94 2.12
C VAL A 58 -1.00 -15.18 2.10
N GLY A 59 0.10 -15.16 1.40
CA GLY A 59 0.98 -16.36 1.41
C GLY A 59 1.66 -16.64 0.05
N ILE A 60 1.89 -15.63 -0.76
CA ILE A 60 2.57 -15.91 -2.07
C ILE A 60 4.09 -15.99 -1.78
N THR A 61 4.92 -15.54 -2.68
CA THR A 61 6.38 -15.62 -2.38
C THR A 61 7.11 -14.37 -2.94
N PRO A 62 7.24 -14.26 -4.24
CA PRO A 62 7.91 -13.10 -4.84
C PRO A 62 7.08 -11.84 -4.62
N GLN A 63 7.47 -10.79 -5.28
CA GLN A 63 6.78 -9.46 -5.18
C GLN A 63 7.88 -8.42 -5.07
N HIS A 64 9.01 -8.81 -4.57
CA HIS A 64 10.12 -7.85 -4.44
C HIS A 64 9.62 -6.67 -3.61
N PHE A 65 10.30 -5.56 -3.64
CA PHE A 65 9.82 -4.42 -2.83
C PHE A 65 10.79 -3.24 -2.95
N SER A 66 10.25 -2.05 -2.96
CA SER A 66 11.10 -0.84 -3.05
C SER A 66 10.44 0.26 -2.20
N LEU A 67 11.21 1.22 -1.76
CA LEU A 67 10.61 2.28 -0.90
C LEU A 67 9.76 3.24 -1.74
N PHE A 68 10.41 4.02 -2.56
CA PHE A 68 9.70 5.03 -3.41
C PHE A 68 9.46 6.30 -2.58
N GLU A 69 8.90 6.17 -1.41
CA GLU A 69 8.65 7.35 -0.54
C GLU A 69 7.52 7.02 0.44
N LYS A 70 7.22 7.89 1.36
CA LYS A 70 6.14 7.59 2.33
C LYS A 70 5.65 8.88 2.99
N LEU A 71 4.86 8.75 4.03
CA LEU A 71 4.36 9.97 4.72
C LEU A 71 4.19 9.68 6.22
N GLU A 72 4.12 10.71 7.00
CA GLU A 72 3.92 10.54 8.46
C GLU A 72 2.91 11.59 8.91
N TYR A 73 1.65 11.24 8.88
CA TYR A 73 0.59 12.21 9.28
C TYR A 73 0.44 12.18 10.80
N GLU A 74 0.65 13.30 11.43
CA GLU A 74 0.53 13.33 12.91
C GLU A 74 -0.67 14.19 13.31
N PHE A 75 -1.22 13.96 14.48
CA PHE A 75 -2.38 14.78 14.92
C PHE A 75 -2.20 15.18 16.42
N PRO A 76 -3.03 14.75 17.38
CA PRO A 76 -2.80 15.16 18.78
C PRO A 76 -1.45 14.63 19.26
N ASP A 77 -1.15 13.41 18.96
CA ASP A 77 0.14 12.81 19.40
C ASP A 77 0.30 11.45 18.72
N ARG A 78 -0.25 11.30 17.54
CA ARG A 78 -0.15 10.00 16.83
C ARG A 78 0.82 10.12 15.65
N HIS A 79 2.08 9.89 15.89
CA HIS A 79 3.08 9.98 14.79
C HIS A 79 3.01 8.69 13.95
N ILE A 80 2.05 8.58 13.08
CA ILE A 80 1.95 7.34 12.27
C ILE A 80 2.85 7.41 11.04
N THR A 81 3.41 6.29 10.66
CA THR A 81 4.29 6.24 9.47
C THR A 81 3.69 5.25 8.47
N LEU A 82 3.71 5.57 7.21
CA LEU A 82 3.14 4.61 6.21
C LEU A 82 4.19 4.28 5.16
N TRP A 83 5.17 3.48 5.50
CA TRP A 83 6.22 3.13 4.49
C TRP A 83 5.55 2.58 3.23
N PHE A 84 5.64 3.28 2.12
CA PHE A 84 5.02 2.78 0.87
C PHE A 84 6.04 1.92 0.13
N TRP A 85 6.24 0.71 0.56
CA TRP A 85 7.23 -0.15 -0.14
C TRP A 85 6.64 -0.61 -1.49
N LEU A 86 6.78 0.18 -2.52
CA LEU A 86 6.20 -0.26 -3.82
C LEU A 86 6.97 -1.46 -4.38
N VAL A 87 6.28 -2.53 -4.65
CA VAL A 87 6.95 -3.74 -5.20
C VAL A 87 6.46 -3.93 -6.64
N GLU A 88 6.93 -4.93 -7.37
CA GLU A 88 6.44 -5.08 -8.77
C GLU A 88 6.66 -6.50 -9.34
N ARG A 89 6.58 -7.53 -8.55
CA ARG A 89 6.78 -8.89 -9.17
C ARG A 89 6.22 -10.03 -8.30
N TRP A 90 5.01 -9.90 -7.79
CA TRP A 90 4.47 -11.02 -6.97
C TRP A 90 4.17 -12.21 -7.89
N GLU A 91 4.06 -13.40 -7.34
CA GLU A 91 3.74 -14.59 -8.19
C GLU A 91 2.22 -14.75 -8.25
N GLY A 92 1.71 -15.22 -9.36
CA GLY A 92 0.23 -15.43 -9.50
C GLY A 92 -0.56 -14.35 -8.76
N GLU A 93 -0.72 -14.50 -7.47
CA GLU A 93 -1.48 -13.49 -6.70
C GLU A 93 -0.54 -12.75 -5.74
N PRO A 94 -0.95 -11.57 -5.34
CA PRO A 94 -0.17 -10.71 -4.40
C PRO A 94 -0.28 -11.23 -2.96
N TRP A 95 -0.03 -10.40 -1.99
CA TRP A 95 -0.12 -10.86 -0.58
C TRP A 95 0.17 -9.73 0.41
N GLY A 96 -0.27 -8.53 0.15
CA GLY A 96 0.02 -7.41 1.10
C GLY A 96 -1.26 -6.72 1.57
N LYS A 97 -2.39 -7.04 1.01
CA LYS A 97 -3.66 -6.36 1.45
C LYS A 97 -3.96 -6.66 2.92
N GLU A 98 -3.71 -5.72 3.80
CA GLU A 98 -4.02 -5.95 5.23
C GLU A 98 -5.54 -5.97 5.40
N GLY A 99 -6.16 -7.12 5.34
CA GLY A 99 -7.63 -7.18 5.48
C GLY A 99 -8.26 -6.37 4.34
N GLN A 100 -7.48 -6.06 3.34
CA GLN A 100 -8.00 -5.27 2.18
C GLN A 100 -8.39 -6.23 1.06
N PRO A 101 -9.41 -5.88 0.33
CA PRO A 101 -9.86 -6.71 -0.79
C PRO A 101 -8.70 -6.87 -1.77
N GLY A 102 -7.75 -5.97 -1.71
CA GLY A 102 -6.56 -6.03 -2.60
C GLY A 102 -6.95 -6.52 -3.99
N GLU A 103 -7.01 -5.65 -4.95
CA GLU A 103 -7.38 -6.13 -6.31
C GLU A 103 -6.56 -5.41 -7.38
N TRP A 104 -5.98 -6.15 -8.29
CA TRP A 104 -5.18 -5.49 -9.36
C TRP A 104 -6.00 -4.32 -9.90
N MET A 105 -5.41 -3.17 -9.97
CA MET A 105 -6.18 -2.00 -10.47
C MET A 105 -5.45 -1.39 -11.66
N SER A 106 -6.07 -1.40 -12.81
CA SER A 106 -5.44 -0.80 -14.00
C SER A 106 -5.66 0.71 -13.96
N LEU A 107 -5.11 1.35 -12.95
CA LEU A 107 -5.30 2.81 -12.79
C LEU A 107 -4.54 3.55 -13.90
N VAL A 108 -3.27 3.27 -14.04
CA VAL A 108 -2.44 3.97 -15.07
C VAL A 108 -1.94 5.28 -14.47
N GLY A 109 -0.68 5.36 -14.17
CA GLY A 109 -0.17 6.61 -13.54
C GLY A 109 -1.12 6.98 -12.41
N LEU A 110 -0.94 6.38 -11.28
CA LEU A 110 -1.83 6.63 -10.11
C LEU A 110 -2.30 8.08 -10.06
N ASN A 111 -3.36 8.32 -9.34
CA ASN A 111 -3.91 9.70 -9.22
C ASN A 111 -4.72 9.79 -7.94
N ALA A 112 -4.63 10.90 -7.26
CA ALA A 112 -5.41 11.09 -6.01
C ALA A 112 -6.89 11.12 -6.38
N ASP A 113 -7.17 11.43 -7.60
CA ASP A 113 -8.58 11.46 -8.06
C ASP A 113 -9.23 10.14 -7.67
N ASP A 114 -8.42 9.13 -7.52
CA ASP A 114 -8.94 7.79 -7.15
C ASP A 114 -8.54 7.48 -5.70
N PHE A 115 -7.57 8.18 -5.17
CA PHE A 115 -7.13 7.92 -3.77
C PHE A 115 -7.71 8.97 -2.82
N PRO A 116 -7.93 8.55 -1.60
CA PRO A 116 -8.48 9.42 -0.55
C PRO A 116 -7.46 10.51 -0.19
N PRO A 117 -7.95 11.69 0.12
CA PRO A 117 -7.09 12.82 0.49
C PRO A 117 -6.33 12.52 1.79
N ALA A 118 -6.90 11.71 2.63
CA ALA A 118 -6.23 11.37 3.92
C ALA A 118 -4.74 11.11 3.67
N ASN A 119 -4.41 10.44 2.61
CA ASN A 119 -2.97 10.14 2.31
C ASN A 119 -2.52 10.98 1.12
N GLU A 120 -2.69 12.27 1.20
CA GLU A 120 -2.29 13.17 0.07
C GLU A 120 -0.76 13.29 -0.06
N PRO A 121 -0.03 13.31 1.03
CA PRO A 121 1.44 13.46 0.99
C PRO A 121 2.15 12.39 0.16
N VAL A 122 1.63 11.19 0.12
CA VAL A 122 2.33 10.14 -0.68
C VAL A 122 1.64 9.98 -2.03
N ILE A 123 0.34 10.07 -2.08
CA ILE A 123 -0.33 9.94 -3.40
C ILE A 123 0.22 11.05 -4.28
N ALA A 124 0.46 12.20 -3.70
CA ALA A 124 1.03 13.33 -4.49
C ALA A 124 2.08 12.81 -5.44
N LYS A 125 2.81 11.84 -5.00
CA LYS A 125 3.89 11.26 -5.84
C LYS A 125 3.33 10.23 -6.83
N LEU A 126 2.50 9.31 -6.40
CA LEU A 126 1.96 8.31 -7.38
C LEU A 126 1.10 9.04 -8.41
N LYS A 127 0.82 10.28 -8.17
CA LYS A 127 0.01 11.06 -9.13
C LYS A 127 0.87 11.25 -10.36
N ARG A 128 2.13 11.46 -10.12
CA ARG A 128 3.09 11.64 -11.23
C ARG A 128 3.46 10.26 -11.79
N LEU A 129 3.08 9.22 -11.09
CA LEU A 129 3.39 7.84 -11.55
C LEU A 129 2.92 7.68 -13.01
MG MG B . -0.21 -7.30 8.75
PG APC C . -5.18 -5.09 12.11
O1G APC C . -4.64 -5.93 13.38
O2G APC C . -6.15 -5.88 11.31
O3G APC C . -5.87 -3.71 12.57
PB APC C . -2.51 -4.07 11.58
O1B APC C . -1.83 -5.11 12.63
O2B APC C . -1.68 -3.99 10.36
O3B APC C . -3.97 -4.62 11.18
PA APC C . -2.25 -2.81 13.63
O1A APC C . -0.86 -3.33 13.70
O2A APC C . -3.32 -3.56 14.34
C3A APC C . -2.63 -2.73 12.20
O5' APC C . -2.23 -1.34 14.27
C5' APC C . -1.79 -0.19 13.54
C4' APC C . -2.72 0.98 13.76
O4' APC C . -2.10 2.22 13.37
C3' APC C . -4.00 0.84 12.96
O3' APC C . -5.09 0.39 13.78
C2' APC C . -4.27 2.19 12.37
O2' APC C . -5.49 2.75 12.88
C1' APC C . -3.08 3.06 12.74
N9 APC C . -2.54 3.68 11.53
C8 APC C . -1.92 3.11 10.48
N7 APC C . -1.60 3.88 9.49
C5 APC C . -2.06 5.13 9.93
C6 APC C . -2.04 6.41 9.37
N6 APC C . -1.51 6.68 8.18
N1 APC C . -2.58 7.40 10.09
C2 APC C . -3.11 7.17 11.29
N3 APC C . -3.18 6.00 11.92
C4 APC C . -2.64 5.01 11.19
HOG3 APC C . -5.17 -3.05 12.64
H3A1 APC C . -1.98 -2.03 11.68
H3A2 APC C . -3.66 -2.38 12.12
H5'1 APC C . -1.75 -0.42 12.48
H5'2 APC C . -0.79 0.09 13.88
H4' APC C . -2.97 1.04 14.81
H3' APC C . -3.83 0.12 12.13
HO3' APC C . -5.41 1.08 14.35
H2' APC C . -4.33 2.11 11.28
HO2' APC C . -5.84 3.31 12.20
H1' APC C . -3.38 3.83 13.43
H8 APC C . -1.70 2.04 10.48
HN61 APC C . -1.08 5.94 7.64
HN62 APC C . -1.52 7.62 7.83
H2 APC C . -3.52 8.03 11.82
CO CON D . -2.71 -6.64 13.81
N1 CON D . -0.77 -7.37 14.25
N2 CON D . -3.54 -8.16 15.01
N3 CON D . -2.61 -5.41 15.52
N4 CON D . -2.82 -7.90 12.13
HN11 CON D . -0.58 -7.22 15.17
HN12 CON D . -0.12 -6.90 13.71
HN13 CON D . -0.73 -8.31 14.06
HN21 CON D . -3.51 -7.90 15.93
HN22 CON D . -4.45 -8.30 14.75
HN23 CON D . -3.04 -8.98 14.89
HN31 CON D . -1.85 -4.83 15.47
HN32 CON D . -2.53 -5.96 16.31
HN33 CON D . -3.41 -4.89 15.59
HN41 CON D . -3.44 -7.55 11.50
HN42 CON D . -1.96 -7.98 11.72
HN43 CON D . -3.11 -8.77 12.40
N MET A 1 -2.18 8.18 22.04
CA MET A 1 -0.87 8.55 22.64
C MET A 1 0.14 7.44 22.37
N LYS A 2 0.60 7.34 21.16
CA LYS A 2 1.59 6.28 20.82
C LYS A 2 1.99 6.42 19.35
N LYS A 3 2.60 5.43 18.78
CA LYS A 3 3.00 5.53 17.35
C LYS A 3 2.85 4.18 16.67
N LEU A 4 2.63 4.17 15.38
CA LEU A 4 2.50 2.89 14.64
C LEU A 4 2.89 3.12 13.19
N GLN A 5 3.29 2.10 12.50
CA GLN A 5 3.67 2.28 11.07
C GLN A 5 2.85 1.31 10.24
N ILE A 6 2.95 1.41 8.96
CA ILE A 6 2.17 0.51 8.10
C ILE A 6 3.07 0.02 6.97
N ALA A 7 3.42 -1.24 7.00
CA ALA A 7 4.29 -1.80 5.94
C ALA A 7 3.42 -2.21 4.75
N VAL A 8 2.76 -1.26 4.16
CA VAL A 8 1.87 -1.59 3.01
C VAL A 8 2.70 -1.79 1.76
N GLY A 9 3.27 -0.76 1.21
CA GLY A 9 4.05 -0.95 -0.04
C GLY A 9 3.09 -1.50 -1.07
N ILE A 10 2.33 -0.63 -1.66
CA ILE A 10 1.35 -1.08 -2.67
C ILE A 10 2.06 -2.02 -3.62
N ILE A 11 1.35 -2.66 -4.48
CA ILE A 11 2.01 -3.60 -5.41
C ILE A 11 1.39 -3.42 -6.79
N ARG A 12 2.05 -2.71 -7.67
CA ARG A 12 1.50 -2.47 -9.04
C ARG A 12 1.72 -3.74 -9.86
N ASN A 13 1.39 -3.75 -11.12
CA ASN A 13 1.56 -5.03 -11.86
C ASN A 13 1.69 -4.88 -13.39
N GLU A 14 0.73 -4.37 -14.10
CA GLU A 14 0.87 -4.34 -15.60
C GLU A 14 1.46 -3.02 -16.07
N ASN A 15 1.19 -2.00 -15.35
CA ASN A 15 1.71 -0.65 -15.68
C ASN A 15 1.59 0.12 -14.39
N ASN A 16 0.47 -0.06 -13.78
CA ASN A 16 0.18 0.56 -12.49
C ASN A 16 -0.92 -0.29 -11.86
N GLU A 17 -0.90 -1.60 -12.08
CA GLU A 17 -1.98 -2.42 -11.48
C GLU A 17 -1.66 -2.64 -10.01
N ILE A 18 -2.03 -1.71 -9.19
CA ILE A 18 -1.74 -1.85 -7.75
C ILE A 18 -2.80 -2.75 -7.11
N PHE A 19 -2.39 -3.56 -6.19
CA PHE A 19 -3.34 -4.49 -5.50
C PHE A 19 -4.11 -3.71 -4.42
N ILE A 20 -4.55 -2.52 -4.72
CA ILE A 20 -5.27 -1.69 -3.72
C ILE A 20 -6.74 -2.08 -3.65
N THR A 21 -7.34 -1.80 -2.54
CA THR A 21 -8.79 -2.06 -2.38
C THR A 21 -9.53 -1.14 -3.36
N ARG A 22 -9.86 -1.65 -4.51
CA ARG A 22 -10.54 -0.81 -5.53
C ARG A 22 -12.05 -1.04 -5.49
N ARG A 23 -12.74 -0.31 -4.65
CA ARG A 23 -14.23 -0.46 -4.55
C ARG A 23 -14.62 -1.93 -4.70
N ALA A 24 -14.57 -2.69 -3.64
CA ALA A 24 -14.94 -4.13 -3.73
C ALA A 24 -16.19 -4.27 -4.60
N ALA A 25 -17.23 -3.52 -4.29
CA ALA A 25 -18.46 -3.60 -5.10
C ALA A 25 -18.25 -2.82 -6.40
N ASP A 26 -19.29 -2.43 -7.07
CA ASP A 26 -19.09 -1.67 -8.33
C ASP A 26 -18.70 -0.23 -8.00
N ALA A 27 -19.35 0.38 -7.05
CA ALA A 27 -19.02 1.77 -6.66
C ALA A 27 -19.03 2.69 -7.89
N HIS A 28 -19.99 3.56 -7.98
CA HIS A 28 -20.04 4.49 -9.14
C HIS A 28 -19.03 5.61 -8.93
N MET A 29 -18.41 5.66 -7.78
CA MET A 29 -17.42 6.74 -7.51
C MET A 29 -16.04 6.30 -8.02
N ALA A 30 -15.02 6.30 -7.19
CA ALA A 30 -13.67 5.86 -7.67
C ALA A 30 -12.55 6.35 -6.73
N ASN A 31 -12.86 7.08 -5.69
CA ASN A 31 -11.78 7.55 -4.77
C ASN A 31 -11.45 6.43 -3.79
N LYS A 32 -11.93 5.24 -4.05
CA LYS A 32 -11.67 4.08 -3.15
C LYS A 32 -10.28 3.49 -3.44
N LEU A 33 -9.24 4.26 -3.30
CA LEU A 33 -7.88 3.71 -3.56
C LEU A 33 -6.96 4.07 -2.39
N GLU A 34 -6.96 3.28 -1.35
CA GLU A 34 -6.09 3.57 -0.18
C GLU A 34 -4.75 2.82 -0.35
N PHE A 35 -4.33 2.06 0.63
CA PHE A 35 -3.06 1.30 0.49
C PHE A 35 -3.16 0.03 1.36
N PRO A 36 -2.76 -1.08 0.80
CA PRO A 36 -2.79 -2.36 1.52
C PRO A 36 -1.87 -2.29 2.74
N GLY A 37 -2.41 -1.93 3.88
CA GLY A 37 -1.58 -1.81 5.11
C GLY A 37 -0.81 -3.11 5.40
N GLY A 38 -0.51 -3.34 6.65
CA GLY A 38 0.24 -4.56 7.05
C GLY A 38 0.80 -4.33 8.45
N LYS A 39 1.03 -3.09 8.81
CA LYS A 39 1.58 -2.76 10.16
C LYS A 39 2.99 -3.33 10.31
N ILE A 40 3.99 -2.53 10.07
CA ILE A 40 5.40 -3.04 10.23
C ILE A 40 5.75 -3.01 11.71
N GLU A 41 6.31 -4.08 12.21
CA GLU A 41 6.68 -4.12 13.65
C GLU A 41 7.54 -5.37 13.93
N MET A 42 7.27 -6.44 13.23
CA MET A 42 8.05 -7.70 13.46
C MET A 42 9.53 -7.43 13.22
N GLY A 43 10.38 -8.33 13.64
CA GLY A 43 11.85 -8.13 13.42
C GLY A 43 12.25 -6.76 13.94
N GLU A 44 12.88 -5.96 13.13
CA GLU A 44 13.30 -4.60 13.57
C GLU A 44 13.77 -3.81 12.35
N THR A 45 13.26 -4.13 11.20
CA THR A 45 13.68 -3.41 9.96
C THR A 45 12.55 -3.54 8.93
N PRO A 46 12.29 -2.48 8.19
CA PRO A 46 11.23 -2.49 7.17
C PRO A 46 11.29 -3.77 6.32
N GLU A 47 12.39 -4.46 6.32
CA GLU A 47 12.46 -5.72 5.52
C GLU A 47 11.72 -6.83 6.27
N GLN A 48 12.33 -7.44 7.24
CA GLN A 48 11.62 -8.51 7.99
C GLN A 48 10.25 -8.02 8.40
N ALA A 49 10.13 -6.76 8.66
CA ALA A 49 8.82 -6.21 9.08
C ALA A 49 7.81 -6.30 7.94
N VAL A 50 8.04 -5.64 6.85
CA VAL A 50 7.06 -5.68 5.73
C VAL A 50 7.05 -7.07 5.07
N VAL A 51 8.20 -7.61 4.84
CA VAL A 51 8.32 -8.94 4.21
C VAL A 51 7.60 -10.00 5.05
N ARG A 52 7.78 -9.97 6.35
CA ARG A 52 7.11 -10.97 7.22
C ARG A 52 5.62 -10.63 7.29
N GLU A 53 5.30 -9.39 7.55
CA GLU A 53 3.87 -8.98 7.60
C GLU A 53 3.24 -9.28 6.24
N LEU A 54 4.07 -9.43 5.26
CA LEU A 54 3.59 -9.72 3.89
C LEU A 54 3.21 -11.18 3.78
N GLN A 55 4.17 -12.05 3.89
CA GLN A 55 3.88 -13.52 3.80
C GLN A 55 2.76 -13.87 4.78
N GLU A 56 2.93 -13.55 6.04
CA GLU A 56 1.87 -13.87 7.04
C GLU A 56 0.51 -13.51 6.46
N GLU A 57 0.44 -12.50 5.65
CA GLU A 57 -0.85 -12.10 5.04
C GLU A 57 -1.21 -13.07 3.91
N VAL A 58 -0.81 -12.78 2.70
CA VAL A 58 -1.13 -13.68 1.57
C VAL A 58 -0.16 -14.86 1.57
N GLY A 59 1.04 -14.66 1.09
CA GLY A 59 2.03 -15.79 1.10
C GLY A 59 2.61 -16.02 -0.30
N ILE A 60 3.20 -15.01 -0.90
CA ILE A 60 3.82 -15.22 -2.25
C ILE A 60 5.35 -15.22 -2.10
N THR A 61 6.11 -14.64 -3.03
CA THR A 61 7.60 -14.68 -2.85
C THR A 61 8.32 -13.59 -3.68
N PRO A 62 8.29 -13.68 -4.99
CA PRO A 62 8.96 -12.71 -5.87
C PRO A 62 8.73 -11.30 -5.38
N GLN A 63 7.52 -10.90 -5.47
CA GLN A 63 7.07 -9.54 -5.01
C GLN A 63 8.16 -8.47 -5.12
N HIS A 64 9.12 -8.59 -6.03
CA HIS A 64 10.22 -7.55 -6.17
C HIS A 64 9.84 -6.28 -5.38
N PHE A 65 10.08 -6.30 -4.09
CA PHE A 65 9.67 -5.15 -3.22
C PHE A 65 10.59 -3.95 -3.37
N SER A 66 10.03 -2.77 -3.23
CA SER A 66 10.82 -1.52 -3.34
C SER A 66 10.20 -0.46 -2.42
N LEU A 67 10.98 0.47 -1.92
CA LEU A 67 10.40 1.51 -1.02
C LEU A 67 9.71 2.59 -1.84
N PHE A 68 10.48 3.34 -2.58
CA PHE A 68 9.93 4.43 -3.44
C PHE A 68 9.83 5.70 -2.60
N GLU A 69 9.12 5.64 -1.51
CA GLU A 69 8.96 6.84 -0.63
C GLU A 69 7.73 6.67 0.25
N LYS A 70 7.80 7.11 1.47
CA LYS A 70 6.63 6.96 2.40
C LYS A 70 6.20 8.31 2.96
N LEU A 71 5.09 8.33 3.67
CA LEU A 71 4.63 9.61 4.28
C LEU A 71 4.52 9.44 5.80
N GLU A 72 4.19 10.49 6.49
CA GLU A 72 4.04 10.39 7.97
C GLU A 72 3.05 11.46 8.41
N TYR A 73 1.78 11.15 8.36
CA TYR A 73 0.75 12.15 8.77
C TYR A 73 0.68 12.14 10.29
N GLU A 74 0.38 13.27 10.89
CA GLU A 74 0.33 13.29 12.37
C GLU A 74 -1.09 13.56 12.84
N PHE A 75 -1.32 13.44 14.13
CA PHE A 75 -2.66 13.68 14.70
C PHE A 75 -2.49 14.39 16.05
N PRO A 76 -3.57 14.64 16.74
CA PRO A 76 -3.52 15.31 18.05
C PRO A 76 -2.62 14.52 19.00
N ASP A 77 -2.52 13.24 18.80
CA ASP A 77 -1.65 12.40 19.67
C ASP A 77 -1.54 11.01 19.04
N ARG A 78 -1.50 10.97 17.73
CA ARG A 78 -1.41 9.66 17.03
C ARG A 78 -0.38 9.75 15.90
N HIS A 79 0.83 9.33 16.15
CA HIS A 79 1.88 9.39 15.09
C HIS A 79 1.75 8.18 14.16
N ILE A 80 1.44 8.40 12.90
CA ILE A 80 1.28 7.25 11.97
C ILE A 80 2.36 7.29 10.87
N THR A 81 2.82 6.13 10.47
CA THR A 81 3.83 6.05 9.37
C THR A 81 3.32 5.03 8.35
N LEU A 82 3.51 5.26 7.09
CA LEU A 82 3.00 4.28 6.08
C LEU A 82 4.13 3.86 5.13
N TRP A 83 4.96 2.94 5.54
CA TRP A 83 6.05 2.48 4.63
C TRP A 83 5.45 2.09 3.28
N PHE A 84 5.69 2.87 2.26
CA PHE A 84 5.13 2.53 0.92
C PHE A 84 6.08 1.60 0.19
N TRP A 85 6.21 0.38 0.60
CA TRP A 85 7.12 -0.56 -0.12
C TRP A 85 6.49 -0.89 -1.48
N LEU A 86 6.68 -0.08 -2.47
CA LEU A 86 6.07 -0.40 -3.79
C LEU A 86 6.80 -1.57 -4.44
N VAL A 87 6.07 -2.58 -4.79
CA VAL A 87 6.69 -3.76 -5.46
C VAL A 87 6.15 -3.79 -6.89
N GLU A 88 6.52 -4.75 -7.69
CA GLU A 88 5.99 -4.72 -9.09
C GLU A 88 5.98 -6.12 -9.74
N ARG A 89 6.30 -7.16 -9.02
CA ARG A 89 6.28 -8.51 -9.66
C ARG A 89 6.02 -9.60 -8.61
N TRP A 90 4.87 -9.59 -8.01
CA TRP A 90 4.55 -10.63 -7.00
C TRP A 90 4.29 -11.96 -7.68
N GLU A 91 4.40 -13.04 -6.95
CA GLU A 91 4.15 -14.38 -7.56
C GLU A 91 2.64 -14.62 -7.66
N GLY A 92 2.19 -15.16 -8.76
CA GLY A 92 0.73 -15.46 -8.97
C GLY A 92 -0.17 -14.46 -8.23
N GLU A 93 -0.39 -14.67 -6.95
CA GLU A 93 -1.26 -13.75 -6.18
C GLU A 93 -0.42 -12.60 -5.61
N PRO A 94 -1.09 -11.53 -5.31
CA PRO A 94 -0.46 -10.31 -4.76
C PRO A 94 -0.01 -10.55 -3.31
N TRP A 95 0.13 -9.50 -2.54
CA TRP A 95 0.56 -9.68 -1.13
C TRP A 95 0.62 -8.32 -0.43
N GLY A 96 -0.13 -8.12 0.62
CA GLY A 96 -0.06 -6.82 1.32
C GLY A 96 -1.41 -6.39 1.87
N LYS A 97 -2.45 -6.47 1.08
CA LYS A 97 -3.79 -6.02 1.56
C LYS A 97 -4.00 -6.45 3.01
N GLU A 98 -4.17 -5.49 3.86
CA GLU A 98 -4.40 -5.80 5.29
C GLU A 98 -5.84 -6.33 5.39
N GLY A 99 -6.58 -6.04 6.43
CA GLY A 99 -7.96 -6.55 6.48
C GLY A 99 -8.68 -6.14 5.18
N GLN A 100 -8.16 -5.17 4.48
CA GLN A 100 -8.79 -4.70 3.21
C GLN A 100 -8.79 -5.82 2.15
N PRO A 101 -9.58 -5.63 1.12
CA PRO A 101 -9.68 -6.59 0.01
C PRO A 101 -8.38 -6.61 -0.79
N GLY A 102 -8.03 -5.50 -1.35
CA GLY A 102 -6.79 -5.44 -2.17
C GLY A 102 -7.06 -6.10 -3.52
N GLU A 103 -6.88 -5.37 -4.58
CA GLU A 103 -7.14 -5.96 -5.93
C GLU A 103 -6.35 -5.21 -7.00
N TRP A 104 -5.69 -5.93 -7.90
CA TRP A 104 -4.92 -5.22 -8.96
C TRP A 104 -5.82 -4.13 -9.52
N MET A 105 -5.31 -2.95 -9.68
CA MET A 105 -6.16 -1.85 -10.19
C MET A 105 -5.62 -1.36 -11.51
N SER A 106 -6.36 -1.54 -12.57
CA SER A 106 -5.88 -1.06 -13.90
C SER A 106 -6.16 0.43 -14.00
N LEU A 107 -5.58 1.19 -13.12
CA LEU A 107 -5.79 2.65 -13.10
C LEU A 107 -4.96 3.29 -14.20
N VAL A 108 -3.69 2.94 -14.27
CA VAL A 108 -2.77 3.52 -15.30
C VAL A 108 -2.12 4.78 -14.73
N GLY A 109 -0.89 4.67 -14.30
CA GLY A 109 -0.20 5.85 -13.74
C GLY A 109 -1.14 6.55 -12.75
N LEU A 110 -1.17 6.08 -11.53
CA LEU A 110 -2.06 6.68 -10.49
C LEU A 110 -2.13 8.20 -10.67
N ASN A 111 -3.12 8.83 -10.08
CA ASN A 111 -3.25 10.30 -10.23
C ASN A 111 -3.66 10.97 -8.92
N ALA A 112 -3.98 10.19 -7.91
CA ALA A 112 -4.43 10.78 -6.60
C ALA A 112 -5.92 11.15 -6.72
N ASP A 113 -6.41 11.25 -7.92
CA ASP A 113 -7.84 11.58 -8.15
C ASP A 113 -8.68 10.42 -7.59
N ASP A 114 -8.06 9.28 -7.47
CA ASP A 114 -8.79 8.09 -6.94
C ASP A 114 -8.35 7.83 -5.51
N PHE A 115 -7.26 8.42 -5.08
CA PHE A 115 -6.78 8.21 -3.69
C PHE A 115 -7.38 9.31 -2.79
N PRO A 116 -7.90 8.91 -1.66
CA PRO A 116 -8.47 9.87 -0.71
C PRO A 116 -7.42 10.96 -0.41
N PRO A 117 -7.84 12.20 -0.49
CA PRO A 117 -6.94 13.35 -0.27
C PRO A 117 -6.18 13.25 1.06
N ALA A 118 -6.68 12.50 2.01
CA ALA A 118 -5.96 12.38 3.30
C ALA A 118 -4.52 11.93 3.06
N ASN A 119 -4.32 11.03 2.13
CA ASN A 119 -2.95 10.53 1.84
C ASN A 119 -2.36 11.30 0.65
N GLU A 120 -2.50 12.60 0.66
CA GLU A 120 -1.97 13.41 -0.46
C GLU A 120 -0.42 13.47 -0.50
N PRO A 121 0.22 13.44 0.65
CA PRO A 121 1.70 13.55 0.70
C PRO A 121 2.39 12.46 -0.13
N VAL A 122 2.00 11.23 -0.01
CA VAL A 122 2.67 10.16 -0.80
C VAL A 122 1.91 9.94 -2.11
N ILE A 123 0.61 10.08 -2.09
CA ILE A 123 -0.15 9.89 -3.36
C ILE A 123 0.25 11.02 -4.31
N ALA A 124 0.77 12.09 -3.76
CA ALA A 124 1.22 13.23 -4.61
C ALA A 124 2.26 12.69 -5.56
N LYS A 125 2.96 11.69 -5.12
CA LYS A 125 4.02 11.07 -5.95
C LYS A 125 3.43 10.10 -6.98
N LEU A 126 2.41 9.36 -6.64
CA LEU A 126 1.81 8.44 -7.65
C LEU A 126 1.19 9.29 -8.75
N LYS A 127 0.86 10.49 -8.41
CA LYS A 127 0.30 11.41 -9.42
C LYS A 127 1.30 11.48 -10.55
N ARG A 128 2.55 11.44 -10.19
CA ARG A 128 3.65 11.47 -11.18
C ARG A 128 3.87 10.06 -11.72
N LEU A 129 3.50 9.07 -10.95
CA LEU A 129 3.69 7.65 -11.38
C LEU A 129 3.43 7.52 -12.89
MG MG B . -0.08 -7.49 8.77
PG APC C . -5.66 -5.75 11.16
O1G APC C . -6.27 -5.89 12.64
O2G APC C . -5.07 -7.02 10.70
O3G APC C . -6.77 -5.25 10.12
PB APC C . -3.35 -4.22 12.12
O1B APC C . -3.79 -4.51 13.64
O2B APC C . -2.18 -5.05 11.76
O3B APC C . -4.56 -4.59 11.11
PA APC C . -2.55 -2.25 13.26
O1A APC C . -1.55 -3.18 13.82
O2A APC C . -3.75 -1.93 14.08
C3A APC C . -3.01 -2.78 11.96
O5' APC C . -1.80 -0.85 12.98
C5' APC C . -1.81 0.20 13.95
C4' APC C . -3.05 1.08 13.82
O4' APC C . -2.73 2.40 13.31
C3' APC C . -4.05 0.47 12.87
O3' APC C . -5.10 -0.21 13.57
C2' APC C . -4.61 1.61 12.05
O2' APC C . -5.98 1.84 12.35
C1' APC C . -3.75 2.83 12.39
N9 APC C . -3.19 3.39 11.16
C8 APC C . -2.42 2.80 10.21
N7 APC C . -2.14 3.50 9.15
C5 APC C . -2.80 4.69 9.42
C6 APC C . -2.90 5.90 8.70
N6 APC C . -2.34 6.08 7.50
N1 APC C . -3.61 6.89 9.26
C2 APC C . -4.19 6.72 10.46
N3 APC C . -4.15 5.62 11.21
C4 APC C . -3.43 4.65 10.64
HOG3 APC C . -6.55 -4.35 9.86
H3A1 APC C . -2.22 -2.68 11.23
H3A2 APC C . -3.89 -2.23 11.64
H5'1 APC C . -0.92 0.81 13.82
H5'2 APC C . -1.79 -0.24 14.95
H4' APC C . -3.50 1.19 14.80
H3' APC C . -3.54 -0.22 12.21
HO3' APC C . -5.11 0.02 14.51
H2' APC C . -4.49 1.38 10.99
HO2' APC C . -6.39 2.19 11.55
H1' APC C . -4.38 3.58 12.88
H8 APC C . -2.02 1.79 10.33
HN61 APC C . -1.80 5.34 7.08
HN62 APC C . -2.45 6.97 7.04
H2 APC C . -4.73 7.57 10.86
CO CON D . -5.59 -5.20 14.51
N1 CON D . -4.92 -4.52 16.39
N2 CON D . -7.38 -5.88 15.39
N3 CON D . -6.49 -3.33 14.14
N4 CON D . -4.70 -7.09 14.86
HN11 CON D . -5.19 -3.61 16.52
HN12 CON D . -3.96 -4.57 16.42
HN13 CON D . -5.28 -5.07 17.08
HN21 CON D . -7.20 -6.21 16.28
HN22 CON D . -8.00 -5.16 15.44
HN23 CON D . -7.74 -6.59 14.87
HN31 CON D . -6.96 -3.37 13.32
HN32 CON D . -5.81 -2.66 14.09
HN33 CON D . -7.09 -3.12 14.84
HN41 CON D . -4.23 -7.36 14.08
HN42 CON D . -4.09 -7.03 15.60
HN43 CON D . -5.39 -7.72 15.06
N MET A 1 0.94 10.99 22.38
CA MET A 1 0.14 9.80 22.78
C MET A 1 0.88 8.53 22.35
N LYS A 2 0.90 8.25 21.08
CA LYS A 2 1.60 7.03 20.59
C LYS A 2 1.93 7.19 19.11
N LYS A 3 2.55 6.21 18.52
CA LYS A 3 2.89 6.31 17.08
C LYS A 3 3.06 4.90 16.51
N LEU A 4 2.68 4.70 15.28
CA LEU A 4 2.82 3.35 14.66
C LEU A 4 3.25 3.50 13.21
N GLN A 5 3.47 2.41 12.55
CA GLN A 5 3.87 2.47 11.11
C GLN A 5 3.19 1.34 10.37
N ILE A 6 3.33 1.30 9.08
CA ILE A 6 2.66 0.23 8.32
C ILE A 6 3.57 -0.24 7.18
N ALA A 7 3.85 -1.52 7.13
CA ALA A 7 4.70 -2.05 6.04
C ALA A 7 3.79 -2.37 4.87
N VAL A 8 3.10 -1.39 4.35
CA VAL A 8 2.18 -1.65 3.22
C VAL A 8 2.96 -1.76 1.92
N GLY A 9 3.22 -0.67 1.26
CA GLY A 9 3.95 -0.75 -0.01
C GLY A 9 2.97 -1.27 -1.05
N ILE A 10 2.27 -0.39 -1.68
CA ILE A 10 1.28 -0.83 -2.70
C ILE A 10 1.98 -1.81 -3.62
N ILE A 11 1.27 -2.40 -4.52
CA ILE A 11 1.94 -3.38 -5.41
C ILE A 11 1.37 -3.29 -6.82
N ARG A 12 1.98 -2.50 -7.66
CA ARG A 12 1.49 -2.39 -9.07
C ARG A 12 1.94 -3.66 -9.77
N ASN A 13 1.56 -3.91 -11.00
CA ASN A 13 2.01 -5.21 -11.56
C ASN A 13 1.97 -5.31 -13.10
N GLU A 14 0.94 -4.92 -13.78
CA GLU A 14 0.97 -5.13 -15.27
C GLU A 14 1.52 -3.89 -15.97
N ASN A 15 1.35 -2.78 -15.36
CA ASN A 15 1.88 -1.50 -15.91
C ASN A 15 1.82 -0.55 -14.74
N ASN A 16 0.71 -0.61 -14.08
CA ASN A 16 0.44 0.17 -12.88
C ASN A 16 -0.70 -0.56 -12.18
N GLU A 17 -0.72 -1.87 -12.26
CA GLU A 17 -1.87 -2.59 -11.62
C GLU A 17 -1.58 -2.80 -10.14
N ILE A 18 -2.04 -1.91 -9.33
CA ILE A 18 -1.79 -2.05 -7.86
C ILE A 18 -2.84 -2.99 -7.27
N PHE A 19 -2.45 -3.79 -6.32
CA PHE A 19 -3.42 -4.70 -5.67
C PHE A 19 -4.15 -3.91 -4.58
N ILE A 20 -4.61 -2.73 -4.91
CA ILE A 20 -5.29 -1.85 -3.93
C ILE A 20 -6.74 -2.22 -3.75
N THR A 21 -7.24 -1.96 -2.59
CA THR A 21 -8.68 -2.21 -2.32
C THR A 21 -9.48 -1.28 -3.23
N ARG A 22 -9.81 -1.74 -4.42
CA ARG A 22 -10.54 -0.87 -5.36
C ARG A 22 -12.05 -1.02 -5.14
N ARG A 23 -12.66 -0.02 -4.55
CA ARG A 23 -14.15 -0.03 -4.26
C ARG A 23 -14.76 -1.36 -4.68
N ALA A 24 -14.55 -2.39 -3.90
CA ALA A 24 -15.10 -3.73 -4.25
C ALA A 24 -16.50 -3.58 -4.84
N ALA A 25 -17.39 -2.92 -4.15
CA ALA A 25 -18.77 -2.75 -4.68
C ALA A 25 -18.78 -1.64 -5.74
N ASP A 26 -19.93 -1.31 -6.26
CA ASP A 26 -19.98 -0.25 -7.30
C ASP A 26 -19.95 1.13 -6.61
N ALA A 27 -18.80 1.56 -6.18
CA ALA A 27 -18.71 2.89 -5.51
C ALA A 27 -19.24 3.97 -6.45
N HIS A 28 -19.10 3.78 -7.73
CA HIS A 28 -19.58 4.79 -8.70
C HIS A 28 -18.73 6.06 -8.57
N MET A 29 -17.68 6.00 -7.80
CA MET A 29 -16.80 7.19 -7.64
C MET A 29 -15.39 6.85 -8.11
N ALA A 30 -14.48 6.57 -7.21
CA ALA A 30 -13.08 6.22 -7.60
C ALA A 30 -12.09 6.61 -6.49
N ASN A 31 -12.54 7.33 -5.51
CA ASN A 31 -11.61 7.73 -4.41
C ASN A 31 -11.43 6.55 -3.44
N LYS A 32 -11.97 5.41 -3.77
CA LYS A 32 -11.84 4.23 -2.88
C LYS A 32 -10.49 3.54 -3.10
N LEU A 33 -9.42 4.28 -3.12
CA LEU A 33 -8.08 3.65 -3.33
C LEU A 33 -7.21 3.91 -2.09
N GLU A 34 -7.25 3.03 -1.13
CA GLU A 34 -6.44 3.23 0.10
C GLU A 34 -5.06 2.57 -0.09
N PHE A 35 -4.63 1.73 0.82
CA PHE A 35 -3.30 1.08 0.66
C PHE A 35 -3.28 -0.23 1.45
N PRO A 36 -2.88 -1.29 0.78
CA PRO A 36 -2.81 -2.64 1.40
C PRO A 36 -1.67 -2.66 2.42
N GLY A 37 -1.96 -2.48 3.69
CA GLY A 37 -0.88 -2.46 4.70
C GLY A 37 -0.92 -3.71 5.57
N GLY A 38 -0.09 -3.73 6.58
CA GLY A 38 -0.04 -4.90 7.49
C GLY A 38 0.70 -4.53 8.78
N LYS A 39 0.79 -3.25 9.08
CA LYS A 39 1.50 -2.81 10.31
C LYS A 39 2.95 -3.30 10.30
N ILE A 40 3.90 -2.43 10.13
CA ILE A 40 5.32 -2.88 10.13
C ILE A 40 5.79 -3.02 11.56
N GLU A 41 6.38 -4.12 11.88
CA GLU A 41 6.88 -4.32 13.26
C GLU A 41 7.66 -5.63 13.34
N MET A 42 7.37 -6.58 12.50
CA MET A 42 8.11 -7.87 12.55
C MET A 42 9.61 -7.60 12.59
N GLY A 43 10.38 -8.49 13.15
CA GLY A 43 11.85 -8.27 13.22
C GLY A 43 12.13 -6.85 13.72
N GLU A 44 12.74 -6.05 12.92
CA GLU A 44 13.03 -4.65 13.33
C GLU A 44 13.57 -3.85 12.12
N THR A 45 13.24 -4.28 10.94
CA THR A 45 13.72 -3.56 9.73
C THR A 45 12.57 -3.56 8.72
N PRO A 46 12.38 -2.46 8.03
CA PRO A 46 11.30 -2.36 7.03
C PRO A 46 11.35 -3.56 6.08
N GLU A 47 12.48 -4.24 6.01
CA GLU A 47 12.56 -5.42 5.13
C GLU A 47 11.92 -6.61 5.84
N GLN A 48 12.64 -7.33 6.65
CA GLN A 48 12.04 -8.49 7.35
C GLN A 48 10.66 -8.11 7.88
N ALA A 49 10.46 -6.89 8.19
CA ALA A 49 9.14 -6.45 8.72
C ALA A 49 8.10 -6.47 7.62
N VAL A 50 8.29 -5.69 6.58
CA VAL A 50 7.29 -5.66 5.47
C VAL A 50 7.27 -7.00 4.74
N VAL A 51 8.41 -7.51 4.44
CA VAL A 51 8.52 -8.82 3.73
C VAL A 51 7.87 -9.92 4.58
N ARG A 52 8.18 -9.97 5.85
CA ARG A 52 7.56 -11.02 6.72
C ARG A 52 6.11 -10.62 6.96
N GLU A 53 5.81 -9.36 6.78
CA GLU A 53 4.41 -8.89 6.91
C GLU A 53 3.70 -9.27 5.61
N LEU A 54 4.50 -9.50 4.61
CA LEU A 54 3.99 -9.86 3.27
C LEU A 54 3.62 -11.35 3.23
N GLN A 55 4.43 -12.17 3.81
CA GLN A 55 4.16 -13.64 3.81
C GLN A 55 3.13 -13.96 4.89
N GLU A 56 3.27 -13.37 6.04
CA GLU A 56 2.31 -13.64 7.14
C GLU A 56 0.89 -13.31 6.69
N GLU A 57 0.74 -12.46 5.72
CA GLU A 57 -0.63 -12.10 5.26
C GLU A 57 -1.19 -13.18 4.32
N VAL A 58 -0.97 -13.02 3.06
CA VAL A 58 -1.50 -14.01 2.07
C VAL A 58 -0.58 -15.23 1.98
N GLY A 59 0.53 -15.16 1.30
CA GLY A 59 1.42 -16.36 1.25
C GLY A 59 2.02 -16.61 -0.14
N ILE A 60 2.35 -15.59 -0.89
CA ILE A 60 2.98 -15.82 -2.23
C ILE A 60 4.50 -15.83 -2.02
N THR A 61 5.28 -15.35 -2.94
CA THR A 61 6.76 -15.36 -2.71
C THR A 61 7.39 -14.06 -3.25
N PRO A 62 7.52 -13.93 -4.56
CA PRO A 62 8.12 -12.72 -5.14
C PRO A 62 7.26 -11.49 -4.86
N GLN A 63 7.61 -10.40 -5.47
CA GLN A 63 6.86 -9.12 -5.30
C GLN A 63 7.87 -7.99 -5.48
N HIS A 64 9.12 -8.27 -5.27
CA HIS A 64 10.16 -7.20 -5.43
C HIS A 64 9.66 -5.92 -4.78
N PHE A 65 9.77 -5.84 -3.48
CA PHE A 65 9.29 -4.63 -2.76
C PHE A 65 10.27 -3.47 -2.95
N SER A 66 9.74 -2.28 -3.03
CA SER A 66 10.62 -1.08 -3.21
C SER A 66 10.03 0.07 -2.37
N LEU A 67 10.86 0.87 -1.76
CA LEU A 67 10.31 1.98 -0.92
C LEU A 67 9.59 3.01 -1.80
N PHE A 68 10.34 3.74 -2.58
CA PHE A 68 9.75 4.80 -3.46
C PHE A 68 9.59 6.07 -2.63
N GLU A 69 8.96 5.98 -1.49
CA GLU A 69 8.78 7.18 -0.63
C GLU A 69 7.83 6.82 0.49
N LYS A 70 7.58 7.72 1.40
CA LYS A 70 6.65 7.41 2.52
C LYS A 70 6.16 8.70 3.16
N LEU A 71 5.23 8.62 4.07
CA LEU A 71 4.72 9.85 4.72
C LEU A 71 4.47 9.61 6.20
N GLU A 72 4.05 10.63 6.89
CA GLU A 72 3.74 10.51 8.34
C GLU A 72 2.67 11.54 8.66
N TYR A 73 1.43 11.14 8.63
CA TYR A 73 0.33 12.09 8.92
C TYR A 73 0.21 12.25 10.42
N GLU A 74 0.19 13.45 10.90
CA GLU A 74 0.10 13.64 12.37
C GLU A 74 -1.33 13.99 12.77
N PHE A 75 -2.02 13.07 13.36
CA PHE A 75 -3.43 13.34 13.80
C PHE A 75 -3.37 14.09 15.14
N PRO A 76 -4.51 14.57 15.57
CA PRO A 76 -4.61 15.29 16.86
C PRO A 76 -3.88 14.51 17.95
N ASP A 77 -3.84 13.22 17.83
CA ASP A 77 -3.14 12.39 18.84
C ASP A 77 -2.87 11.02 18.22
N ARG A 78 -2.74 10.98 16.94
CA ARG A 78 -2.50 9.68 16.25
C ARG A 78 -1.37 9.84 15.22
N HIS A 79 -0.15 9.59 15.62
CA HIS A 79 0.98 9.71 14.65
C HIS A 79 1.13 8.38 13.92
N ILE A 80 0.80 8.34 12.64
CA ILE A 80 0.90 7.06 11.89
C ILE A 80 2.01 7.15 10.84
N THR A 81 2.59 6.02 10.50
CA THR A 81 3.65 5.99 9.46
C THR A 81 3.22 4.96 8.42
N LEU A 82 3.36 5.23 7.16
CA LEU A 82 2.94 4.23 6.15
C LEU A 82 4.05 3.96 5.15
N TRP A 83 5.01 3.15 5.51
CA TRP A 83 6.10 2.85 4.54
C TRP A 83 5.48 2.42 3.21
N PHE A 84 5.57 3.25 2.19
CA PHE A 84 4.97 2.88 0.87
C PHE A 84 5.94 1.98 0.10
N TRP A 85 6.14 0.78 0.54
CA TRP A 85 7.06 -0.12 -0.20
C TRP A 85 6.41 -0.57 -1.51
N LEU A 86 6.49 0.24 -2.54
CA LEU A 86 5.88 -0.17 -3.83
C LEU A 86 6.62 -1.37 -4.41
N VAL A 87 5.92 -2.42 -4.67
CA VAL A 87 6.58 -3.64 -5.25
C VAL A 87 6.12 -3.76 -6.71
N GLU A 88 6.60 -4.72 -7.45
CA GLU A 88 6.15 -4.78 -8.88
C GLU A 88 6.23 -6.20 -9.49
N ARG A 89 6.31 -7.25 -8.72
CA ARG A 89 6.37 -8.59 -9.38
C ARG A 89 6.00 -9.73 -8.42
N TRP A 90 4.80 -9.74 -7.92
CA TRP A 90 4.39 -10.86 -7.01
C TRP A 90 4.00 -12.07 -7.87
N GLU A 91 4.02 -13.25 -7.32
CA GLU A 91 3.65 -14.45 -8.14
C GLU A 91 2.15 -14.74 -7.99
N GLY A 92 1.53 -15.21 -9.04
CA GLY A 92 0.08 -15.56 -8.99
C GLY A 92 -0.70 -14.44 -8.30
N GLU A 93 -0.80 -14.49 -7.00
CA GLU A 93 -1.56 -13.44 -6.27
C GLU A 93 -0.59 -12.59 -5.45
N PRO A 94 -1.05 -11.43 -5.06
CA PRO A 94 -0.24 -10.49 -4.25
C PRO A 94 -0.17 -11.00 -2.81
N TRP A 95 0.15 -10.13 -1.88
CA TRP A 95 0.22 -10.57 -0.46
C TRP A 95 0.65 -9.40 0.44
N GLY A 96 0.29 -8.20 0.11
CA GLY A 96 0.68 -7.04 0.97
C GLY A 96 -0.57 -6.35 1.53
N LYS A 97 -1.72 -6.91 1.31
CA LYS A 97 -2.96 -6.28 1.84
C LYS A 97 -3.13 -6.61 3.31
N GLU A 98 -3.71 -5.70 4.06
CA GLU A 98 -3.92 -5.95 5.51
C GLU A 98 -5.19 -6.79 5.72
N GLY A 99 -5.45 -7.72 4.85
CA GLY A 99 -6.70 -8.54 5.00
C GLY A 99 -7.83 -7.84 4.23
N GLN A 100 -7.62 -6.64 3.80
CA GLN A 100 -8.66 -5.89 3.04
C GLN A 100 -8.92 -6.63 1.72
N PRO A 101 -9.70 -6.02 0.85
CA PRO A 101 -10.01 -6.66 -0.45
C PRO A 101 -8.74 -6.76 -1.28
N GLY A 102 -8.09 -5.66 -1.51
CA GLY A 102 -6.84 -5.69 -2.31
C GLY A 102 -7.13 -6.29 -3.67
N GLU A 103 -7.00 -5.53 -4.72
CA GLU A 103 -7.30 -6.09 -6.07
C GLU A 103 -6.49 -5.36 -7.14
N TRP A 104 -5.85 -6.08 -8.04
CA TRP A 104 -5.08 -5.40 -9.11
C TRP A 104 -5.92 -4.25 -9.65
N MET A 105 -5.33 -3.11 -9.86
CA MET A 105 -6.11 -1.96 -10.37
C MET A 105 -5.41 -1.36 -11.56
N SER A 106 -6.00 -1.44 -12.72
CA SER A 106 -5.35 -0.87 -13.93
C SER A 106 -5.63 0.63 -13.99
N LEU A 107 -5.37 1.33 -12.93
CA LEU A 107 -5.60 2.80 -12.91
C LEU A 107 -4.64 3.46 -13.91
N VAL A 108 -3.41 3.00 -13.94
CA VAL A 108 -2.39 3.55 -14.90
C VAL A 108 -1.84 4.87 -14.38
N GLY A 109 -0.55 4.91 -14.08
CA GLY A 109 0.06 6.16 -13.57
C GLY A 109 -0.92 6.82 -12.60
N LEU A 110 -0.90 6.38 -11.38
CA LEU A 110 -1.85 6.94 -10.37
C LEU A 110 -2.01 8.45 -10.56
N ASN A 111 -3.07 9.01 -10.03
CA ASN A 111 -3.31 10.47 -10.20
C ASN A 111 -3.76 11.11 -8.88
N ALA A 112 -3.96 10.32 -7.86
CA ALA A 112 -4.43 10.90 -6.56
C ALA A 112 -5.92 11.24 -6.70
N ASP A 113 -6.47 11.07 -7.87
CA ASP A 113 -7.91 11.36 -8.08
C ASP A 113 -8.72 10.17 -7.57
N ASP A 114 -8.17 9.00 -7.69
CA ASP A 114 -8.87 7.78 -7.24
C ASP A 114 -8.46 7.46 -5.80
N PHE A 115 -7.44 8.13 -5.31
CA PHE A 115 -6.97 7.88 -3.92
C PHE A 115 -7.55 8.95 -2.97
N PRO A 116 -7.70 8.58 -1.73
CA PRO A 116 -8.21 9.49 -0.70
C PRO A 116 -7.17 10.60 -0.42
N PRO A 117 -7.62 11.82 -0.34
CA PRO A 117 -6.74 12.97 -0.09
C PRO A 117 -6.01 12.80 1.25
N ALA A 118 -6.58 12.10 2.18
CA ALA A 118 -5.90 11.91 3.50
C ALA A 118 -4.43 11.61 3.27
N ASN A 119 -4.13 10.65 2.43
CA ASN A 119 -2.71 10.31 2.17
C ASN A 119 -2.19 11.17 1.03
N GLU A 120 -2.42 12.45 1.11
CA GLU A 120 -1.94 13.40 0.06
C GLU A 120 -0.41 13.42 -0.04
N PRO A 121 0.27 13.42 1.09
CA PRO A 121 1.75 13.49 1.11
C PRO A 121 2.42 12.44 0.21
N VAL A 122 1.91 11.25 0.16
CA VAL A 122 2.56 10.22 -0.70
C VAL A 122 1.80 10.08 -2.02
N ILE A 123 0.50 10.15 -1.98
CA ILE A 123 -0.26 10.02 -3.25
C ILE A 123 0.17 11.15 -4.18
N ALA A 124 0.70 12.20 -3.62
CA ALA A 124 1.17 13.35 -4.45
C ALA A 124 2.29 12.86 -5.36
N LYS A 125 3.07 11.95 -4.84
CA LYS A 125 4.20 11.39 -5.61
C LYS A 125 3.69 10.32 -6.60
N LEU A 126 2.73 9.52 -6.21
CA LEU A 126 2.21 8.51 -7.16
C LEU A 126 1.67 9.25 -8.38
N LYS A 127 1.03 10.35 -8.13
CA LYS A 127 0.48 11.18 -9.24
C LYS A 127 1.49 11.18 -10.39
N ARG A 128 2.73 11.21 -10.05
CA ARG A 128 3.80 11.22 -11.07
C ARG A 128 4.03 9.80 -11.58
N LEU A 129 4.22 8.85 -10.69
CA LEU A 129 4.45 7.42 -11.08
C LEU A 129 5.07 7.34 -12.49
MG MG B . -0.10 -7.47 8.65
PG APC C . -5.31 -5.79 11.74
O1G APC C . -5.45 -6.41 13.21
O2G APC C . -5.99 -6.63 10.73
O3G APC C . -5.88 -4.29 11.67
PB APC C . -2.51 -5.08 12.21
O1B APC C . -2.59 -5.67 13.70
O2B APC C . -1.25 -5.52 11.55
O3B APC C . -3.75 -5.63 11.34
PA APC C . -1.93 -3.14 13.52
O1A APC C . -0.73 -3.97 13.76
O2A APC C . -2.98 -3.08 14.55
C3A APC C . -2.55 -3.60 12.26
O5' APC C . -1.42 -1.63 13.29
C5' APC C . -1.43 -0.70 14.37
C4' APC C . -2.53 0.34 14.20
O4' APC C . -2.07 1.48 13.46
C3' APC C . -3.71 -0.22 13.44
O3' APC C . -4.72 -0.73 14.32
C2' APC C . -4.22 0.92 12.59
O2' APC C . -5.50 1.36 13.02
C1' APC C . -3.18 2.02 12.73
N9 APC C . -2.82 2.48 11.39
C8 APC C . -2.09 1.86 10.44
N7 APC C . -2.01 2.42 9.28
C5 APC C . -2.79 3.57 9.48
C6 APC C . -3.14 4.64 8.65
N6 APC C . -2.77 4.73 7.37
N1 APC C . -3.92 5.60 9.18
C2 APC C . -4.33 5.52 10.44
N3 APC C . -4.05 4.56 11.31
C4 APC C . -3.27 3.61 10.76
HOG3 APC C . -5.13 -3.70 11.54
H3A1 APC C . -2.02 -3.19 11.40
H3A2 APC C . -3.59 -3.28 12.23
H5'1 APC C . -0.46 -0.19 14.42
H5'2 APC C . -1.59 -1.24 15.30
H4' APC C . -2.86 0.66 15.18
H3' APC C . -3.36 -1.03 12.77
HO3' APC C . -5.08 -0.03 14.88
H2' APC C . -4.27 0.59 11.55
HO2' APC C . -5.90 1.77 12.26
H1' APC C . -3.60 2.86 13.29
H8 APC C . -1.60 0.91 10.65
HN61 APC C . -2.21 4.01 6.96
HN62 APC C . -3.05 5.53 6.82
H2 APC C . -4.95 6.34 10.80
CO CON D . -3.95 -7.04 14.56
N1 CON D . -2.43 -7.64 15.91
N2 CON D . -5.28 -8.41 15.44
N3 CON D . -4.57 -5.57 15.95
N4 CON D . -3.33 -8.51 13.18
HN11 CON D . -2.46 -7.10 16.69
HN12 CON D . -1.57 -7.52 15.48
HN13 CON D . -2.54 -8.56 16.14
HN21 CON D . -6.18 -8.12 15.30
HN22 CON D . -5.17 -9.28 15.03
HN23 CON D . -5.09 -8.48 16.37
HN31 CON D . -5.23 -5.00 15.54
HN32 CON D . -3.82 -5.05 16.22
HN33 CON D . -4.96 -5.99 16.72
HN41 CON D . -3.90 -9.27 13.26
HN42 CON D . -3.39 -8.15 12.30
HN43 CON D . -2.42 -8.76 13.37
N MET A 1 -2.91 4.50 20.88
CA MET A 1 -2.45 5.54 21.84
C MET A 1 -0.93 5.63 21.79
N LYS A 2 -0.38 5.90 20.64
CA LYS A 2 1.11 6.00 20.52
C LYS A 2 1.48 6.22 19.06
N LYS A 3 2.65 5.82 18.66
CA LYS A 3 3.05 5.97 17.25
C LYS A 3 2.90 4.61 16.55
N LEU A 4 2.65 4.61 15.26
CA LEU A 4 2.52 3.33 14.53
C LEU A 4 2.99 3.54 13.09
N GLN A 5 3.17 2.49 12.36
CA GLN A 5 3.59 2.61 10.95
C GLN A 5 2.87 1.54 10.13
N ILE A 6 2.98 1.60 8.84
CA ILE A 6 2.28 0.58 8.03
C ILE A 6 3.19 0.12 6.90
N ALA A 7 3.58 -1.13 6.91
CA ALA A 7 4.45 -1.65 5.82
C ALA A 7 3.55 -2.06 4.66
N VAL A 8 2.88 -1.12 4.06
CA VAL A 8 1.97 -1.46 2.94
C VAL A 8 2.77 -1.66 1.66
N GLY A 9 3.19 -0.60 1.04
CA GLY A 9 3.92 -0.78 -0.23
C GLY A 9 2.94 -1.34 -1.25
N ILE A 10 2.25 -0.46 -1.92
CA ILE A 10 1.25 -0.93 -2.92
C ILE A 10 1.93 -1.95 -3.80
N ILE A 11 1.23 -2.56 -4.70
CA ILE A 11 1.89 -3.56 -5.54
C ILE A 11 1.39 -3.53 -6.97
N ARG A 12 1.84 -2.56 -7.75
CA ARG A 12 1.42 -2.52 -9.18
C ARG A 12 2.25 -3.56 -9.89
N ASN A 13 1.88 -4.08 -11.03
CA ASN A 13 2.76 -5.13 -11.59
C ASN A 13 2.60 -5.39 -13.10
N GLU A 14 1.51 -5.13 -13.75
CA GLU A 14 1.49 -5.47 -15.22
C GLU A 14 1.90 -4.22 -16.00
N ASN A 15 1.64 -3.11 -15.44
CA ASN A 15 2.02 -1.80 -16.03
C ASN A 15 1.93 -0.86 -14.86
N ASN A 16 0.84 -0.99 -14.19
CA ASN A 16 0.56 -0.25 -12.97
C ASN A 16 -0.60 -1.00 -12.32
N GLU A 17 -0.59 -2.32 -12.38
CA GLU A 17 -1.75 -3.06 -11.78
C GLU A 17 -1.53 -3.25 -10.29
N ILE A 18 -1.95 -2.28 -9.52
CA ILE A 18 -1.77 -2.34 -8.05
C ILE A 18 -2.85 -3.20 -7.39
N PHE A 19 -2.49 -3.85 -6.32
CA PHE A 19 -3.47 -4.68 -5.55
C PHE A 19 -4.23 -3.74 -4.61
N ILE A 20 -4.67 -2.60 -5.11
CA ILE A 20 -5.38 -1.61 -4.27
C ILE A 20 -6.83 -2.00 -4.10
N THR A 21 -7.41 -1.60 -3.01
CA THR A 21 -8.84 -1.90 -2.78
C THR A 21 -9.66 -1.04 -3.73
N ARG A 22 -9.90 -1.53 -4.91
CA ARG A 22 -10.65 -0.72 -5.91
C ARG A 22 -12.15 -0.91 -5.73
N ARG A 23 -12.78 -0.02 -4.99
CA ARG A 23 -14.26 -0.09 -4.74
C ARG A 23 -14.78 -1.49 -5.06
N ALA A 24 -14.53 -2.45 -4.20
CA ALA A 24 -14.98 -3.85 -4.46
C ALA A 24 -16.38 -3.85 -5.10
N ALA A 25 -17.34 -3.22 -4.46
CA ALA A 25 -18.71 -3.18 -5.05
C ALA A 25 -18.75 -2.11 -6.14
N ASP A 26 -19.87 -1.47 -6.32
CA ASP A 26 -19.97 -0.42 -7.36
C ASP A 26 -19.34 0.87 -6.83
N ALA A 27 -19.87 1.41 -5.76
CA ALA A 27 -19.31 2.66 -5.17
C ALA A 27 -19.82 3.90 -5.92
N HIS A 28 -20.15 3.77 -7.18
CA HIS A 28 -20.62 4.96 -7.94
C HIS A 28 -19.62 6.08 -7.69
N MET A 29 -18.41 5.73 -7.36
CA MET A 29 -17.36 6.74 -7.10
C MET A 29 -16.03 6.20 -7.60
N ALA A 30 -14.94 6.77 -7.19
CA ALA A 30 -13.62 6.25 -7.67
C ALA A 30 -12.49 6.79 -6.79
N ASN A 31 -12.78 7.18 -5.59
CA ASN A 31 -11.71 7.68 -4.68
C ASN A 31 -11.36 6.56 -3.70
N LYS A 32 -11.76 5.36 -4.01
CA LYS A 32 -11.48 4.21 -3.11
C LYS A 32 -10.07 3.67 -3.33
N LEU A 33 -9.07 4.50 -3.31
CA LEU A 33 -7.68 4.00 -3.51
C LEU A 33 -6.91 4.09 -2.19
N GLU A 34 -7.01 3.10 -1.35
CA GLU A 34 -6.30 3.15 -0.03
C GLU A 34 -4.90 2.52 -0.17
N PHE A 35 -4.50 1.70 0.78
CA PHE A 35 -3.14 1.06 0.68
C PHE A 35 -3.17 -0.30 1.38
N PRO A 36 -2.89 -1.34 0.63
CA PRO A 36 -2.86 -2.73 1.16
C PRO A 36 -1.64 -2.94 2.08
N GLY A 37 -1.78 -2.77 3.37
CA GLY A 37 -0.60 -2.99 4.25
C GLY A 37 -0.91 -3.96 5.37
N GLY A 38 -0.50 -3.65 6.58
CA GLY A 38 -0.76 -4.57 7.72
C GLY A 38 0.07 -4.15 8.94
N LYS A 39 0.25 -2.86 9.13
CA LYS A 39 1.01 -2.36 10.32
C LYS A 39 2.43 -2.94 10.39
N ILE A 40 3.44 -2.13 10.16
CA ILE A 40 4.84 -2.66 10.26
C ILE A 40 5.26 -2.65 11.73
N GLU A 41 5.99 -3.64 12.16
CA GLU A 41 6.42 -3.67 13.58
C GLU A 41 7.42 -4.81 13.81
N MET A 42 7.31 -5.88 13.08
CA MET A 42 8.25 -7.01 13.28
C MET A 42 9.70 -6.53 13.15
N GLY A 43 10.60 -7.14 13.85
CA GLY A 43 12.03 -6.73 13.77
C GLY A 43 12.15 -5.23 14.02
N GLU A 44 12.79 -4.52 13.14
CA GLU A 44 12.95 -3.05 13.31
C GLU A 44 13.38 -2.42 11.99
N THR A 45 13.20 -3.11 10.89
CA THR A 45 13.60 -2.54 9.58
C THR A 45 12.45 -2.77 8.61
N PRO A 46 12.13 -1.78 7.81
CA PRO A 46 11.03 -1.88 6.84
C PRO A 46 11.16 -3.19 6.04
N GLU A 47 12.31 -3.81 6.06
CA GLU A 47 12.46 -5.09 5.33
C GLU A 47 11.76 -6.19 6.14
N GLN A 48 12.43 -6.79 7.09
CA GLN A 48 11.77 -7.85 7.89
C GLN A 48 10.38 -7.41 8.29
N ALA A 49 10.20 -6.15 8.55
CA ALA A 49 8.86 -5.66 8.95
C ALA A 49 7.87 -5.87 7.81
N VAL A 50 8.07 -5.23 6.70
CA VAL A 50 7.11 -5.39 5.57
C VAL A 50 7.16 -6.82 5.02
N VAL A 51 8.32 -7.29 4.70
CA VAL A 51 8.48 -8.66 4.14
C VAL A 51 7.78 -9.70 5.05
N ARG A 52 7.97 -9.59 6.34
CA ARG A 52 7.34 -10.56 7.27
C ARG A 52 5.85 -10.24 7.38
N GLU A 53 5.51 -8.98 7.39
CA GLU A 53 4.06 -8.59 7.44
C GLU A 53 3.44 -8.97 6.10
N LEU A 54 4.29 -9.26 5.15
CA LEU A 54 3.82 -9.64 3.79
C LEU A 54 3.39 -11.11 3.82
N GLN A 55 4.33 -11.97 4.07
CA GLN A 55 4.02 -13.43 4.12
C GLN A 55 2.94 -13.71 5.17
N GLU A 56 3.12 -13.25 6.38
CA GLU A 56 2.10 -13.51 7.44
C GLU A 56 0.70 -13.20 6.89
N GLU A 57 0.62 -12.38 5.87
CA GLU A 57 -0.72 -12.05 5.31
C GLU A 57 -1.18 -13.18 4.39
N VAL A 58 -0.97 -13.05 3.12
CA VAL A 58 -1.39 -14.10 2.16
C VAL A 58 -0.34 -15.22 2.18
N GLY A 59 0.77 -15.05 1.49
CA GLY A 59 1.81 -16.11 1.51
C GLY A 59 2.33 -16.41 0.09
N ILE A 60 2.65 -15.41 -0.69
CA ILE A 60 3.19 -15.69 -2.05
C ILE A 60 4.72 -15.85 -1.94
N THR A 61 5.50 -15.15 -2.73
CA THR A 61 6.98 -15.35 -2.59
C THR A 61 7.78 -14.15 -3.16
N PRO A 62 7.74 -13.98 -4.46
CA PRO A 62 8.50 -12.91 -5.14
C PRO A 62 8.18 -11.53 -4.56
N GLN A 63 7.10 -10.97 -4.98
CA GLN A 63 6.69 -9.62 -4.51
C GLN A 63 7.93 -8.73 -4.41
N HIS A 64 8.59 -8.51 -5.51
CA HIS A 64 9.78 -7.61 -5.50
C HIS A 64 9.34 -6.31 -4.86
N PHE A 65 9.68 -6.09 -3.63
CA PHE A 65 9.24 -4.85 -2.95
C PHE A 65 10.30 -3.76 -3.03
N SER A 66 9.86 -2.54 -3.17
CA SER A 66 10.79 -1.37 -3.23
C SER A 66 10.10 -0.22 -2.50
N LEU A 67 10.86 0.60 -1.82
CA LEU A 67 10.23 1.73 -1.06
C LEU A 67 9.62 2.75 -2.02
N PHE A 68 10.43 3.40 -2.81
CA PHE A 68 9.93 4.43 -3.76
C PHE A 68 9.76 5.76 -3.01
N GLU A 69 9.04 5.76 -1.92
CA GLU A 69 8.84 7.01 -1.13
C GLU A 69 7.67 6.82 -0.16
N LYS A 70 7.89 7.11 1.08
CA LYS A 70 6.80 6.94 2.09
C LYS A 70 6.46 8.28 2.73
N LEU A 71 5.63 8.28 3.74
CA LEU A 71 5.28 9.58 4.40
C LEU A 71 5.17 9.39 5.92
N GLU A 72 4.71 10.39 6.60
CA GLU A 72 4.54 10.31 8.08
C GLU A 72 3.55 11.39 8.52
N TYR A 73 2.30 11.04 8.63
CA TYR A 73 1.28 12.04 9.03
C TYR A 73 1.17 12.04 10.55
N GLU A 74 0.81 13.15 11.13
CA GLU A 74 0.69 13.19 12.61
C GLU A 74 -0.73 13.53 13.02
N PHE A 75 -1.24 12.86 14.01
CA PHE A 75 -2.64 13.13 14.48
C PHE A 75 -2.55 13.87 15.83
N PRO A 76 -3.67 14.32 16.33
CA PRO A 76 -3.72 15.04 17.61
C PRO A 76 -2.89 14.30 18.67
N ASP A 77 -2.96 13.00 18.68
CA ASP A 77 -2.16 12.22 19.66
C ASP A 77 -1.97 10.82 19.11
N ARG A 78 -1.72 10.75 17.84
CA ARG A 78 -1.52 9.44 17.19
C ARG A 78 -0.52 9.59 16.05
N HIS A 79 0.71 9.20 16.26
CA HIS A 79 1.73 9.32 15.18
C HIS A 79 1.51 8.18 14.19
N ILE A 80 1.58 8.44 12.91
CA ILE A 80 1.35 7.34 11.92
C ILE A 80 2.45 7.35 10.85
N THR A 81 2.69 6.20 10.28
CA THR A 81 3.69 6.09 9.19
C THR A 81 3.15 5.10 8.17
N LEU A 82 3.50 5.25 6.92
CA LEU A 82 2.96 4.31 5.91
C LEU A 82 4.06 3.93 4.92
N TRP A 83 4.94 3.05 5.30
CA TRP A 83 6.03 2.64 4.37
C TRP A 83 5.41 2.25 3.03
N PHE A 84 5.68 3.00 1.99
CA PHE A 84 5.09 2.69 0.66
C PHE A 84 6.03 1.78 -0.13
N TRP A 85 6.18 0.55 0.27
CA TRP A 85 7.09 -0.37 -0.49
C TRP A 85 6.39 -0.83 -1.78
N LEU A 86 6.51 -0.08 -2.86
CA LEU A 86 5.84 -0.52 -4.12
C LEU A 86 6.51 -1.78 -4.67
N VAL A 87 5.74 -2.79 -4.98
CA VAL A 87 6.33 -4.05 -5.52
C VAL A 87 5.82 -4.27 -6.95
N GLU A 88 6.55 -4.97 -7.78
CA GLU A 88 6.07 -5.15 -9.18
C GLU A 88 6.37 -6.55 -9.76
N ARG A 89 6.32 -7.61 -8.99
CA ARG A 89 6.60 -8.95 -9.61
C ARG A 89 6.07 -10.10 -8.73
N TRP A 90 4.91 -9.95 -8.15
CA TRP A 90 4.37 -11.08 -7.32
C TRP A 90 4.05 -12.27 -8.23
N GLU A 91 4.01 -13.46 -7.68
CA GLU A 91 3.74 -14.66 -8.52
C GLU A 91 2.24 -14.76 -8.83
N GLY A 92 1.62 -15.88 -8.54
CA GLY A 92 0.16 -16.03 -8.85
C GLY A 92 -0.65 -14.87 -8.25
N GLU A 93 -0.53 -14.65 -6.98
CA GLU A 93 -1.32 -13.54 -6.34
C GLU A 93 -0.40 -12.72 -5.44
N PRO A 94 -0.87 -11.57 -5.03
CA PRO A 94 -0.10 -10.66 -4.14
C PRO A 94 -0.14 -11.18 -2.70
N TRP A 95 0.27 -10.37 -1.76
CA TRP A 95 0.25 -10.81 -0.34
C TRP A 95 0.58 -9.63 0.58
N GLY A 96 0.27 -8.43 0.17
CA GLY A 96 0.59 -7.26 1.03
C GLY A 96 -0.69 -6.55 1.47
N LYS A 97 -1.83 -7.06 1.12
CA LYS A 97 -3.09 -6.39 1.54
C LYS A 97 -3.36 -6.70 3.01
N GLU A 98 -3.76 -5.71 3.77
CA GLU A 98 -4.04 -5.98 5.20
C GLU A 98 -5.39 -6.70 5.27
N GLY A 99 -6.39 -6.13 5.90
CA GLY A 99 -7.71 -6.80 5.94
C GLY A 99 -8.54 -6.24 4.78
N GLN A 100 -7.86 -5.72 3.78
CA GLN A 100 -8.56 -5.14 2.61
C GLN A 100 -8.68 -6.18 1.49
N PRO A 101 -9.53 -5.89 0.53
CA PRO A 101 -9.76 -6.79 -0.61
C PRO A 101 -8.50 -6.85 -1.47
N GLY A 102 -7.88 -5.74 -1.70
CA GLY A 102 -6.64 -5.73 -2.55
C GLY A 102 -6.99 -6.32 -3.92
N GLU A 103 -7.01 -5.52 -4.94
CA GLU A 103 -7.35 -6.08 -6.29
C GLU A 103 -6.51 -5.41 -7.37
N TRP A 104 -5.97 -6.20 -8.27
CA TRP A 104 -5.15 -5.61 -9.37
C TRP A 104 -5.95 -4.48 -10.00
N MET A 105 -5.38 -3.32 -10.10
CA MET A 105 -6.11 -2.18 -10.70
C MET A 105 -5.34 -1.73 -11.94
N SER A 106 -5.92 -1.83 -13.10
CA SER A 106 -5.19 -1.42 -14.34
C SER A 106 -5.24 0.11 -14.49
N LEU A 107 -4.98 0.83 -13.44
CA LEU A 107 -4.98 2.30 -13.52
C LEU A 107 -3.62 2.76 -14.08
N VAL A 108 -3.56 3.93 -14.64
CA VAL A 108 -2.27 4.41 -15.20
C VAL A 108 -1.79 5.62 -14.41
N GLY A 109 -0.52 5.65 -14.05
CA GLY A 109 0.02 6.79 -13.26
C GLY A 109 -1.02 7.22 -12.24
N LEU A 110 -1.10 6.51 -11.14
CA LEU A 110 -2.10 6.83 -10.10
C LEU A 110 -2.19 8.34 -9.90
N ASN A 111 -3.21 8.78 -9.23
CA ASN A 111 -3.39 10.23 -8.97
C ASN A 111 -4.34 10.40 -7.79
N ALA A 112 -4.20 11.47 -7.05
CA ALA A 112 -5.10 11.68 -5.88
C ALA A 112 -6.55 11.65 -6.37
N ASP A 113 -6.75 11.89 -7.64
CA ASP A 113 -8.13 11.87 -8.21
C ASP A 113 -8.87 10.66 -7.64
N ASP A 114 -8.18 9.57 -7.47
CA ASP A 114 -8.83 8.34 -6.92
C ASP A 114 -8.22 8.01 -5.55
N PHE A 115 -7.17 8.70 -5.18
CA PHE A 115 -6.51 8.44 -3.86
C PHE A 115 -6.96 9.49 -2.83
N PRO A 116 -7.50 9.04 -1.73
CA PRO A 116 -7.98 9.95 -0.65
C PRO A 116 -6.87 10.92 -0.21
N PRO A 117 -7.27 12.10 0.19
CA PRO A 117 -6.35 13.13 0.65
C PRO A 117 -5.58 12.67 1.90
N ALA A 118 -6.15 11.77 2.67
CA ALA A 118 -5.44 11.30 3.90
C ALA A 118 -3.97 11.06 3.58
N ASN A 119 -3.68 10.36 2.52
CA ASN A 119 -2.27 10.10 2.16
C ASN A 119 -1.85 11.08 1.05
N GLU A 120 -2.01 12.35 1.31
CA GLU A 120 -1.64 13.38 0.30
C GLU A 120 -0.12 13.45 0.04
N PRO A 121 0.66 13.39 1.09
CA PRO A 121 2.13 13.49 0.97
C PRO A 121 2.70 12.44 0.00
N VAL A 122 2.10 11.30 -0.09
CA VAL A 122 2.63 10.26 -1.02
C VAL A 122 1.78 10.24 -2.30
N ILE A 123 0.50 10.40 -2.18
CA ILE A 123 -0.37 10.39 -3.39
C ILE A 123 0.14 11.44 -4.34
N ALA A 124 0.64 12.53 -3.82
CA ALA A 124 1.18 13.62 -4.69
C ALA A 124 2.18 13.03 -5.67
N LYS A 125 2.95 12.10 -5.21
CA LYS A 125 3.98 11.46 -6.06
C LYS A 125 3.38 10.40 -6.97
N LEU A 126 2.41 9.64 -6.52
CA LEU A 126 1.80 8.62 -7.41
C LEU A 126 1.24 9.36 -8.62
N LYS A 127 0.66 10.50 -8.37
CA LYS A 127 0.09 11.33 -9.46
C LYS A 127 1.04 11.29 -10.65
N ARG A 128 2.30 11.28 -10.38
CA ARG A 128 3.31 11.24 -11.46
C ARG A 128 3.61 9.79 -11.84
N LEU A 129 3.87 8.96 -10.87
CA LEU A 129 4.18 7.51 -11.13
C LEU A 129 4.91 7.36 -12.47
MG MG B . -0.32 -7.24 8.71
PG APC C . -5.84 -4.50 10.07
O1G APC C . -6.67 -4.24 11.42
O2G APC C . -6.47 -5.56 9.25
O3G APC C . -5.70 -3.15 9.21
PB APC C . -3.37 -4.52 11.66
O1B APC C . -4.18 -4.76 13.03
O2B APC C . -2.17 -5.39 11.63
O3B APC C . -4.31 -4.90 10.41
PA APC C . -2.68 -2.59 12.92
O1A APC C . -1.56 -3.37 13.48
O2A APC C . -3.95 -2.54 13.67
C3A APC C . -2.97 -3.10 11.56
O5' APC C . -2.16 -1.07 12.79
C5' APC C . -2.12 -0.22 13.94
C4' APC C . -3.09 0.94 13.82
O4' APC C . -2.48 2.06 13.16
C3' APC C . -4.32 0.56 13.01
O3' APC C . -5.40 0.19 13.85
C2' APC C . -4.65 1.79 12.20
O2' APC C . -5.88 2.37 12.62
C1' APC C . -3.49 2.77 12.40
N9 APC C . -3.00 3.23 11.10
C8 APC C . -2.38 2.54 10.12
N7 APC C . -2.14 3.15 9.02
C5 APC C . -2.68 4.41 9.27
C6 APC C . -2.79 5.58 8.51
N6 APC C . -2.34 5.67 7.25
N1 APC C . -3.38 6.64 9.08
C2 APC C . -3.85 6.57 10.33
N3 APC C . -3.80 5.52 11.14
C4 APC C . -3.20 4.47 10.55
HOG3 APC C . -5.00 -2.62 9.62
H3A1 APC C . -2.08 -3.02 10.94
H3A2 APC C . -3.78 -2.52 11.12
H5'1 APC C . -1.12 0.17 14.06
H5'2 APC C . -2.38 -0.81 14.83
H4' APC C . -3.41 1.25 14.82
H3' APC C . -4.05 -0.25 12.33
HO3' APC C . -5.44 0.72 14.66
H2' APC C . -4.71 1.52 11.14
HO2' APC C . -6.24 2.83 11.85
H1' APC C . -3.83 3.62 12.98
H8 APC C . -2.05 1.50 10.29
HN61 APC C . -1.91 4.87 6.81
HN62 APC C . -2.44 6.54 6.75
H2 APC C . -4.30 7.47 10.72
CO CON D . -6.27 -4.87 13.40
N1 CON D . -5.88 -5.48 15.38
N2 CON D . -8.34 -5.01 13.75
N3 CON D . -6.28 -2.85 14.01
N4 CON D . -6.24 -6.89 12.78
HN11 CON D . -5.95 -4.72 15.97
HN12 CON D . -4.99 -5.85 15.44
HN13 CON D . -6.51 -6.15 15.64
HN21 CON D . -8.54 -4.66 14.62
HN22 CON D . -8.81 -4.51 13.10
HN23 CON D . -8.61 -5.92 13.72
HN31 CON D . -5.99 -2.29 13.29
HN32 CON D . -5.69 -2.73 14.76
HN33 CON D . -7.17 -2.59 14.27
HN41 CON D . -6.55 -7.45 13.49
HN42 CON D . -6.82 -7.00 12.02
HN43 CON D . -5.35 -7.14 12.53
N MET A 1 -1.03 9.39 22.01
CA MET A 1 -1.55 8.04 22.39
C MET A 1 -0.47 6.98 22.12
N LYS A 2 0.09 6.99 20.94
CA LYS A 2 1.14 5.98 20.62
C LYS A 2 1.60 6.19 19.17
N LYS A 3 2.33 5.24 18.62
CA LYS A 3 2.80 5.38 17.23
C LYS A 3 2.72 4.03 16.52
N LEU A 4 2.31 4.02 15.28
CA LEU A 4 2.23 2.73 14.53
C LEU A 4 2.55 2.98 13.06
N GLN A 5 3.42 2.19 12.51
CA GLN A 5 3.77 2.37 11.09
C GLN A 5 2.95 1.38 10.27
N ILE A 6 2.85 1.60 9.01
CA ILE A 6 2.06 0.68 8.17
C ILE A 6 2.93 0.21 7.02
N ALA A 7 3.27 -1.05 7.00
CA ALA A 7 4.13 -1.57 5.91
C ALA A 7 3.25 -1.92 4.73
N VAL A 8 2.63 -0.94 4.13
CA VAL A 8 1.73 -1.21 2.99
C VAL A 8 2.54 -1.43 1.73
N GLY A 9 3.16 -0.42 1.19
CA GLY A 9 3.91 -0.65 -0.05
C GLY A 9 2.94 -1.20 -1.06
N ILE A 10 2.22 -0.34 -1.71
CA ILE A 10 1.23 -0.81 -2.70
C ILE A 10 1.92 -1.83 -3.60
N ILE A 11 1.20 -2.52 -4.39
CA ILE A 11 1.84 -3.53 -5.24
C ILE A 11 1.32 -3.40 -6.68
N ARG A 12 2.04 -2.68 -7.50
CA ARG A 12 1.61 -2.49 -8.91
C ARG A 12 1.94 -3.77 -9.66
N ASN A 13 1.66 -3.86 -10.93
CA ASN A 13 1.95 -5.17 -11.58
C ASN A 13 2.10 -5.12 -13.12
N GLU A 14 1.13 -4.72 -13.88
CA GLU A 14 1.30 -4.80 -15.37
C GLU A 14 1.84 -3.49 -15.94
N ASN A 15 1.59 -2.43 -15.27
CA ASN A 15 2.07 -1.10 -15.71
C ASN A 15 1.97 -0.25 -14.47
N ASN A 16 0.85 -0.39 -13.85
CA ASN A 16 0.57 0.30 -12.58
C ASN A 16 -0.57 -0.49 -11.96
N GLU A 17 -0.56 -1.81 -12.12
CA GLU A 17 -1.68 -2.58 -11.53
C GLU A 17 -1.45 -2.74 -10.05
N ILE A 18 -1.86 -1.77 -9.29
CA ILE A 18 -1.68 -1.86 -7.83
C ILE A 18 -2.75 -2.76 -7.25
N PHE A 19 -2.41 -3.54 -6.27
CA PHE A 19 -3.42 -4.42 -5.62
C PHE A 19 -4.20 -3.59 -4.60
N ILE A 20 -4.61 -2.41 -5.01
CA ILE A 20 -5.34 -1.49 -4.12
C ILE A 20 -6.79 -1.90 -4.00
N THR A 21 -7.40 -1.56 -2.91
CA THR A 21 -8.84 -1.89 -2.75
C THR A 21 -9.62 -1.07 -3.75
N ARG A 22 -9.84 -1.60 -4.93
CA ARG A 22 -10.57 -0.83 -5.96
C ARG A 22 -12.07 -1.05 -5.83
N ARG A 23 -12.70 -0.34 -4.93
CA ARG A 23 -14.18 -0.47 -4.73
C ARG A 23 -14.61 -1.91 -5.01
N ALA A 24 -14.30 -2.82 -4.13
CA ALA A 24 -14.71 -4.24 -4.36
C ALA A 24 -16.14 -4.28 -4.89
N ALA A 25 -17.05 -3.65 -4.19
CA ALA A 25 -18.47 -3.65 -4.66
C ALA A 25 -18.63 -2.59 -5.76
N ASP A 26 -19.84 -2.32 -6.17
CA ASP A 26 -20.05 -1.30 -7.23
C ASP A 26 -19.99 0.10 -6.62
N ALA A 27 -18.81 0.60 -6.40
CA ALA A 27 -18.69 1.96 -5.80
C ALA A 27 -19.33 3.00 -6.72
N HIS A 28 -19.30 2.77 -8.00
CA HIS A 28 -19.90 3.77 -8.93
C HIS A 28 -19.23 5.11 -8.65
N MET A 29 -18.07 5.09 -8.04
CA MET A 29 -17.34 6.35 -7.73
C MET A 29 -15.91 6.25 -8.28
N ALA A 30 -14.91 6.19 -7.44
CA ALA A 30 -13.50 6.09 -7.94
C ALA A 30 -12.50 6.52 -6.87
N ASN A 31 -12.94 7.16 -5.83
CA ASN A 31 -11.99 7.61 -4.76
C ASN A 31 -11.70 6.43 -3.82
N LYS A 32 -12.06 5.25 -4.20
CA LYS A 32 -11.83 4.05 -3.34
C LYS A 32 -10.39 3.54 -3.52
N LEU A 33 -9.40 4.37 -3.33
CA LEU A 33 -8.00 3.89 -3.50
C LEU A 33 -7.23 4.08 -2.19
N GLU A 34 -7.35 3.15 -1.28
CA GLU A 34 -6.63 3.26 0.01
C GLU A 34 -5.25 2.59 -0.12
N PHE A 35 -4.75 1.99 0.93
CA PHE A 35 -3.40 1.34 0.84
C PHE A 35 -3.41 0.01 1.63
N PRO A 36 -3.03 -1.05 0.96
CA PRO A 36 -2.96 -2.39 1.58
C PRO A 36 -1.75 -2.48 2.53
N GLY A 37 -1.94 -2.34 3.82
CA GLY A 37 -0.77 -2.43 4.75
C GLY A 37 -1.11 -3.28 5.98
N GLY A 38 -0.21 -4.14 6.35
CA GLY A 38 -0.45 -5.01 7.53
C GLY A 38 0.45 -4.57 8.70
N LYS A 39 0.67 -3.29 8.85
CA LYS A 39 1.50 -2.78 9.99
C LYS A 39 2.91 -3.35 9.96
N ILE A 40 3.91 -2.52 9.85
CA ILE A 40 5.31 -3.03 9.90
C ILE A 40 5.71 -3.19 11.36
N GLU A 41 6.35 -4.27 11.71
CA GLU A 41 6.75 -4.46 13.13
C GLU A 41 7.66 -5.69 13.27
N MET A 42 7.45 -6.68 12.45
CA MET A 42 8.30 -7.91 12.54
C MET A 42 9.78 -7.50 12.44
N GLY A 43 10.64 -8.16 13.18
CA GLY A 43 12.08 -7.81 13.13
C GLY A 43 12.26 -6.37 13.62
N GLU A 44 12.72 -5.53 12.74
CA GLU A 44 12.93 -4.09 13.12
C GLU A 44 13.21 -3.25 11.86
N THR A 45 13.54 -3.86 10.76
CA THR A 45 13.83 -3.11 9.52
C THR A 45 12.62 -3.23 8.58
N PRO A 46 12.29 -2.16 7.91
CA PRO A 46 11.13 -2.16 6.97
C PRO A 46 11.19 -3.39 6.04
N GLU A 47 12.32 -4.03 5.93
CA GLU A 47 12.38 -5.23 5.06
C GLU A 47 11.75 -6.41 5.81
N GLN A 48 12.48 -7.06 6.68
CA GLN A 48 11.89 -8.20 7.42
C GLN A 48 10.52 -7.80 7.99
N ALA A 49 10.31 -6.55 8.23
CA ALA A 49 9.00 -6.12 8.81
C ALA A 49 7.92 -6.20 7.73
N VAL A 50 8.06 -5.49 6.66
CA VAL A 50 7.02 -5.52 5.59
C VAL A 50 7.04 -6.88 4.89
N VAL A 51 8.20 -7.32 4.50
CA VAL A 51 8.35 -8.63 3.81
C VAL A 51 7.77 -9.76 4.67
N ARG A 52 8.02 -9.75 5.95
CA ARG A 52 7.47 -10.84 6.82
C ARG A 52 5.97 -10.56 7.02
N GLU A 53 5.61 -9.31 7.10
CA GLU A 53 4.17 -8.97 7.23
C GLU A 53 3.50 -9.33 5.91
N LEU A 54 4.30 -9.53 4.89
CA LEU A 54 3.78 -9.89 3.56
C LEU A 54 3.42 -11.38 3.55
N GLN A 55 4.40 -12.23 3.73
CA GLN A 55 4.13 -13.69 3.74
C GLN A 55 3.08 -14.03 4.82
N GLU A 56 3.32 -13.62 6.03
CA GLU A 56 2.36 -13.92 7.13
C GLU A 56 0.94 -13.54 6.72
N GLU A 57 0.79 -12.66 5.77
CA GLU A 57 -0.57 -12.25 5.34
C GLU A 57 -1.17 -13.31 4.41
N VAL A 58 -0.96 -13.15 3.13
CA VAL A 58 -1.52 -14.11 2.15
C VAL A 58 -0.64 -15.37 2.07
N GLY A 59 0.47 -15.32 1.37
CA GLY A 59 1.34 -16.53 1.32
C GLY A 59 2.08 -16.67 -0.02
N ILE A 60 2.25 -15.61 -0.78
CA ILE A 60 2.99 -15.76 -2.07
C ILE A 60 4.50 -15.75 -1.76
N THR A 61 5.30 -15.06 -2.53
CA THR A 61 6.76 -15.05 -2.22
C THR A 61 7.41 -13.81 -2.87
N PRO A 62 7.49 -13.78 -4.18
CA PRO A 62 8.10 -12.65 -4.89
C PRO A 62 7.31 -11.36 -4.63
N GLN A 63 7.68 -10.31 -5.31
CA GLN A 63 7.02 -8.99 -5.19
C GLN A 63 8.13 -7.93 -5.36
N HIS A 64 9.34 -8.31 -5.09
CA HIS A 64 10.47 -7.35 -5.23
C HIS A 64 10.05 -6.00 -4.67
N PHE A 65 9.52 -6.01 -3.48
CA PHE A 65 9.06 -4.74 -2.84
C PHE A 65 10.10 -3.63 -3.06
N SER A 66 9.68 -2.40 -2.90
CA SER A 66 10.60 -1.25 -3.06
C SER A 66 10.02 -0.07 -2.29
N LEU A 67 10.83 0.66 -1.58
CA LEU A 67 10.29 1.79 -0.79
C LEU A 67 9.62 2.81 -1.72
N PHE A 68 10.39 3.52 -2.47
CA PHE A 68 9.86 4.56 -3.41
C PHE A 68 9.67 5.87 -2.62
N GLU A 69 8.91 5.82 -1.55
CA GLU A 69 8.70 7.05 -0.71
C GLU A 69 7.53 6.83 0.22
N LYS A 70 7.76 6.98 1.50
CA LYS A 70 6.68 6.79 2.49
C LYS A 70 6.30 8.15 3.10
N LEU A 71 5.23 8.20 3.86
CA LEU A 71 4.84 9.48 4.49
C LEU A 71 4.76 9.33 6.00
N GLU A 72 4.62 10.42 6.70
CA GLU A 72 4.50 10.37 8.18
C GLU A 72 3.58 11.51 8.61
N TYR A 73 2.29 11.27 8.60
CA TYR A 73 1.35 12.33 8.99
C TYR A 73 1.25 12.39 10.50
N GLU A 74 1.52 13.53 11.07
CA GLU A 74 1.45 13.63 12.55
C GLU A 74 0.05 14.07 12.95
N PHE A 75 -0.71 13.18 13.53
CA PHE A 75 -2.09 13.53 13.94
C PHE A 75 -2.04 14.33 15.24
N PRO A 76 -3.18 14.87 15.62
CA PRO A 76 -3.29 15.66 16.86
C PRO A 76 -2.67 14.89 18.03
N ASP A 77 -2.88 13.61 18.04
CA ASP A 77 -2.31 12.75 19.12
C ASP A 77 -2.18 11.34 18.58
N ARG A 78 -1.69 11.23 17.38
CA ARG A 78 -1.54 9.89 16.76
C ARG A 78 -0.33 9.90 15.82
N HIS A 79 0.80 9.44 16.29
CA HIS A 79 2.01 9.42 15.43
C HIS A 79 1.92 8.21 14.49
N ILE A 80 1.43 8.40 13.30
CA ILE A 80 1.30 7.26 12.35
C ILE A 80 2.42 7.28 11.31
N THR A 81 2.59 6.19 10.63
CA THR A 81 3.62 6.09 9.57
C THR A 81 3.11 5.13 8.50
N LEU A 82 3.49 5.28 7.27
CA LEU A 82 2.98 4.34 6.23
C LEU A 82 4.07 4.02 5.21
N TRP A 83 4.98 3.13 5.54
CA TRP A 83 6.05 2.78 4.56
C TRP A 83 5.41 2.36 3.24
N PHE A 84 5.56 3.15 2.21
CA PHE A 84 4.96 2.80 0.89
C PHE A 84 5.92 1.90 0.11
N TRP A 85 6.10 0.68 0.52
CA TRP A 85 7.02 -0.21 -0.24
C TRP A 85 6.35 -0.67 -1.53
N LEU A 86 6.45 0.09 -2.59
CA LEU A 86 5.81 -0.33 -3.86
C LEU A 86 6.51 -1.57 -4.41
N VAL A 87 5.76 -2.57 -4.76
CA VAL A 87 6.37 -3.81 -5.33
C VAL A 87 5.97 -3.89 -6.81
N GLU A 88 6.40 -4.90 -7.54
CA GLU A 88 6.02 -4.97 -8.97
C GLU A 88 6.18 -6.37 -9.57
N ARG A 89 6.27 -7.41 -8.78
CA ARG A 89 6.40 -8.77 -9.40
C ARG A 89 6.02 -9.86 -8.40
N TRP A 90 4.89 -9.76 -7.78
CA TRP A 90 4.48 -10.83 -6.83
C TRP A 90 4.21 -12.12 -7.59
N GLU A 91 4.14 -13.23 -6.91
CA GLU A 91 3.87 -14.51 -7.62
C GLU A 91 2.35 -14.72 -7.71
N GLY A 92 1.89 -15.23 -8.83
CA GLY A 92 0.43 -15.50 -9.02
C GLY A 92 -0.43 -14.43 -8.34
N GLU A 93 -0.69 -14.59 -7.07
CA GLU A 93 -1.54 -13.60 -6.35
C GLU A 93 -0.65 -12.68 -5.52
N PRO A 94 -1.19 -11.53 -5.18
CA PRO A 94 -0.47 -10.54 -4.37
C PRO A 94 -0.43 -10.99 -2.91
N TRP A 95 -0.21 -10.07 -2.01
CA TRP A 95 -0.18 -10.43 -0.57
C TRP A 95 0.22 -9.21 0.28
N GLY A 96 -0.04 -8.02 -0.18
CA GLY A 96 0.34 -6.82 0.63
C GLY A 96 -0.91 -6.25 1.30
N LYS A 97 -2.05 -6.77 0.99
CA LYS A 97 -3.30 -6.24 1.59
C LYS A 97 -3.51 -6.84 2.99
N GLU A 98 -3.75 -5.99 3.96
CA GLU A 98 -3.99 -6.48 5.33
C GLU A 98 -5.46 -6.90 5.42
N GLY A 99 -6.31 -6.03 5.90
CA GLY A 99 -7.76 -6.35 5.97
C GLY A 99 -8.39 -5.91 4.66
N GLN A 100 -7.72 -5.03 3.96
CA GLN A 100 -8.23 -4.53 2.65
C GLN A 100 -8.35 -5.70 1.67
N PRO A 101 -9.30 -5.60 0.77
CA PRO A 101 -9.51 -6.65 -0.24
C PRO A 101 -8.32 -6.66 -1.19
N GLY A 102 -7.80 -5.50 -1.50
CA GLY A 102 -6.64 -5.42 -2.42
C GLY A 102 -7.03 -6.03 -3.77
N GLU A 103 -6.90 -5.27 -4.82
CA GLU A 103 -7.27 -5.82 -6.16
C GLU A 103 -6.45 -5.13 -7.26
N TRP A 104 -5.77 -5.89 -8.08
CA TRP A 104 -4.95 -5.25 -9.15
C TRP A 104 -5.79 -4.17 -9.80
N MET A 105 -5.23 -3.01 -9.99
CA MET A 105 -6.02 -1.92 -10.61
C MET A 105 -5.28 -1.40 -11.84
N SER A 106 -5.88 -1.47 -12.99
CA SER A 106 -5.20 -0.95 -14.20
C SER A 106 -5.42 0.56 -14.25
N LEU A 107 -5.19 1.23 -13.15
CA LEU A 107 -5.37 2.70 -13.10
C LEU A 107 -4.46 3.36 -14.12
N VAL A 108 -3.22 2.98 -14.14
CA VAL A 108 -2.23 3.58 -15.09
C VAL A 108 -1.72 4.89 -14.49
N GLY A 109 -0.46 4.93 -14.13
CA GLY A 109 0.10 6.18 -13.53
C GLY A 109 -0.92 6.77 -12.57
N LEU A 110 -0.97 6.28 -11.35
CA LEU A 110 -1.95 6.81 -10.37
C LEU A 110 -2.04 8.33 -10.47
N ASN A 111 -3.05 8.93 -9.92
CA ASN A 111 -3.19 10.41 -10.04
C ASN A 111 -3.65 11.06 -8.73
N ALA A 112 -4.00 10.27 -7.74
CA ALA A 112 -4.50 10.85 -6.46
C ALA A 112 -5.99 11.19 -6.60
N ASP A 113 -6.42 11.43 -7.82
CA ASP A 113 -7.86 11.75 -8.06
C ASP A 113 -8.69 10.56 -7.56
N ASP A 114 -8.08 9.41 -7.52
CA ASP A 114 -8.80 8.21 -7.06
C ASP A 114 -8.38 7.87 -5.63
N PHE A 115 -7.33 8.48 -5.14
CA PHE A 115 -6.87 8.21 -3.75
C PHE A 115 -7.43 9.26 -2.79
N PRO A 116 -7.77 8.83 -1.61
CA PRO A 116 -8.30 9.74 -0.58
C PRO A 116 -7.26 10.82 -0.25
N PRO A 117 -7.69 12.06 -0.20
CA PRO A 117 -6.80 13.20 0.09
C PRO A 117 -6.09 13.01 1.44
N ALA A 118 -6.58 12.13 2.26
CA ALA A 118 -5.91 11.92 3.59
C ALA A 118 -4.42 11.70 3.37
N ASN A 119 -4.08 10.71 2.60
CA ASN A 119 -2.64 10.42 2.32
C ASN A 119 -2.17 11.28 1.14
N GLU A 120 -2.46 12.55 1.20
CA GLU A 120 -2.08 13.48 0.10
C GLU A 120 -0.56 13.48 -0.15
N PRO A 121 0.23 13.50 0.89
CA PRO A 121 1.70 13.55 0.77
C PRO A 121 2.26 12.43 -0.12
N VAL A 122 2.01 11.20 0.20
CA VAL A 122 2.56 10.09 -0.64
C VAL A 122 1.71 9.93 -1.90
N ILE A 123 0.44 10.18 -1.82
CA ILE A 123 -0.40 10.06 -3.04
C ILE A 123 0.08 11.11 -4.03
N ALA A 124 0.70 12.14 -3.52
CA ALA A 124 1.24 13.23 -4.38
C ALA A 124 2.29 12.64 -5.32
N LYS A 125 2.93 11.60 -4.88
CA LYS A 125 3.99 10.95 -5.70
C LYS A 125 3.37 10.03 -6.76
N LEU A 126 2.34 9.30 -6.44
CA LEU A 126 1.73 8.42 -7.47
C LEU A 126 1.12 9.32 -8.54
N LYS A 127 0.84 10.53 -8.19
CA LYS A 127 0.27 11.47 -9.18
C LYS A 127 1.27 11.57 -10.32
N ARG A 128 2.51 11.47 -9.97
CA ARG A 128 3.61 11.54 -10.96
C ARG A 128 3.85 10.13 -11.52
N LEU A 129 3.44 9.13 -10.79
CA LEU A 129 3.64 7.73 -11.25
C LEU A 129 3.34 7.63 -12.75
MG MG B . 0.03 -7.73 8.90
PG APC C . -5.13 -5.27 11.68
O1G APC C . -5.47 -5.11 13.24
O2G APC C . -5.36 -6.66 11.22
O3G APC C . -5.98 -4.25 10.78
PB APC C . -2.59 -3.81 12.07
O1B APC C . -3.03 -3.56 13.60
O2B APC C . -1.23 -4.38 12.04
O3B APC C . -3.59 -4.87 11.37
PA APC C . -3.73 -1.68 11.84
O1A APC C . -4.82 -2.57 12.32
O2A APC C . -4.04 -0.68 10.80
C3A APC C . -2.63 -2.52 11.34
O5' APC C . -3.19 -0.88 13.14
C5' APC C . -2.45 0.33 13.00
C4' APC C . -3.27 1.53 13.46
O4' APC C . -2.68 2.77 13.05
C3' APC C . -4.65 1.46 12.86
O3' APC C . -5.64 1.15 13.85
C2' APC C . -4.90 2.78 12.19
O2' APC C . -6.03 3.44 12.76
C1' APC C . -3.64 3.60 12.38
N9 APC C . -3.14 4.00 11.06
C8 APC C . -2.61 3.23 10.10
N7 APC C . -2.36 3.80 8.96
C5 APC C . -2.78 5.11 9.21
C6 APC C . -2.79 6.27 8.42
N6 APC C . -2.39 6.30 7.14
N1 APC C . -3.28 7.40 8.98
C2 APC C . -3.70 7.39 10.24
N3 APC C . -3.74 6.35 11.07
C4 APC C . -3.25 5.24 10.48
HOG3 APC C . -5.61 -3.37 10.90
H3A1 APC C . -1.69 -1.99 11.48
H3A2 APC C . -2.78 -2.70 10.28
H5'1 APC C . -2.19 0.47 11.95
H5'2 APC C . -1.54 0.28 13.59
H4' APC C . -3.35 1.50 14.55
H3' APC C . -4.65 0.69 12.09
HO3' APC C . -5.55 1.71 14.63
H2' APC C . -5.07 2.62 11.13
HO2' APC C . -6.42 3.95 12.04
H1' APC C . -3.85 4.48 12.97
H8 APC C . -2.37 2.18 10.29
HN61 APC C . -2.05 5.46 6.70
HN62 APC C . -2.43 7.16 6.62
H2 APC C . -4.07 8.33 10.63
CO CON D . -4.19 -4.77 14.87
N1 CON D . -2.86 -4.41 16.47
N2 CON D . -5.36 -6.00 16.11
N3 CON D . -5.35 -3.09 15.43
N4 CON D . -3.04 -6.45 14.31
HN11 CON D . -3.29 -4.62 17.30
HN12 CON D . -2.62 -3.48 16.48
HN13 CON D . -2.08 -4.94 16.37
HN21 CON D . -5.84 -6.63 15.58
HN22 CON D . -4.78 -6.47 16.72
HN23 CON D . -5.98 -5.46 16.61
HN31 CON D . -4.80 -2.32 15.46
HN32 CON D . -5.73 -3.25 16.30
HN33 CON D . -6.05 -2.96 14.79
HN41 CON D . -3.50 -7.24 14.56
HN42 CON D . -2.91 -6.44 13.36
HN43 CON D . -2.19 -6.41 14.75
N MET A 1 -0.74 9.83 21.52
CA MET A 1 0.66 9.59 21.98
C MET A 1 1.17 8.29 21.35
N LYS A 2 0.40 7.24 21.43
CA LYS A 2 0.83 5.94 20.85
C LYS A 2 1.36 6.17 19.42
N LYS A 3 1.86 5.15 18.79
CA LYS A 3 2.39 5.33 17.40
C LYS A 3 2.41 3.98 16.69
N LEU A 4 2.24 3.99 15.39
CA LEU A 4 2.28 2.71 14.62
C LEU A 4 2.61 2.99 13.16
N GLN A 5 3.35 2.11 12.55
CA GLN A 5 3.69 2.32 11.12
C GLN A 5 2.92 1.29 10.31
N ILE A 6 2.86 1.46 9.03
CA ILE A 6 2.10 0.50 8.21
C ILE A 6 2.96 0.01 7.06
N ALA A 7 3.29 -1.25 7.05
CA ALA A 7 4.14 -1.80 5.97
C ALA A 7 3.24 -2.18 4.80
N VAL A 8 2.57 -1.22 4.22
CA VAL A 8 1.66 -1.53 3.09
C VAL A 8 2.47 -1.71 1.80
N GLY A 9 3.01 -0.67 1.26
CA GLY A 9 3.78 -0.83 0.00
C GLY A 9 2.82 -1.42 -1.03
N ILE A 10 2.08 -0.56 -1.68
CA ILE A 10 1.12 -1.06 -2.69
C ILE A 10 1.86 -2.02 -3.60
N ILE A 11 1.17 -2.77 -4.38
CA ILE A 11 1.88 -3.73 -5.25
C ILE A 11 1.37 -3.59 -6.69
N ARG A 12 1.84 -2.59 -7.39
CA ARG A 12 1.41 -2.41 -8.81
C ARG A 12 2.28 -3.31 -9.68
N ASN A 13 1.77 -3.89 -10.74
CA ASN A 13 2.66 -4.77 -11.52
C ASN A 13 2.19 -5.05 -12.96
N GLU A 14 1.04 -4.65 -13.39
CA GLU A 14 0.68 -4.98 -14.82
C GLU A 14 1.09 -3.79 -15.68
N ASN A 15 1.00 -2.65 -15.09
CA ASN A 15 1.40 -1.36 -15.72
C ASN A 15 1.51 -0.44 -14.53
N ASN A 16 0.47 -0.52 -13.76
CA ASN A 16 0.36 0.20 -12.49
C ASN A 16 -0.76 -0.54 -11.77
N GLU A 17 -0.83 -1.85 -11.94
CA GLU A 17 -1.97 -2.59 -11.31
C GLU A 17 -1.64 -2.95 -9.88
N ILE A 18 -2.02 -2.11 -8.97
CA ILE A 18 -1.74 -2.37 -7.53
C ILE A 18 -2.84 -3.25 -6.95
N PHE A 19 -2.53 -3.93 -5.89
CA PHE A 19 -3.55 -4.78 -5.22
C PHE A 19 -4.38 -3.88 -4.29
N ILE A 20 -4.75 -2.71 -4.75
CA ILE A 20 -5.52 -1.78 -3.88
C ILE A 20 -7.00 -2.14 -3.87
N THR A 21 -7.67 -1.77 -2.83
CA THR A 21 -9.12 -2.05 -2.75
C THR A 21 -9.85 -1.12 -3.72
N ARG A 22 -10.01 -1.55 -4.94
CA ARG A 22 -10.67 -0.70 -5.95
C ARG A 22 -12.19 -0.95 -5.97
N ARG A 23 -12.89 -0.42 -5.00
CA ARG A 23 -14.37 -0.60 -4.95
C ARG A 23 -14.75 -1.98 -5.46
N ALA A 24 -14.57 -3.00 -4.66
CA ALA A 24 -14.90 -4.37 -5.11
C ALA A 24 -16.28 -4.37 -5.79
N ALA A 25 -17.28 -3.87 -5.14
CA ALA A 25 -18.64 -3.84 -5.74
C ALA A 25 -18.74 -2.67 -6.73
N ASP A 26 -19.92 -2.38 -7.20
CA ASP A 26 -20.08 -1.26 -8.16
C ASP A 26 -20.10 0.06 -7.38
N ALA A 27 -19.29 1.01 -7.77
CA ALA A 27 -19.26 2.30 -7.05
C ALA A 27 -19.52 3.46 -8.00
N HIS A 28 -18.88 3.44 -9.15
CA HIS A 28 -19.08 4.56 -10.11
C HIS A 28 -18.73 5.87 -9.41
N MET A 29 -17.97 5.78 -8.36
CA MET A 29 -17.59 7.01 -7.60
C MET A 29 -16.08 7.21 -7.69
N ALA A 30 -15.33 6.15 -7.58
CA ALA A 30 -13.85 6.28 -7.65
C ALA A 30 -13.34 6.83 -6.33
N ASN A 31 -12.06 7.07 -6.22
CA ASN A 31 -11.49 7.60 -4.95
C ASN A 31 -11.37 6.46 -3.93
N LYS A 32 -11.87 5.30 -4.26
CA LYS A 32 -11.80 4.15 -3.33
C LYS A 32 -10.43 3.48 -3.45
N LEU A 33 -9.36 4.24 -3.41
CA LEU A 33 -8.01 3.61 -3.52
C LEU A 33 -7.22 3.89 -2.24
N GLU A 34 -7.46 3.13 -1.21
CA GLU A 34 -6.74 3.36 0.07
C GLU A 34 -5.36 2.68 -0.02
N PHE A 35 -4.95 1.95 0.99
CA PHE A 35 -3.61 1.29 0.91
C PHE A 35 -3.62 -0.01 1.71
N PRO A 36 -3.25 -1.09 1.05
CA PRO A 36 -3.18 -2.41 1.69
C PRO A 36 -2.20 -2.36 2.88
N GLY A 37 -2.69 -2.13 4.06
CA GLY A 37 -1.80 -2.03 5.26
C GLY A 37 -0.93 -3.28 5.42
N GLY A 38 -0.62 -3.61 6.64
CA GLY A 38 0.24 -4.79 6.94
C GLY A 38 0.85 -4.57 8.33
N LYS A 39 1.08 -3.33 8.67
CA LYS A 39 1.65 -2.98 10.00
C LYS A 39 3.08 -3.47 10.13
N ILE A 40 4.04 -2.61 9.95
CA ILE A 40 5.47 -3.03 10.09
C ILE A 40 5.82 -3.07 11.57
N GLU A 41 6.47 -4.10 11.99
CA GLU A 41 6.85 -4.19 13.43
C GLU A 41 7.79 -5.38 13.64
N MET A 42 7.62 -6.43 12.88
CA MET A 42 8.50 -7.62 13.04
C MET A 42 9.97 -7.19 12.93
N GLY A 43 10.88 -8.00 13.38
CA GLY A 43 12.32 -7.62 13.31
C GLY A 43 12.47 -6.16 13.74
N GLU A 44 13.07 -5.35 12.92
CA GLU A 44 13.24 -3.92 13.27
C GLU A 44 13.61 -3.15 12.00
N THR A 45 13.28 -3.68 10.87
CA THR A 45 13.62 -2.99 9.60
C THR A 45 12.42 -3.09 8.66
N PRO A 46 12.12 -2.04 7.94
CA PRO A 46 10.98 -2.04 7.00
C PRO A 46 11.06 -3.25 6.07
N GLU A 47 12.21 -3.87 5.97
CA GLU A 47 12.32 -5.07 5.11
C GLU A 47 11.71 -6.26 5.86
N GLN A 48 12.47 -6.92 6.70
CA GLN A 48 11.90 -8.08 7.44
C GLN A 48 10.51 -7.73 7.96
N ALA A 49 10.31 -6.50 8.30
CA ALA A 49 8.98 -6.08 8.83
C ALA A 49 7.92 -6.21 7.74
N VAL A 50 8.05 -5.48 6.68
CA VAL A 50 7.02 -5.55 5.59
C VAL A 50 7.09 -6.92 4.89
N VAL A 51 8.25 -7.32 4.50
CA VAL A 51 8.43 -8.62 3.79
C VAL A 51 7.84 -9.77 4.64
N ARG A 52 8.12 -9.78 5.92
CA ARG A 52 7.56 -10.86 6.79
C ARG A 52 6.07 -10.60 6.94
N GLU A 53 5.69 -9.35 7.03
CA GLU A 53 4.24 -9.00 7.11
C GLU A 53 3.60 -9.32 5.78
N LEU A 54 4.42 -9.53 4.78
CA LEU A 54 3.93 -9.84 3.43
C LEU A 54 3.55 -11.33 3.37
N GLN A 55 4.50 -12.19 3.62
CA GLN A 55 4.22 -13.65 3.59
C GLN A 55 3.19 -14.00 4.67
N GLU A 56 3.44 -13.64 5.89
CA GLU A 56 2.48 -13.97 6.99
C GLU A 56 1.05 -13.61 6.56
N GLU A 57 0.92 -12.72 5.61
CA GLU A 57 -0.45 -12.33 5.16
C GLU A 57 -1.01 -13.39 4.21
N VAL A 58 -0.81 -13.21 2.94
CA VAL A 58 -1.35 -14.19 1.96
C VAL A 58 -0.41 -15.41 1.87
N GLY A 59 0.70 -15.31 1.18
CA GLY A 59 1.61 -16.49 1.13
C GLY A 59 2.37 -16.60 -0.20
N ILE A 60 2.47 -15.54 -0.98
CA ILE A 60 3.25 -15.67 -2.26
C ILE A 60 4.73 -15.56 -1.91
N THR A 61 5.58 -15.18 -2.82
CA THR A 61 7.03 -15.09 -2.46
C THR A 61 7.65 -13.80 -3.06
N PRO A 62 7.85 -13.76 -4.36
CA PRO A 62 8.46 -12.57 -4.98
C PRO A 62 7.58 -11.34 -4.77
N GLN A 63 7.92 -10.29 -5.46
CA GLN A 63 7.18 -9.00 -5.37
C GLN A 63 8.22 -7.88 -5.50
N HIS A 64 9.45 -8.18 -5.18
CA HIS A 64 10.53 -7.17 -5.27
C HIS A 64 10.04 -5.84 -4.67
N PHE A 65 9.56 -5.88 -3.47
CA PHE A 65 9.06 -4.63 -2.83
C PHE A 65 10.07 -3.50 -3.04
N SER A 66 9.59 -2.29 -2.97
CA SER A 66 10.48 -1.12 -3.18
C SER A 66 9.93 0.04 -2.35
N LEU A 67 10.76 0.81 -1.73
CA LEU A 67 10.23 1.93 -0.90
C LEU A 67 9.48 2.93 -1.80
N PHE A 68 10.19 3.62 -2.64
CA PHE A 68 9.57 4.63 -3.56
C PHE A 68 9.43 5.95 -2.79
N GLU A 69 8.85 5.90 -1.62
CA GLU A 69 8.67 7.13 -0.81
C GLU A 69 7.61 6.84 0.24
N LYS A 70 7.37 7.74 1.14
CA LYS A 70 6.36 7.45 2.18
C LYS A 70 5.90 8.75 2.83
N LEU A 71 5.11 8.66 3.86
CA LEU A 71 4.64 9.89 4.54
C LEU A 71 4.65 9.68 6.05
N GLU A 72 4.23 10.67 6.77
CA GLU A 72 4.15 10.56 8.24
C GLU A 72 3.18 11.63 8.72
N TYR A 73 1.92 11.29 8.79
CA TYR A 73 0.91 12.29 9.23
C TYR A 73 1.00 12.39 10.75
N GLU A 74 1.57 13.45 11.24
CA GLU A 74 1.72 13.59 12.70
C GLU A 74 0.58 14.43 13.27
N PHE A 75 -0.19 13.85 14.14
CA PHE A 75 -1.31 14.59 14.76
C PHE A 75 -0.92 14.92 16.20
N PRO A 76 -1.74 15.68 16.88
CA PRO A 76 -1.46 16.05 18.27
C PRO A 76 -1.10 14.80 19.07
N ASP A 77 -2.00 13.86 19.14
CA ASP A 77 -1.71 12.60 19.88
C ASP A 77 -1.93 11.41 18.94
N ARG A 78 -1.34 11.47 17.78
CA ARG A 78 -1.53 10.36 16.79
C ARG A 78 -0.29 10.23 15.90
N HIS A 79 0.69 9.47 16.33
CA HIS A 79 1.93 9.31 15.51
C HIS A 79 1.74 8.12 14.57
N ILE A 80 1.41 8.36 13.33
CA ILE A 80 1.22 7.23 12.38
C ILE A 80 2.30 7.27 11.29
N THR A 81 2.46 6.19 10.60
CA THR A 81 3.46 6.11 9.49
C THR A 81 2.97 5.09 8.47
N LEU A 82 3.23 5.29 7.22
CA LEU A 82 2.74 4.30 6.22
C LEU A 82 3.85 3.96 5.21
N TRP A 83 4.81 3.19 5.62
CA TRP A 83 5.89 2.81 4.65
C TRP A 83 5.24 2.38 3.34
N PHE A 84 5.49 3.08 2.26
CA PHE A 84 4.87 2.68 0.96
C PHE A 84 5.84 1.79 0.19
N TRP A 85 5.95 0.54 0.55
CA TRP A 85 6.88 -0.35 -0.19
C TRP A 85 6.23 -0.76 -1.52
N LEU A 86 6.33 0.05 -2.54
CA LEU A 86 5.72 -0.34 -3.83
C LEU A 86 6.48 -1.51 -4.43
N VAL A 87 5.78 -2.56 -4.78
CA VAL A 87 6.46 -3.75 -5.38
C VAL A 87 6.04 -3.85 -6.85
N GLU A 88 6.58 -4.79 -7.60
CA GLU A 88 6.17 -4.86 -9.04
C GLU A 88 6.40 -6.26 -9.64
N ARG A 89 6.55 -7.30 -8.85
CA ARG A 89 6.74 -8.65 -9.48
C ARG A 89 6.41 -9.77 -8.47
N TRP A 90 5.18 -9.86 -8.06
CA TRP A 90 4.80 -10.94 -7.11
C TRP A 90 4.58 -12.24 -7.90
N GLU A 91 4.54 -13.36 -7.23
CA GLU A 91 4.28 -14.64 -7.97
C GLU A 91 2.78 -14.88 -8.06
N GLY A 92 2.32 -15.41 -9.17
CA GLY A 92 0.87 -15.71 -9.35
C GLY A 92 -0.03 -14.62 -8.72
N GLU A 93 -0.28 -14.70 -7.44
CA GLU A 93 -1.18 -13.71 -6.77
C GLU A 93 -0.37 -12.73 -5.91
N PRO A 94 -1.02 -11.63 -5.53
CA PRO A 94 -0.40 -10.60 -4.68
C PRO A 94 -0.35 -11.08 -3.23
N TRP A 95 -0.20 -10.17 -2.28
CA TRP A 95 -0.17 -10.59 -0.86
C TRP A 95 0.10 -9.38 0.05
N GLY A 96 -0.67 -8.33 -0.05
CA GLY A 96 -0.39 -7.17 0.84
C GLY A 96 -1.67 -6.53 1.38
N LYS A 97 -2.82 -7.04 1.04
CA LYS A 97 -4.08 -6.42 1.55
C LYS A 97 -4.33 -6.82 3.01
N GLU A 98 -4.13 -5.90 3.92
CA GLU A 98 -4.38 -6.22 5.35
C GLU A 98 -5.85 -6.60 5.50
N GLY A 99 -6.70 -5.65 5.78
CA GLY A 99 -8.14 -5.92 5.89
C GLY A 99 -8.78 -5.36 4.62
N GLN A 100 -7.98 -5.21 3.60
CA GLN A 100 -8.46 -4.65 2.30
C GLN A 100 -8.71 -5.81 1.33
N PRO A 101 -9.73 -5.67 0.52
CA PRO A 101 -10.06 -6.70 -0.48
C PRO A 101 -8.84 -6.88 -1.38
N GLY A 102 -8.09 -5.82 -1.55
CA GLY A 102 -6.87 -5.89 -2.40
C GLY A 102 -7.24 -6.45 -3.78
N GLU A 103 -7.17 -5.64 -4.79
CA GLU A 103 -7.52 -6.15 -6.15
C GLU A 103 -6.70 -5.45 -7.22
N TRP A 104 -6.14 -6.20 -8.15
CA TRP A 104 -5.33 -5.56 -9.23
C TRP A 104 -6.11 -4.35 -9.77
N MET A 105 -5.54 -3.19 -9.75
CA MET A 105 -6.27 -1.99 -10.25
C MET A 105 -5.56 -1.43 -11.49
N SER A 106 -6.16 -1.55 -12.65
CA SER A 106 -5.50 -1.04 -13.89
C SER A 106 -5.68 0.49 -14.00
N LEU A 107 -5.13 1.22 -13.07
CA LEU A 107 -5.25 2.71 -13.13
C LEU A 107 -4.18 3.29 -14.06
N VAL A 108 -3.00 2.74 -14.00
CA VAL A 108 -1.88 3.25 -14.87
C VAL A 108 -1.46 4.63 -14.36
N GLY A 109 -0.22 4.76 -13.94
CA GLY A 109 0.26 6.07 -13.42
C GLY A 109 -0.83 6.66 -12.52
N LEU A 110 -0.86 6.26 -11.28
CA LEU A 110 -1.90 6.78 -10.35
C LEU A 110 -2.04 8.30 -10.50
N ASN A 111 -3.00 8.89 -9.83
CA ASN A 111 -3.19 10.37 -9.96
C ASN A 111 -3.82 10.99 -8.72
N ALA A 112 -4.12 10.21 -7.71
CA ALA A 112 -4.77 10.77 -6.49
C ALA A 112 -6.28 10.92 -6.76
N ASP A 113 -6.64 11.21 -7.98
CA ASP A 113 -8.08 11.34 -8.32
C ASP A 113 -8.82 10.12 -7.79
N ASP A 114 -8.12 9.04 -7.66
CA ASP A 114 -8.75 7.79 -7.16
C ASP A 114 -8.27 7.49 -5.74
N PHE A 115 -7.18 8.09 -5.32
CA PHE A 115 -6.67 7.84 -3.94
C PHE A 115 -7.26 8.87 -2.98
N PRO A 116 -7.52 8.42 -1.77
CA PRO A 116 -8.07 9.30 -0.71
C PRO A 116 -7.05 10.39 -0.35
N PRO A 117 -7.51 11.61 -0.25
CA PRO A 117 -6.65 12.76 0.09
C PRO A 117 -6.01 12.56 1.49
N ALA A 118 -6.64 11.79 2.33
CA ALA A 118 -6.06 11.56 3.69
C ALA A 118 -4.55 11.32 3.57
N ASN A 119 -4.16 10.49 2.64
CA ASN A 119 -2.71 10.22 2.45
C ASN A 119 -2.19 11.13 1.34
N GLU A 120 -2.45 12.40 1.46
CA GLU A 120 -2.02 13.38 0.43
C GLU A 120 -0.49 13.40 0.24
N PRO A 121 0.24 13.38 1.33
CA PRO A 121 1.72 13.45 1.28
C PRO A 121 2.34 12.36 0.40
N VAL A 122 1.74 11.20 0.32
CA VAL A 122 2.35 10.14 -0.53
C VAL A 122 1.60 10.04 -1.86
N ILE A 123 0.31 10.22 -1.85
CA ILE A 123 -0.46 10.13 -3.13
C ILE A 123 0.05 11.22 -4.05
N ALA A 124 0.53 12.29 -3.49
CA ALA A 124 1.08 13.39 -4.32
C ALA A 124 2.14 12.81 -5.23
N LYS A 125 2.85 11.84 -4.73
CA LYS A 125 3.93 11.20 -5.52
C LYS A 125 3.35 10.16 -6.50
N LEU A 126 2.39 9.37 -6.10
CA LEU A 126 1.82 8.39 -7.07
C LEU A 126 1.25 9.18 -8.24
N LYS A 127 0.95 10.42 -8.01
CA LYS A 127 0.42 11.28 -9.09
C LYS A 127 1.44 11.27 -10.22
N ARG A 128 2.69 11.36 -9.86
CA ARG A 128 3.77 11.34 -10.86
C ARG A 128 4.02 9.89 -11.29
N LEU A 129 3.57 8.96 -10.49
CA LEU A 129 3.76 7.52 -10.81
C LEU A 129 3.55 7.29 -12.31
MG MG B . 0.21 -7.84 8.74
PG APC C . -5.42 -5.72 10.68
O1G APC C . -5.57 -6.44 12.11
O2G APC C . -5.98 -6.57 9.60
O3G APC C . -6.17 -4.29 10.68
PB APC C . -2.72 -4.80 11.30
O1B APC C . -2.84 -5.43 12.77
O2B APC C . -1.41 -5.17 10.71
O3B APC C . -3.89 -5.36 10.35
PA APC C . -2.37 -2.87 12.72
O1A APC C . -1.19 -3.69 13.12
O2A APC C . -3.55 -2.86 13.62
C3A APC C . -2.81 -3.32 11.38
O5' APC C . -1.86 -1.35 12.60
C5' APC C . -1.92 -0.46 13.73
C4' APC C . -3.19 0.38 13.73
O4' APC C . -2.92 1.77 13.42
C3' APC C . -4.19 -0.11 12.69
O3' APC C . -5.20 -0.95 13.28
C2' APC C . -4.79 1.13 12.08
O2' APC C . -6.15 1.28 12.48
C1' APC C . -3.94 2.29 12.56
N9 APC C . -3.37 2.99 11.39
C8 APC C . -2.61 2.49 10.38
N7 APC C . -2.35 3.27 9.40
C5 APC C . -2.99 4.45 9.79
C6 APC C . -3.10 5.71 9.19
N6 APC C . -2.55 6.01 8.01
N1 APC C . -3.78 6.65 9.85
C2 APC C . -4.34 6.37 11.03
N3 APC C . -4.31 5.21 11.69
C4 APC C . -3.61 4.28 11.00
HOG3 APC C . -5.64 -3.70 11.22
H3A1 APC C . -2.18 -2.87 10.62
H3A2 APC C . -3.85 -3.01 11.23
H5'1 APC C . -1.06 0.18 13.71
H5'2 APC C . -1.90 -1.07 14.64
H4' APC C . -3.66 0.32 14.72
H3' APC C . -3.65 -0.67 11.92
HO3' APC C . -5.71 -0.48 13.95
H2' APC C . -4.73 1.06 10.99
HO2' APC C . -6.61 1.68 11.73
H1' APC C . -4.56 2.99 13.12
H8 APC C . -2.23 1.46 10.42
HN61 APC C . -2.03 5.31 7.50
HN62 APC C . -2.67 6.93 7.62
H2 APC C . -4.85 7.20 11.53
CO CON D . -4.07 -7.01 13.48
N1 CON D . -2.57 -7.58 14.86
N2 CON D . -5.30 -8.57 14.18
N3 CON D . -4.88 -5.71 14.93
N4 CON D . -3.24 -8.31 12.04
HN11 CON D . -2.93 -8.20 15.48
HN12 CON D . -2.25 -6.81 15.33
HN13 CON D . -1.84 -7.98 14.38
HN21 CON D . -5.34 -8.55 15.14
HN22 CON D . -6.18 -8.47 13.83
HN23 CON D . -4.94 -9.41 13.90
HN31 CON D . -5.83 -5.60 14.77
HN32 CON D . -4.46 -4.85 14.89
HN33 CON D . -4.76 -6.08 15.80
HN41 CON D . -3.93 -8.87 11.69
HN42 CON D . -2.86 -7.79 11.33
HN43 CON D . -2.55 -8.83 12.44
N MET A 1 0.81 10.26 22.10
CA MET A 1 0.33 8.93 22.60
C MET A 1 1.34 7.86 22.23
N LYS A 2 1.37 7.46 20.99
CA LYS A 2 2.34 6.41 20.56
C LYS A 2 2.60 6.54 19.06
N LYS A 3 3.32 5.62 18.49
CA LYS A 3 3.58 5.70 17.03
C LYS A 3 3.07 4.42 16.35
N LEU A 4 2.73 4.51 15.09
CA LEU A 4 2.23 3.30 14.37
C LEU A 4 2.66 3.42 12.90
N GLN A 5 3.39 2.46 12.41
CA GLN A 5 3.82 2.52 10.99
C GLN A 5 3.08 1.44 10.23
N ILE A 6 2.90 1.62 8.96
CA ILE A 6 2.18 0.60 8.17
C ILE A 6 3.06 0.11 7.04
N ALA A 7 3.36 -1.16 7.05
CA ALA A 7 4.23 -1.74 5.99
C ALA A 7 3.35 -2.11 4.79
N VAL A 8 2.69 -1.15 4.22
CA VAL A 8 1.81 -1.47 3.06
C VAL A 8 2.65 -1.63 1.80
N GLY A 9 3.17 -0.57 1.26
CA GLY A 9 3.93 -0.72 0.01
C GLY A 9 2.97 -1.31 -1.01
N ILE A 10 2.20 -0.46 -1.60
CA ILE A 10 1.19 -0.93 -2.59
C ILE A 10 1.88 -1.87 -3.54
N ILE A 11 1.16 -2.76 -4.13
CA ILE A 11 1.83 -3.70 -5.06
C ILE A 11 1.28 -3.48 -6.46
N ARG A 12 2.03 -2.81 -7.29
CA ARG A 12 1.56 -2.54 -8.69
C ARG A 12 1.73 -3.83 -9.48
N ASN A 13 1.52 -3.84 -10.77
CA ASN A 13 1.64 -5.14 -11.47
C ASN A 13 1.97 -5.02 -12.97
N GLU A 14 1.12 -4.51 -13.81
CA GLU A 14 1.46 -4.53 -15.27
C GLU A 14 2.20 -3.26 -15.69
N ASN A 15 1.86 -2.19 -15.09
CA ASN A 15 2.52 -0.90 -15.39
C ASN A 15 2.20 -0.01 -14.21
N ASN A 16 0.98 -0.11 -13.80
CA ASN A 16 0.51 0.64 -12.63
C ASN A 16 -0.68 -0.13 -12.10
N GLU A 17 -0.67 -1.46 -12.22
CA GLU A 17 -1.85 -2.21 -11.71
C GLU A 17 -1.58 -2.58 -10.25
N ILE A 18 -2.29 -1.96 -9.36
CA ILE A 18 -2.03 -2.23 -7.92
C ILE A 18 -3.10 -3.15 -7.32
N PHE A 19 -2.71 -3.94 -6.37
CA PHE A 19 -3.70 -4.84 -5.69
C PHE A 19 -4.44 -4.02 -4.63
N ILE A 20 -4.75 -2.78 -4.92
CA ILE A 20 -5.45 -1.93 -3.92
C ILE A 20 -6.93 -2.26 -3.89
N THR A 21 -7.53 -2.04 -2.77
CA THR A 21 -8.98 -2.29 -2.62
C THR A 21 -9.73 -1.32 -3.54
N ARG A 22 -9.89 -1.66 -4.79
CA ARG A 22 -10.59 -0.75 -5.74
C ARG A 22 -12.09 -1.00 -5.68
N ARG A 23 -12.79 -0.25 -4.87
CA ARG A 23 -14.27 -0.41 -4.73
C ARG A 23 -14.68 -1.86 -5.02
N ALA A 24 -14.46 -2.75 -4.09
CA ALA A 24 -14.83 -4.18 -4.32
C ALA A 24 -16.21 -4.23 -5.00
N ALA A 25 -17.16 -3.50 -4.49
CA ALA A 25 -18.51 -3.49 -5.10
C ALA A 25 -18.51 -2.55 -6.31
N ASP A 26 -19.39 -2.76 -7.26
CA ASP A 26 -19.41 -1.86 -8.44
C ASP A 26 -19.66 -0.42 -8.00
N ALA A 27 -18.63 0.34 -7.78
CA ALA A 27 -18.82 1.75 -7.34
C ALA A 27 -18.71 2.68 -8.55
N HIS A 28 -19.80 3.08 -9.14
CA HIS A 28 -19.71 4.01 -10.29
C HIS A 28 -18.80 5.16 -9.86
N MET A 29 -18.72 5.40 -8.57
CA MET A 29 -17.85 6.48 -8.04
C MET A 29 -16.40 6.06 -8.16
N ALA A 30 -15.52 6.78 -7.51
CA ALA A 30 -14.08 6.43 -7.57
C ALA A 30 -13.41 6.96 -6.30
N ASN A 31 -12.12 7.15 -6.33
CA ASN A 31 -11.42 7.67 -5.12
C ASN A 31 -11.30 6.52 -4.10
N LYS A 32 -11.84 5.37 -4.42
CA LYS A 32 -11.78 4.21 -3.50
C LYS A 32 -10.43 3.49 -3.65
N LEU A 33 -9.35 4.18 -3.40
CA LEU A 33 -7.99 3.54 -3.52
C LEU A 33 -7.27 3.67 -2.16
N GLU A 34 -7.49 2.78 -1.25
CA GLU A 34 -6.82 2.91 0.08
C GLU A 34 -5.39 2.36 -0.03
N PHE A 35 -4.94 1.64 0.95
CA PHE A 35 -3.57 1.09 0.88
C PHE A 35 -3.47 -0.17 1.74
N PRO A 36 -3.06 -1.25 1.13
CA PRO A 36 -2.91 -2.54 1.82
C PRO A 36 -1.93 -2.38 2.99
N GLY A 37 -2.41 -2.00 4.14
CA GLY A 37 -1.52 -1.80 5.31
C GLY A 37 -0.72 -3.07 5.62
N GLY A 38 -0.55 -3.35 6.88
CA GLY A 38 0.23 -4.56 7.29
C GLY A 38 0.63 -4.40 8.76
N LYS A 39 1.31 -3.30 9.05
CA LYS A 39 1.77 -2.98 10.45
C LYS A 39 3.25 -3.36 10.62
N ILE A 40 4.14 -2.64 9.98
CA ILE A 40 5.58 -2.97 10.14
C ILE A 40 5.91 -2.99 11.63
N GLU A 41 6.43 -4.09 12.09
CA GLU A 41 6.78 -4.19 13.54
C GLU A 41 7.52 -5.51 13.82
N MET A 42 7.36 -6.51 12.98
CA MET A 42 8.03 -7.82 13.21
C MET A 42 9.46 -7.59 13.75
N GLY A 43 10.38 -7.31 12.89
CA GLY A 43 11.78 -7.07 13.37
C GLY A 43 11.96 -5.60 13.69
N GLU A 44 12.91 -4.97 13.07
CA GLU A 44 13.15 -3.53 13.33
C GLU A 44 13.52 -2.83 12.02
N THR A 45 13.38 -3.53 10.92
CA THR A 45 13.70 -2.92 9.60
C THR A 45 12.49 -3.08 8.69
N PRO A 46 12.22 -2.10 7.88
CA PRO A 46 11.08 -2.15 6.97
C PRO A 46 11.10 -3.43 6.14
N GLU A 47 12.22 -4.11 6.10
CA GLU A 47 12.29 -5.38 5.33
C GLU A 47 11.57 -6.47 6.13
N GLN A 48 12.22 -7.07 7.09
CA GLN A 48 11.52 -8.12 7.88
C GLN A 48 10.15 -7.63 8.30
N ALA A 49 10.04 -6.38 8.59
CA ALA A 49 8.72 -5.84 9.03
C ALA A 49 7.70 -5.99 7.91
N VAL A 50 7.90 -5.33 6.82
CA VAL A 50 6.92 -5.42 5.69
C VAL A 50 6.94 -6.81 5.05
N VAL A 51 8.10 -7.27 4.73
CA VAL A 51 8.25 -8.61 4.09
C VAL A 51 7.60 -9.70 4.97
N ARG A 52 7.71 -9.58 6.26
CA ARG A 52 7.10 -10.61 7.16
C ARG A 52 5.61 -10.32 7.25
N GLU A 53 5.25 -9.07 7.28
CA GLU A 53 3.80 -8.71 7.31
C GLU A 53 3.22 -9.06 5.94
N LEU A 54 4.09 -9.31 5.00
CA LEU A 54 3.65 -9.67 3.63
C LEU A 54 3.28 -11.15 3.61
N GLN A 55 4.25 -11.99 3.83
CA GLN A 55 3.99 -13.47 3.82
C GLN A 55 2.92 -13.83 4.86
N GLU A 56 3.05 -13.36 6.07
CA GLU A 56 2.04 -13.72 7.11
C GLU A 56 0.64 -13.52 6.54
N GLU A 57 0.47 -12.68 5.56
CA GLU A 57 -0.87 -12.47 4.98
C GLU A 57 -1.19 -13.60 4.01
N VAL A 58 -0.95 -13.41 2.73
CA VAL A 58 -1.23 -14.46 1.73
C VAL A 58 -0.11 -15.50 1.73
N GLY A 59 0.99 -15.21 1.10
CA GLY A 59 2.12 -16.20 1.08
C GLY A 59 2.81 -16.23 -0.29
N ILE A 60 2.97 -15.10 -0.94
CA ILE A 60 3.66 -15.11 -2.26
C ILE A 60 5.15 -14.82 -2.03
N THR A 61 5.85 -14.25 -2.98
CA THR A 61 7.31 -13.98 -2.73
C THR A 61 7.89 -12.93 -3.70
N PRO A 62 7.94 -13.26 -4.98
CA PRO A 62 8.52 -12.37 -6.02
C PRO A 62 7.96 -10.95 -6.01
N GLN A 63 7.02 -10.63 -5.16
CA GLN A 63 6.45 -9.24 -5.15
C GLN A 63 7.53 -8.21 -5.47
N HIS A 64 8.78 -8.47 -5.15
CA HIS A 64 9.84 -7.48 -5.46
C HIS A 64 9.45 -6.15 -4.83
N PHE A 65 9.56 -6.09 -3.54
CA PHE A 65 9.16 -4.85 -2.82
C PHE A 65 10.18 -3.73 -3.05
N SER A 66 9.69 -2.51 -3.09
CA SER A 66 10.58 -1.34 -3.30
C SER A 66 10.03 -0.18 -2.47
N LEU A 67 10.86 0.53 -1.77
CA LEU A 67 10.34 1.66 -0.93
C LEU A 67 9.66 2.69 -1.83
N PHE A 68 10.43 3.40 -2.60
CA PHE A 68 9.89 4.47 -3.49
C PHE A 68 9.74 5.75 -2.68
N GLU A 69 9.08 5.68 -1.57
CA GLU A 69 8.91 6.88 -0.72
C GLU A 69 7.95 6.56 0.42
N LYS A 70 7.72 7.48 1.30
CA LYS A 70 6.80 7.21 2.44
C LYS A 70 6.34 8.52 3.05
N LEU A 71 5.61 8.47 4.13
CA LEU A 71 5.15 9.74 4.77
C LEU A 71 5.02 9.54 6.27
N GLU A 72 4.71 10.58 6.98
CA GLU A 72 4.52 10.48 8.45
C GLU A 72 3.40 11.44 8.82
N TYR A 73 2.19 10.95 8.79
CA TYR A 73 1.03 11.82 9.12
C TYR A 73 0.93 11.96 10.63
N GLU A 74 0.97 13.15 11.13
CA GLU A 74 0.90 13.32 12.60
C GLU A 74 -0.53 13.70 12.99
N PHE A 75 -0.90 13.43 14.20
CA PHE A 75 -2.27 13.77 14.65
C PHE A 75 -2.18 14.47 16.02
N PRO A 76 -3.28 14.95 16.52
CA PRO A 76 -3.31 15.62 17.83
C PRO A 76 -2.56 14.78 18.86
N ASP A 77 -2.62 13.48 18.72
CA ASP A 77 -1.91 12.60 19.66
C ASP A 77 -1.84 11.22 19.03
N ARG A 78 -1.39 11.16 17.81
CA ARG A 78 -1.32 9.87 17.09
C ARG A 78 -0.24 9.94 16.01
N HIS A 79 0.95 9.50 16.30
CA HIS A 79 2.04 9.53 15.29
C HIS A 79 1.85 8.36 14.34
N ILE A 80 1.68 8.61 13.07
CA ILE A 80 1.47 7.49 12.12
C ILE A 80 2.59 7.45 11.07
N THR A 81 2.69 6.35 10.38
CA THR A 81 3.71 6.19 9.32
C THR A 81 3.18 5.17 8.31
N LEU A 82 3.64 5.21 7.10
CA LEU A 82 3.11 4.24 6.10
C LEU A 82 4.20 3.89 5.08
N TRP A 83 5.12 3.06 5.46
CA TRP A 83 6.19 2.68 4.48
C TRP A 83 5.53 2.27 3.16
N PHE A 84 5.65 3.09 2.14
CA PHE A 84 5.02 2.74 0.84
C PHE A 84 5.96 1.84 0.04
N TRP A 85 6.15 0.62 0.46
CA TRP A 85 7.05 -0.27 -0.31
C TRP A 85 6.34 -0.72 -1.60
N LEU A 86 6.45 0.04 -2.66
CA LEU A 86 5.77 -0.38 -3.91
C LEU A 86 6.48 -1.60 -4.49
N VAL A 87 5.74 -2.63 -4.75
CA VAL A 87 6.34 -3.85 -5.34
C VAL A 87 6.02 -3.85 -6.84
N GLU A 88 6.45 -4.83 -7.59
CA GLU A 88 6.14 -4.77 -9.06
C GLU A 88 6.08 -6.16 -9.72
N ARG A 89 6.24 -7.23 -9.00
CA ARG A 89 6.16 -8.57 -9.68
C ARG A 89 5.90 -9.69 -8.66
N TRP A 90 4.72 -9.74 -8.12
CA TRP A 90 4.41 -10.82 -7.13
C TRP A 90 4.11 -12.13 -7.86
N GLU A 91 4.11 -13.23 -7.15
CA GLU A 91 3.81 -14.54 -7.81
C GLU A 91 2.29 -14.77 -7.83
N GLY A 92 1.78 -15.26 -8.93
CA GLY A 92 0.30 -15.54 -9.03
C GLY A 92 -0.51 -14.44 -8.37
N GLU A 93 -0.78 -14.57 -7.09
CA GLU A 93 -1.59 -13.53 -6.38
C GLU A 93 -0.67 -12.65 -5.52
N PRO A 94 -1.19 -11.51 -5.14
CA PRO A 94 -0.43 -10.55 -4.31
C PRO A 94 -0.41 -11.02 -2.85
N TRP A 95 -0.25 -10.12 -1.92
CA TRP A 95 -0.24 -10.51 -0.49
C TRP A 95 -0.02 -9.27 0.40
N GLY A 96 -0.77 -8.23 0.18
CA GLY A 96 -0.61 -7.01 1.04
C GLY A 96 -1.96 -6.54 1.57
N LYS A 97 -3.03 -7.19 1.17
CA LYS A 97 -4.39 -6.76 1.64
C LYS A 97 -4.44 -6.78 3.17
N GLU A 98 -4.30 -5.63 3.79
CA GLU A 98 -4.37 -5.58 5.28
C GLU A 98 -5.85 -5.54 5.71
N GLY A 99 -6.49 -6.67 5.80
CA GLY A 99 -7.91 -6.67 6.19
C GLY A 99 -8.72 -6.02 5.08
N GLN A 100 -8.14 -5.89 3.91
CA GLN A 100 -8.85 -5.25 2.77
C GLN A 100 -8.93 -6.25 1.61
N PRO A 101 -9.78 -5.97 0.66
CA PRO A 101 -9.95 -6.85 -0.51
C PRO A 101 -8.67 -6.87 -1.34
N GLY A 102 -8.15 -5.71 -1.64
CA GLY A 102 -6.91 -5.65 -2.46
C GLY A 102 -7.18 -6.30 -3.82
N GLU A 103 -7.05 -5.55 -4.88
CA GLU A 103 -7.34 -6.15 -6.22
C GLU A 103 -6.52 -5.46 -7.31
N TRP A 104 -5.91 -6.21 -8.21
CA TRP A 104 -5.13 -5.54 -9.28
C TRP A 104 -6.03 -4.46 -9.89
N MET A 105 -5.54 -3.27 -9.96
CA MET A 105 -6.37 -2.17 -10.50
C MET A 105 -5.84 -1.80 -11.87
N SER A 106 -6.67 -1.65 -12.85
CA SER A 106 -6.14 -1.30 -14.19
C SER A 106 -5.94 0.20 -14.28
N LEU A 107 -5.45 0.81 -13.24
CA LEU A 107 -5.22 2.28 -13.27
C LEU A 107 -3.89 2.55 -13.95
N VAL A 108 -3.75 3.69 -14.58
CA VAL A 108 -2.48 4.02 -15.26
C VAL A 108 -1.88 5.28 -14.64
N GLY A 109 -0.61 5.26 -14.32
CA GLY A 109 0.02 6.48 -13.70
C GLY A 109 -0.97 7.09 -12.72
N LEU A 110 -1.05 6.55 -11.53
CA LEU A 110 -2.02 7.08 -10.55
C LEU A 110 -2.04 8.61 -10.58
N ASN A 111 -3.04 9.21 -10.02
CA ASN A 111 -3.13 10.70 -10.07
C ASN A 111 -3.60 11.27 -8.73
N ALA A 112 -3.85 10.43 -7.75
CA ALA A 112 -4.36 10.94 -6.44
C ALA A 112 -5.87 11.13 -6.54
N ASP A 113 -6.35 11.52 -7.70
CA ASP A 113 -7.80 11.72 -7.91
C ASP A 113 -8.54 10.48 -7.42
N ASP A 114 -7.91 9.35 -7.50
CA ASP A 114 -8.56 8.09 -7.06
C ASP A 114 -8.07 7.71 -5.66
N PHE A 115 -6.94 8.25 -5.27
CA PHE A 115 -6.40 7.93 -3.91
C PHE A 115 -7.03 8.90 -2.89
N PRO A 116 -7.33 8.39 -1.72
CA PRO A 116 -7.92 9.20 -0.64
C PRO A 116 -6.96 10.33 -0.23
N PRO A 117 -7.53 11.44 0.15
CA PRO A 117 -6.75 12.61 0.57
C PRO A 117 -5.97 12.31 1.86
N ALA A 118 -6.35 11.30 2.59
CA ALA A 118 -5.63 10.97 3.85
C ALA A 118 -4.15 10.74 3.57
N ASN A 119 -3.83 9.83 2.70
CA ASN A 119 -2.38 9.56 2.40
C ASN A 119 -1.93 10.43 1.21
N GLU A 120 -2.29 11.68 1.23
CA GLU A 120 -1.89 12.61 0.12
C GLU A 120 -0.36 12.74 0.00
N PRO A 121 0.31 12.93 1.11
CA PRO A 121 1.76 13.12 1.12
C PRO A 121 2.49 12.13 0.21
N VAL A 122 2.19 10.88 0.30
CA VAL A 122 2.87 9.91 -0.60
C VAL A 122 2.03 9.76 -1.86
N ILE A 123 0.76 10.01 -1.76
CA ILE A 123 -0.10 9.93 -2.97
C ILE A 123 0.28 11.09 -3.88
N ALA A 124 1.05 12.02 -3.35
CA ALA A 124 1.49 13.18 -4.17
C ALA A 124 2.50 12.66 -5.19
N LYS A 125 3.16 11.61 -4.82
CA LYS A 125 4.19 11.01 -5.70
C LYS A 125 3.53 10.13 -6.78
N LEU A 126 2.50 9.40 -6.44
CA LEU A 126 1.85 8.56 -7.49
C LEU A 126 1.21 9.49 -8.50
N LYS A 127 0.92 10.69 -8.09
CA LYS A 127 0.33 11.68 -9.03
C LYS A 127 1.27 11.81 -10.20
N ARG A 128 2.52 11.64 -9.93
CA ARG A 128 3.56 11.74 -10.99
C ARG A 128 3.76 10.37 -11.61
N LEU A 129 3.41 9.32 -10.90
CA LEU A 129 3.58 7.94 -11.43
C LEU A 129 3.19 7.92 -12.91
MG MG B . -0.50 -7.47 8.84
PG APC C . -5.18 -4.65 12.14
O1G APC C . -4.73 -5.68 13.30
O2G APC C . -6.29 -5.23 11.33
O3G APC C . -5.65 -3.25 12.78
PB APC C . -2.42 -3.96 11.52
O1B APC C . -1.85 -5.08 12.52
O2B APC C . -1.67 -4.00 10.24
O3B APC C . -3.96 -4.26 11.18
PA APC C . -2.30 -2.74 13.61
O1A APC C . -1.11 -3.55 14.01
O2A APC C . -3.62 -3.22 14.03
C3A APC C . -2.29 -2.62 12.14
O5' APC C . -2.09 -1.29 14.28
C5' APC C . -1.97 -0.10 13.48
C4' APC C . -3.22 0.76 13.58
O4' APC C . -2.94 2.14 13.32
C3' APC C . -4.27 0.31 12.57
O3' APC C . -5.31 -0.44 13.21
C2' APC C . -4.81 1.57 11.94
O2' APC C . -6.18 1.78 12.31
C1' APC C . -3.93 2.70 12.43
N9 APC C . -3.31 3.36 11.28
C8 APC C . -2.55 2.84 10.28
N7 APC C . -2.19 3.62 9.33
C5 APC C . -2.77 4.83 9.73
C6 APC C . -2.77 6.11 9.15
N6 APC C . -2.17 6.38 8.00
N1 APC C . -3.43 7.08 9.81
C2 APC C . -4.04 6.81 10.95
N3 APC C . -4.11 5.64 11.59
C4 APC C . -3.44 4.68 10.91
HOG3 APC C . -4.88 -2.69 12.83
H3A1 APC C . -1.35 -2.16 11.81
H3A2 APC C . -3.13 -1.99 11.83
H5'1 APC C . -1.79 -0.37 12.44
H5'2 APC C . -1.13 0.47 13.85
H4' APC C . -3.64 0.66 14.58
H3' APC C . -3.79 -0.30 11.81
HO3' APC C . -5.82 0.10 13.82
H2' APC C . -4.74 1.49 10.86
HO2' APC C . -6.60 2.20 11.56
H1' APC C . -4.54 3.42 12.97
H8 APC C . -2.24 1.79 10.31
HN61 APC C . -1.67 5.67 7.50
HN62 APC C . -2.19 7.32 7.63
H2 APC C . -4.53 7.66 11.45
CO CON D . -2.83 -6.39 13.87
N1 CON D . -0.94 -7.12 14.48
N2 CON D . -3.77 -7.71 15.22
N3 CON D . -2.75 -4.93 15.40
N4 CON D . -2.92 -7.86 12.36
HN11 CON D . -0.78 -6.86 15.38
HN12 CON D . -0.27 -6.74 13.91
HN13 CON D . -0.93 -8.07 14.40
HN21 CON D . -4.68 -7.44 15.35
HN22 CON D . -3.75 -8.60 14.86
HN23 CON D . -3.31 -7.71 16.05
HN31 CON D . -2.33 -4.14 15.07
HN32 CON D . -2.25 -5.28 16.13
HN33 CON D . -3.63 -4.72 15.69
HN41 CON D . -2.09 -7.89 11.89
HN42 CON D . -3.08 -8.72 12.76
HN43 CON D . -3.62 -7.65 11.75
N MET A 1 2.43 11.49 21.15
CA MET A 1 1.66 10.45 21.89
C MET A 1 1.57 9.18 21.04
N LYS A 2 2.06 8.09 21.57
CA LYS A 2 2.03 6.77 20.84
C LYS A 2 2.44 6.92 19.37
N LYS A 3 2.69 5.81 18.72
CA LYS A 3 3.08 5.87 17.28
C LYS A 3 2.89 4.50 16.64
N LEU A 4 2.79 4.45 15.34
CA LEU A 4 2.63 3.14 14.65
C LEU A 4 3.01 3.30 13.18
N GLN A 5 3.31 2.23 12.52
CA GLN A 5 3.67 2.33 11.09
C GLN A 5 2.86 1.28 10.32
N ILE A 6 2.95 1.31 9.03
CA ILE A 6 2.16 0.33 8.24
C ILE A 6 3.01 -0.14 7.07
N ALA A 7 3.33 -1.40 7.04
CA ALA A 7 4.15 -1.94 5.93
C ALA A 7 3.23 -2.24 4.75
N VAL A 8 2.68 -1.22 4.15
CA VAL A 8 1.77 -1.45 3.00
C VAL A 8 2.59 -1.73 1.75
N GLY A 9 3.16 -0.73 1.16
CA GLY A 9 3.94 -0.99 -0.07
C GLY A 9 2.95 -1.46 -1.12
N ILE A 10 2.25 -0.54 -1.69
CA ILE A 10 1.25 -0.91 -2.72
C ILE A 10 1.91 -1.88 -3.69
N ILE A 11 1.16 -2.51 -4.53
CA ILE A 11 1.78 -3.48 -5.44
C ILE A 11 1.16 -3.38 -6.84
N ARG A 12 1.77 -2.61 -7.71
CA ARG A 12 1.24 -2.46 -9.10
C ARG A 12 2.00 -3.45 -9.98
N ASN A 13 1.44 -3.94 -11.05
CA ASN A 13 2.22 -4.94 -11.82
C ASN A 13 1.76 -5.17 -13.28
N GLU A 14 0.66 -4.69 -13.74
CA GLU A 14 0.34 -5.01 -15.19
C GLU A 14 0.82 -3.84 -16.06
N ASN A 15 0.80 -2.71 -15.48
CA ASN A 15 1.26 -1.45 -16.11
C ASN A 15 1.43 -0.54 -14.93
N ASN A 16 0.38 -0.54 -14.16
CA ASN A 16 0.30 0.18 -12.89
C ASN A 16 -0.86 -0.49 -12.16
N GLU A 17 -0.98 -1.80 -12.27
CA GLU A 17 -2.17 -2.47 -11.62
C GLU A 17 -1.86 -2.78 -10.16
N ILE A 18 -2.22 -1.87 -9.30
CA ILE A 18 -1.96 -2.06 -7.84
C ILE A 18 -2.99 -2.99 -7.22
N PHE A 19 -2.58 -3.75 -6.23
CA PHE A 19 -3.52 -4.67 -5.52
C PHE A 19 -4.25 -3.84 -4.46
N ILE A 20 -4.68 -2.65 -4.82
CA ILE A 20 -5.36 -1.75 -3.87
C ILE A 20 -6.82 -2.14 -3.72
N THR A 21 -7.37 -1.88 -2.59
CA THR A 21 -8.79 -2.18 -2.37
C THR A 21 -9.60 -1.26 -3.28
N ARG A 22 -9.91 -1.71 -4.47
CA ARG A 22 -10.66 -0.86 -5.41
C ARG A 22 -12.14 -1.18 -5.29
N ARG A 23 -12.98 -0.18 -5.35
CA ARG A 23 -14.46 -0.42 -5.23
C ARG A 23 -14.81 -1.79 -5.83
N ALA A 24 -14.80 -2.81 -5.03
CA ALA A 24 -15.10 -4.16 -5.56
C ALA A 24 -16.27 -4.08 -6.53
N ALA A 25 -17.38 -3.54 -6.09
CA ALA A 25 -18.55 -3.40 -6.98
C ALA A 25 -18.35 -2.17 -7.87
N ASP A 26 -19.38 -1.68 -8.48
CA ASP A 26 -19.21 -0.49 -9.36
C ASP A 26 -18.92 0.75 -8.51
N ALA A 27 -19.70 0.98 -7.49
CA ALA A 27 -19.47 2.18 -6.61
C ALA A 27 -20.08 3.43 -7.24
N HIS A 28 -20.24 3.45 -8.54
CA HIS A 28 -20.81 4.67 -9.19
C HIS A 28 -20.06 5.89 -8.64
N MET A 29 -18.84 5.67 -8.20
CA MET A 29 -18.03 6.77 -7.63
C MET A 29 -16.56 6.41 -7.78
N ALA A 30 -15.69 7.14 -7.14
CA ALA A 30 -14.24 6.82 -7.23
C ALA A 30 -13.55 7.30 -5.96
N ASN A 31 -12.26 7.43 -5.99
CA ASN A 31 -11.52 7.89 -4.78
C ASN A 31 -11.40 6.73 -3.79
N LYS A 32 -11.98 5.60 -4.12
CA LYS A 32 -11.89 4.42 -3.20
C LYS A 32 -10.55 3.70 -3.40
N LEU A 33 -9.45 4.39 -3.26
CA LEU A 33 -8.13 3.72 -3.44
C LEU A 33 -7.30 3.95 -2.18
N GLU A 34 -7.45 3.11 -1.19
CA GLU A 34 -6.68 3.30 0.08
C GLU A 34 -5.26 2.74 -0.06
N PHE A 35 -4.86 1.83 0.81
CA PHE A 35 -3.49 1.27 0.70
C PHE A 35 -3.42 -0.06 1.48
N PRO A 36 -3.03 -1.11 0.81
CA PRO A 36 -2.91 -2.44 1.44
C PRO A 36 -1.79 -2.40 2.49
N GLY A 37 -2.14 -2.27 3.75
CA GLY A 37 -1.09 -2.19 4.81
C GLY A 37 -0.84 -3.57 5.44
N GLY A 38 -0.84 -3.61 6.75
CA GLY A 38 -0.59 -4.88 7.48
C GLY A 38 0.07 -4.58 8.83
N LYS A 39 0.45 -3.33 9.05
CA LYS A 39 1.10 -2.90 10.32
C LYS A 39 2.53 -3.43 10.41
N ILE A 40 3.49 -2.57 10.24
CA ILE A 40 4.91 -3.01 10.35
C ILE A 40 5.28 -3.06 11.83
N GLU A 41 5.93 -4.10 12.26
CA GLU A 41 6.31 -4.18 13.69
C GLU A 41 7.23 -5.40 13.92
N MET A 42 7.06 -6.44 13.14
CA MET A 42 7.93 -7.64 13.33
C MET A 42 9.39 -7.21 13.25
N GLY A 43 10.29 -8.01 13.76
CA GLY A 43 11.73 -7.62 13.73
C GLY A 43 11.84 -6.16 14.18
N GLU A 44 12.47 -5.34 13.40
CA GLU A 44 12.60 -3.90 13.77
C GLU A 44 13.08 -3.11 12.55
N THR A 45 12.85 -3.64 11.38
CA THR A 45 13.28 -2.93 10.14
C THR A 45 12.21 -3.15 9.08
N PRO A 46 11.94 -2.16 8.28
CA PRO A 46 10.92 -2.25 7.23
C PRO A 46 11.10 -3.53 6.40
N GLU A 47 12.24 -4.16 6.47
CA GLU A 47 12.42 -5.41 5.70
C GLU A 47 11.73 -6.56 6.44
N GLN A 48 12.35 -7.11 7.44
CA GLN A 48 11.68 -8.21 8.18
C GLN A 48 10.28 -7.77 8.58
N ALA A 49 10.08 -6.49 8.69
CA ALA A 49 8.74 -5.99 9.10
C ALA A 49 7.75 -6.19 7.96
N VAL A 50 7.96 -5.53 6.86
CA VAL A 50 7.00 -5.67 5.73
C VAL A 50 7.11 -7.06 5.10
N VAL A 51 8.30 -7.47 4.82
CA VAL A 51 8.53 -8.81 4.21
C VAL A 51 7.84 -9.90 5.04
N ARG A 52 7.97 -9.85 6.35
CA ARG A 52 7.33 -10.88 7.21
C ARG A 52 5.83 -10.60 7.23
N GLU A 53 5.45 -9.36 7.29
CA GLU A 53 4.01 -9.00 7.28
C GLU A 53 3.45 -9.37 5.91
N LEU A 54 4.33 -9.60 4.97
CA LEU A 54 3.91 -9.97 3.59
C LEU A 54 3.55 -11.46 3.57
N GLN A 55 4.51 -12.30 3.87
CA GLN A 55 4.24 -13.77 3.87
C GLN A 55 3.15 -14.10 4.90
N GLU A 56 3.34 -13.70 6.13
CA GLU A 56 2.30 -14.01 7.17
C GLU A 56 0.91 -13.68 6.62
N GLU A 57 0.83 -12.80 5.67
CA GLU A 57 -0.50 -12.46 5.10
C GLU A 57 -0.93 -13.53 4.10
N VAL A 58 -0.69 -13.32 2.85
CA VAL A 58 -1.08 -14.32 1.82
C VAL A 58 -0.05 -15.45 1.78
N GLY A 59 1.08 -15.25 1.14
CA GLY A 59 2.10 -16.35 1.11
C GLY A 59 2.87 -16.39 -0.22
N ILE A 60 2.97 -15.30 -0.95
CA ILE A 60 3.75 -15.34 -2.22
C ILE A 60 5.24 -15.11 -1.86
N THR A 61 6.01 -14.45 -2.69
CA THR A 61 7.45 -14.27 -2.32
C THR A 61 8.11 -13.11 -3.13
N PRO A 62 8.26 -13.31 -4.41
CA PRO A 62 8.93 -12.32 -5.28
C PRO A 62 8.48 -10.88 -4.97
N GLN A 63 7.51 -10.38 -5.68
CA GLN A 63 7.04 -8.97 -5.47
C GLN A 63 8.21 -7.97 -5.55
N HIS A 64 9.40 -8.39 -5.92
CA HIS A 64 10.57 -7.44 -6.04
C HIS A 64 10.32 -6.18 -5.19
N PHE A 65 9.98 -6.37 -3.95
CA PHE A 65 9.68 -5.24 -3.04
C PHE A 65 10.57 -4.02 -3.32
N SER A 66 10.00 -2.85 -3.25
CA SER A 66 10.75 -1.59 -3.47
C SER A 66 10.19 -0.53 -2.52
N LEU A 67 10.99 0.38 -2.05
CA LEU A 67 10.45 1.40 -1.11
C LEU A 67 9.68 2.48 -1.90
N PHE A 68 10.37 3.23 -2.72
CA PHE A 68 9.72 4.32 -3.52
C PHE A 68 9.60 5.57 -2.64
N GLU A 69 9.05 5.43 -1.45
CA GLU A 69 8.93 6.61 -0.55
C GLU A 69 7.92 6.31 0.54
N LYS A 70 7.71 7.22 1.44
CA LYS A 70 6.75 6.98 2.54
C LYS A 70 6.32 8.31 3.17
N LEU A 71 5.34 8.30 4.03
CA LEU A 71 4.88 9.57 4.66
C LEU A 71 4.64 9.34 6.15
N GLU A 72 4.42 10.40 6.88
CA GLU A 72 4.15 10.28 8.34
C GLU A 72 3.23 11.42 8.76
N TYR A 73 1.95 11.18 8.78
CA TYR A 73 1.00 12.26 9.17
C TYR A 73 0.99 12.33 10.69
N GLU A 74 1.29 13.48 11.24
CA GLU A 74 1.31 13.59 12.72
C GLU A 74 -0.02 14.16 13.19
N PHE A 75 -0.65 13.51 14.12
CA PHE A 75 -1.95 14.01 14.63
C PHE A 75 -1.75 14.58 16.03
N PRO A 76 -2.75 15.28 16.51
CA PRO A 76 -2.71 15.87 17.87
C PRO A 76 -2.25 14.82 18.88
N ASP A 77 -2.52 13.58 18.60
CA ASP A 77 -2.11 12.49 19.52
C ASP A 77 -2.16 11.18 18.74
N ARG A 78 -1.91 11.25 17.46
CA ARG A 78 -1.96 10.02 16.62
C ARG A 78 -0.81 10.03 15.60
N HIS A 79 0.33 9.48 15.96
CA HIS A 79 1.47 9.46 15.01
C HIS A 79 1.41 8.19 14.17
N ILE A 80 1.17 8.31 12.90
CA ILE A 80 1.08 7.08 12.04
C ILE A 80 2.17 7.10 10.98
N THR A 81 2.53 5.94 10.50
CA THR A 81 3.56 5.85 9.43
C THR A 81 3.06 4.84 8.40
N LEU A 82 3.21 5.12 7.14
CA LEU A 82 2.73 4.15 6.12
C LEU A 82 3.85 3.82 5.12
N TRP A 83 4.78 3.00 5.54
CA TRP A 83 5.90 2.63 4.61
C TRP A 83 5.33 2.14 3.29
N PHE A 84 5.51 2.90 2.23
CA PHE A 84 4.96 2.48 0.91
C PHE A 84 5.96 1.57 0.20
N TRP A 85 6.13 0.35 0.63
CA TRP A 85 7.07 -0.56 -0.08
C TRP A 85 6.45 -0.95 -1.42
N LEU A 86 6.63 -0.15 -2.43
CA LEU A 86 6.01 -0.50 -3.74
C LEU A 86 6.67 -1.75 -4.31
N VAL A 87 5.88 -2.73 -4.62
CA VAL A 87 6.42 -3.99 -5.21
C VAL A 87 5.94 -4.07 -6.66
N GLU A 88 6.43 -4.98 -7.45
CA GLU A 88 5.95 -5.03 -8.87
C GLU A 88 6.23 -6.38 -9.54
N ARG A 89 6.25 -7.46 -8.82
CA ARG A 89 6.50 -8.77 -9.50
C ARG A 89 6.04 -9.92 -8.60
N TRP A 90 5.05 -9.69 -7.80
CA TRP A 90 4.56 -10.76 -6.91
C TRP A 90 4.36 -12.05 -7.72
N GLU A 91 4.55 -13.18 -7.09
CA GLU A 91 4.37 -14.48 -7.81
C GLU A 91 2.88 -14.84 -7.85
N GLY A 92 2.40 -15.23 -9.00
CA GLY A 92 0.96 -15.63 -9.14
C GLY A 92 0.06 -14.61 -8.44
N GLU A 93 -0.17 -14.79 -7.17
CA GLU A 93 -1.07 -13.84 -6.43
C GLU A 93 -0.22 -12.84 -5.64
N PRO A 94 -0.84 -11.75 -5.25
CA PRO A 94 -0.18 -10.69 -4.46
C PRO A 94 -0.10 -11.11 -2.98
N TRP A 95 0.13 -10.16 -2.10
CA TRP A 95 0.19 -10.51 -0.65
C TRP A 95 0.51 -9.27 0.19
N GLY A 96 0.19 -8.09 -0.27
CA GLY A 96 0.52 -6.87 0.53
C GLY A 96 -0.69 -6.48 1.39
N LYS A 97 -1.84 -6.41 0.80
CA LYS A 97 -3.07 -6.02 1.56
C LYS A 97 -3.11 -6.68 2.93
N GLU A 98 -3.63 -5.99 3.89
CA GLU A 98 -3.75 -6.56 5.25
C GLU A 98 -4.97 -7.47 5.32
N GLY A 99 -6.07 -6.97 5.80
CA GLY A 99 -7.30 -7.77 5.85
C GLY A 99 -8.25 -7.21 4.80
N GLN A 100 -7.80 -6.25 4.05
CA GLN A 100 -8.64 -5.63 3.00
C GLN A 100 -8.75 -6.59 1.80
N PRO A 101 -9.55 -6.21 0.84
CA PRO A 101 -9.74 -7.03 -0.36
C PRO A 101 -8.47 -7.03 -1.21
N GLY A 102 -7.95 -5.86 -1.49
CA GLY A 102 -6.72 -5.80 -2.31
C GLY A 102 -7.03 -6.39 -3.68
N GLU A 103 -7.00 -5.59 -4.71
CA GLU A 103 -7.32 -6.15 -6.05
C GLU A 103 -6.54 -5.42 -7.13
N TRP A 104 -5.97 -6.14 -8.07
CA TRP A 104 -5.23 -5.44 -9.16
C TRP A 104 -6.13 -4.33 -9.69
N MET A 105 -5.62 -3.13 -9.78
CA MET A 105 -6.47 -2.01 -10.26
C MET A 105 -5.89 -1.41 -11.53
N SER A 106 -6.61 -1.45 -12.60
CA SER A 106 -6.11 -0.87 -13.87
C SER A 106 -6.29 0.65 -13.83
N LEU A 107 -5.56 1.31 -12.98
CA LEU A 107 -5.68 2.80 -12.86
C LEU A 107 -4.86 3.45 -13.96
N VAL A 108 -3.59 3.10 -14.03
CA VAL A 108 -2.68 3.68 -15.07
C VAL A 108 -2.11 5.00 -14.54
N GLY A 109 -0.82 5.02 -14.28
CA GLY A 109 -0.19 6.27 -13.75
C GLY A 109 -1.12 6.92 -12.74
N LEU A 110 -1.07 6.46 -11.51
CA LEU A 110 -1.96 7.02 -10.47
C LEU A 110 -2.08 8.55 -10.62
N ASN A 111 -3.05 9.14 -9.96
CA ASN A 111 -3.23 10.62 -10.08
C ASN A 111 -3.70 11.23 -8.75
N ALA A 112 -3.84 10.44 -7.72
CA ALA A 112 -4.34 11.00 -6.43
C ALA A 112 -5.83 11.37 -6.57
N ASP A 113 -6.37 11.22 -7.74
CA ASP A 113 -7.79 11.56 -7.95
C ASP A 113 -8.64 10.38 -7.47
N ASP A 114 -8.05 9.22 -7.46
CA ASP A 114 -8.77 8.01 -7.03
C ASP A 114 -8.35 7.65 -5.60
N PHE A 115 -7.28 8.25 -5.13
CA PHE A 115 -6.80 7.95 -3.75
C PHE A 115 -7.37 8.97 -2.75
N PRO A 116 -7.53 8.53 -1.53
CA PRO A 116 -8.03 9.39 -0.45
C PRO A 116 -7.00 10.48 -0.14
N PRO A 117 -7.47 11.68 0.11
CA PRO A 117 -6.59 12.83 0.42
C PRO A 117 -5.79 12.58 1.71
N ALA A 118 -6.34 11.85 2.64
CA ALA A 118 -5.61 11.60 3.92
C ALA A 118 -4.14 11.28 3.64
N ASN A 119 -3.87 10.46 2.66
CA ASN A 119 -2.46 10.12 2.35
C ASN A 119 -1.98 10.96 1.16
N GLU A 120 -2.17 12.25 1.24
CA GLU A 120 -1.76 13.15 0.13
C GLU A 120 -0.22 13.26 0.01
N PRO A 121 0.50 13.25 1.11
CA PRO A 121 1.97 13.38 1.08
C PRO A 121 2.62 12.31 0.20
N VAL A 122 2.10 11.12 0.17
CA VAL A 122 2.73 10.09 -0.69
C VAL A 122 1.94 9.97 -2.00
N ILE A 123 0.64 10.12 -1.94
CA ILE A 123 -0.14 10.04 -3.20
C ILE A 123 0.26 11.26 -4.05
N ALA A 124 0.89 12.23 -3.44
CA ALA A 124 1.33 13.43 -4.19
C ALA A 124 2.34 12.97 -5.24
N LYS A 125 3.04 11.94 -4.92
CA LYS A 125 4.07 11.36 -5.82
C LYS A 125 3.44 10.47 -6.88
N LEU A 126 2.45 9.70 -6.54
CA LEU A 126 1.82 8.81 -7.57
C LEU A 126 1.12 9.71 -8.58
N LYS A 127 0.80 10.89 -8.18
CA LYS A 127 0.14 11.84 -9.12
C LYS A 127 1.00 11.92 -10.36
N ARG A 128 2.27 11.75 -10.17
CA ARG A 128 3.22 11.82 -11.29
C ARG A 128 3.33 10.42 -11.91
N LEU A 129 3.09 9.39 -11.13
CA LEU A 129 3.16 8.01 -11.66
C LEU A 129 2.39 7.92 -12.98
MG MG B . -0.19 -7.82 8.83
PG APC C . -2.77 -5.88 10.93
O1G APC C . -4.19 -6.24 11.63
O2G APC C . -2.29 -7.00 10.11
O3G APC C . -2.89 -4.54 10.06
PB APC C . -1.83 -4.94 13.53
O1B APC C . -2.98 -5.77 14.31
O2B APC C . -0.54 -5.09 14.24
O3B APC C . -1.67 -5.52 12.04
PA APC C . -2.83 -3.09 14.76
O1A APC C . -2.53 -4.10 15.80
O2A APC C . -4.25 -2.75 14.48
C3A APC C . -2.20 -3.50 13.47
O5' APC C . -2.12 -1.73 15.25
C5' APC C . -1.80 -0.69 14.32
C4' APC C . -2.84 0.40 14.33
O4' APC C . -2.37 1.58 13.64
C3' APC C . -4.12 -0.04 13.63
O3' APC C . -5.12 -0.43 14.57
C2' APC C . -4.56 1.14 12.81
O2' APC C . -5.81 1.66 13.27
C1' APC C . -3.47 2.18 12.93
N9 APC C . -3.09 2.63 11.60
C8 APC C . -2.47 1.95 10.60
N7 APC C . -2.35 2.53 9.46
C5 APC C . -2.96 3.77 9.71
C6 APC C . -3.18 4.90 8.91
N6 APC C . -2.82 4.97 7.64
N1 APC C . -3.81 5.94 9.49
C2 APC C . -4.20 5.88 10.76
N3 APC C . -4.03 4.86 11.61
C4 APC C . -3.40 3.84 11.02
HOG3 APC C . -2.93 -3.80 10.66
H3A1 APC C . -1.31 -2.91 13.29
H3A2 APC C . -2.91 -3.35 12.65
H5'1 APC C . -1.73 -1.11 13.31
H5'2 APC C . -0.84 -0.25 14.59
H4' APC C . -3.08 0.67 15.36
H3' APC C . -3.87 -0.87 12.95
HO3' APC C . -5.60 0.32 14.93
H2' APC C . -4.65 0.85 11.77
HO2' APC C . -6.23 2.06 12.51
H1' APC C . -3.82 3.04 13.51
H8 APC C . -2.06 0.94 10.78
HN61 APC C . -2.35 4.19 7.20
HN62 APC C . -3.01 5.81 7.10
H2 APC C . -4.68 6.77 11.17
CO CON D . -4.61 -6.90 13.58
N1 CON D . -5.02 -7.56 15.55
N2 CON D . -6.23 -8.04 12.87
N3 CON D . -5.89 -5.26 13.89
N4 CON D . -3.33 -8.56 13.29
HN11 CON D . -4.19 -7.70 16.03
HN12 CON D . -5.50 -8.38 15.51
HN13 CON D . -5.54 -6.91 16.01
HN21 CON D . -6.92 -7.46 12.54
HN22 CON D . -5.93 -8.61 12.16
HN23 CON D . -6.58 -8.58 13.58
HN31 CON D . -5.52 -4.47 13.49
HN32 CON D . -6.00 -5.11 14.84
HN33 CON D . -6.74 -5.44 13.49
HN41 CON D . -2.45 -8.25 13.09
HN42 CON D . -3.31 -9.10 14.09
HN43 CON D . -3.66 -9.08 12.56
N MET A 1 3.12 10.32 23.29
CA MET A 1 1.82 9.97 22.66
C MET A 1 1.90 8.54 22.09
N LYS A 2 1.09 8.23 21.12
CA LYS A 2 1.14 6.87 20.52
C LYS A 2 1.65 6.97 19.09
N LYS A 3 2.03 5.87 18.51
CA LYS A 3 2.53 5.90 17.11
C LYS A 3 2.49 4.50 16.50
N LEU A 4 2.32 4.42 15.21
CA LEU A 4 2.31 3.09 14.54
C LEU A 4 2.63 3.28 13.07
N GLN A 5 3.27 2.32 12.48
CA GLN A 5 3.63 2.45 11.04
C GLN A 5 2.82 1.44 10.23
N ILE A 6 2.86 1.56 8.94
CA ILE A 6 2.08 0.62 8.11
C ILE A 6 2.96 0.13 6.95
N ALA A 7 3.37 -1.10 6.99
CA ALA A 7 4.25 -1.64 5.92
C ALA A 7 3.37 -2.09 4.76
N VAL A 8 2.82 -1.17 4.02
CA VAL A 8 1.97 -1.57 2.88
C VAL A 8 2.84 -1.85 1.66
N GLY A 9 3.21 -0.85 0.92
CA GLY A 9 4.02 -1.10 -0.29
C GLY A 9 3.07 -1.54 -1.38
N ILE A 10 2.38 -0.59 -1.97
CA ILE A 10 1.40 -0.96 -3.03
C ILE A 10 2.11 -1.90 -3.99
N ILE A 11 1.39 -2.77 -4.61
CA ILE A 11 2.05 -3.72 -5.52
C ILE A 11 1.50 -3.59 -6.94
N ARG A 12 1.91 -2.55 -7.64
CA ARG A 12 1.43 -2.38 -9.05
C ARG A 12 2.25 -3.30 -9.95
N ASN A 13 1.73 -3.73 -11.09
CA ASN A 13 2.56 -4.68 -11.89
C ASN A 13 2.26 -4.67 -13.41
N GLU A 14 1.14 -4.24 -13.90
CA GLU A 14 0.96 -4.33 -15.40
C GLU A 14 1.39 -3.02 -16.04
N ASN A 15 1.19 -1.98 -15.33
CA ASN A 15 1.59 -0.61 -15.76
C ASN A 15 1.58 0.15 -14.47
N ASN A 16 0.51 -0.05 -13.77
CA ASN A 16 0.31 0.53 -12.46
C ASN A 16 -0.79 -0.30 -11.84
N GLU A 17 -0.79 -1.61 -12.09
CA GLU A 17 -1.91 -2.43 -11.52
C GLU A 17 -1.60 -2.84 -10.10
N ILE A 18 -1.89 -1.99 -9.16
CA ILE A 18 -1.62 -2.31 -7.74
C ILE A 18 -2.71 -3.23 -7.20
N PHE A 19 -2.37 -4.01 -6.21
CA PHE A 19 -3.37 -4.91 -5.56
C PHE A 19 -4.14 -4.05 -4.53
N ILE A 20 -4.50 -2.85 -4.90
CA ILE A 20 -5.18 -1.93 -3.95
C ILE A 20 -6.66 -2.24 -3.83
N THR A 21 -7.18 -2.00 -2.68
CA THR A 21 -8.63 -2.21 -2.45
C THR A 21 -9.41 -1.36 -3.44
N ARG A 22 -9.69 -1.89 -4.59
CA ARG A 22 -10.42 -1.10 -5.60
C ARG A 22 -11.90 -1.41 -5.54
N ARG A 23 -12.64 -0.65 -4.76
CA ARG A 23 -14.13 -0.87 -4.62
C ARG A 23 -14.55 -2.23 -5.20
N ALA A 24 -14.34 -3.28 -4.46
CA ALA A 24 -14.71 -4.63 -4.97
C ALA A 24 -16.06 -4.59 -5.69
N ALA A 25 -17.09 -4.12 -5.03
CA ALA A 25 -18.42 -4.07 -5.69
C ALA A 25 -18.45 -2.91 -6.69
N ASP A 26 -19.56 -2.70 -7.34
CA ASP A 26 -19.63 -1.59 -8.32
C ASP A 26 -19.83 -0.27 -7.59
N ALA A 27 -18.77 0.34 -7.14
CA ALA A 27 -18.90 1.63 -6.41
C ALA A 27 -19.25 2.73 -7.40
N HIS A 28 -18.71 2.68 -8.59
CA HIS A 28 -19.00 3.74 -9.58
C HIS A 28 -18.77 5.09 -8.91
N MET A 29 -17.97 5.12 -7.88
CA MET A 29 -17.71 6.39 -7.16
C MET A 29 -16.22 6.73 -7.28
N ALA A 30 -15.38 5.73 -7.30
CA ALA A 30 -13.92 5.99 -7.42
C ALA A 30 -13.40 6.64 -6.14
N ASN A 31 -12.14 6.97 -6.11
CA ASN A 31 -11.55 7.59 -4.89
C ASN A 31 -11.27 6.51 -3.84
N LYS A 32 -11.73 5.31 -4.08
CA LYS A 32 -11.50 4.21 -3.11
C LYS A 32 -10.12 3.59 -3.33
N LEU A 33 -9.10 4.39 -3.37
CA LEU A 33 -7.73 3.83 -3.57
C LEU A 33 -6.97 3.93 -2.25
N GLU A 34 -7.11 2.97 -1.39
CA GLU A 34 -6.41 3.06 -0.08
C GLU A 34 -5.00 2.48 -0.21
N PHE A 35 -4.56 1.71 0.75
CA PHE A 35 -3.20 1.13 0.66
C PHE A 35 -3.14 -0.18 1.46
N PRO A 36 -2.71 -1.24 0.81
CA PRO A 36 -2.59 -2.55 1.46
C PRO A 36 -1.51 -2.45 2.55
N GLY A 37 -1.88 -2.10 3.75
CA GLY A 37 -0.84 -1.95 4.82
C GLY A 37 -1.05 -2.97 5.94
N GLY A 38 -0.19 -3.96 6.01
CA GLY A 38 -0.32 -4.99 7.07
C GLY A 38 0.31 -4.52 8.39
N LYS A 39 0.54 -3.23 8.53
CA LYS A 39 1.13 -2.70 9.80
C LYS A 39 2.55 -3.25 10.03
N ILE A 40 3.55 -2.43 9.88
CA ILE A 40 4.94 -2.93 10.12
C ILE A 40 5.22 -2.94 11.62
N GLU A 41 5.87 -3.96 12.10
CA GLU A 41 6.17 -4.02 13.55
C GLU A 41 7.10 -5.21 13.84
N MET A 42 6.97 -6.28 13.10
CA MET A 42 7.84 -7.46 13.34
C MET A 42 9.31 -7.04 13.25
N GLY A 43 10.20 -7.81 13.83
CA GLY A 43 11.64 -7.45 13.79
C GLY A 43 11.81 -5.96 14.11
N GLU A 44 12.53 -5.26 13.30
CA GLU A 44 12.74 -3.80 13.56
C GLU A 44 13.23 -3.15 12.27
N THR A 45 12.93 -3.74 11.15
CA THR A 45 13.38 -3.17 9.85
C THR A 45 12.21 -3.27 8.86
N PRO A 46 12.04 -2.25 8.05
CA PRO A 46 10.95 -2.23 7.05
C PRO A 46 10.96 -3.52 6.25
N GLU A 47 12.06 -4.22 6.24
CA GLU A 47 12.12 -5.49 5.49
C GLU A 47 11.38 -6.56 6.29
N GLN A 48 12.05 -7.24 7.19
CA GLN A 48 11.36 -8.29 7.99
C GLN A 48 9.98 -7.82 8.41
N ALA A 49 9.81 -6.56 8.64
CA ALA A 49 8.48 -6.05 9.06
C ALA A 49 7.49 -6.20 7.91
N VAL A 50 7.72 -5.53 6.83
CA VAL A 50 6.78 -5.61 5.67
C VAL A 50 6.80 -7.02 5.06
N VAL A 51 7.95 -7.53 4.79
CA VAL A 51 8.08 -8.89 4.19
C VAL A 51 7.38 -9.93 5.08
N ARG A 52 7.60 -9.87 6.37
CA ARG A 52 6.96 -10.86 7.29
C ARG A 52 5.46 -10.54 7.37
N GLU A 53 5.11 -9.29 7.28
CA GLU A 53 3.68 -8.90 7.31
C GLU A 53 3.06 -9.27 5.96
N LEU A 54 3.92 -9.50 5.00
CA LEU A 54 3.46 -9.86 3.64
C LEU A 54 3.11 -11.35 3.62
N GLN A 55 4.07 -12.19 3.87
CA GLN A 55 3.81 -13.65 3.87
C GLN A 55 2.71 -13.99 4.89
N GLU A 56 2.84 -13.54 6.11
CA GLU A 56 1.79 -13.85 7.12
C GLU A 56 0.42 -13.56 6.51
N GLU A 57 0.36 -12.67 5.55
CA GLU A 57 -0.94 -12.36 4.90
C GLU A 57 -1.27 -13.44 3.87
N VAL A 58 -0.94 -13.21 2.63
CA VAL A 58 -1.23 -14.20 1.57
C VAL A 58 -0.17 -15.32 1.57
N GLY A 59 1.00 -15.06 1.02
CA GLY A 59 2.05 -16.12 1.01
C GLY A 59 2.77 -16.17 -0.34
N ILE A 60 2.92 -15.07 -1.02
CA ILE A 60 3.64 -15.11 -2.33
C ILE A 60 5.13 -14.85 -2.06
N THR A 61 5.87 -14.29 -2.99
CA THR A 61 7.32 -14.07 -2.70
C THR A 61 7.97 -13.05 -3.67
N PRO A 62 8.01 -13.35 -4.95
CA PRO A 62 8.65 -12.48 -5.97
C PRO A 62 8.09 -11.05 -6.00
N GLN A 63 7.15 -10.70 -5.17
CA GLN A 63 6.61 -9.31 -5.24
C GLN A 63 7.74 -8.32 -5.50
N HIS A 64 8.94 -8.62 -5.11
CA HIS A 64 10.06 -7.66 -5.35
C HIS A 64 9.62 -6.30 -4.82
N PHE A 65 9.88 -6.04 -3.57
CA PHE A 65 9.44 -4.76 -2.97
C PHE A 65 10.48 -3.65 -3.14
N SER A 66 10.02 -2.44 -3.03
CA SER A 66 10.92 -1.26 -3.17
C SER A 66 10.30 -0.11 -2.38
N LEU A 67 11.08 0.67 -1.70
CA LEU A 67 10.49 1.79 -0.89
C LEU A 67 9.78 2.79 -1.81
N PHE A 68 10.53 3.48 -2.61
CA PHE A 68 9.95 4.50 -3.54
C PHE A 68 9.78 5.83 -2.79
N GLU A 69 9.14 5.79 -1.65
CA GLU A 69 8.93 7.03 -0.84
C GLU A 69 7.78 6.82 0.12
N LYS A 70 7.93 7.22 1.35
CA LYS A 70 6.84 7.03 2.33
C LYS A 70 6.52 8.38 2.98
N LEU A 71 5.60 8.38 3.91
CA LEU A 71 5.24 9.66 4.58
C LEU A 71 5.12 9.44 6.09
N GLU A 72 4.76 10.47 6.80
CA GLU A 72 4.58 10.35 8.27
C GLU A 72 3.53 11.37 8.70
N TYR A 73 2.29 11.02 8.63
CA TYR A 73 1.22 11.97 9.02
C TYR A 73 1.12 11.99 10.54
N GLU A 74 1.63 13.02 11.15
CA GLU A 74 1.56 13.08 12.63
C GLU A 74 0.34 13.89 13.03
N PHE A 75 -0.19 13.67 14.19
CA PHE A 75 -1.39 14.43 14.61
C PHE A 75 -1.27 14.76 16.11
N PRO A 76 -2.20 15.55 16.60
CA PRO A 76 -2.21 15.94 18.01
C PRO A 76 -2.05 14.69 18.89
N ASP A 77 -2.66 13.61 18.50
CA ASP A 77 -2.54 12.36 19.29
C ASP A 77 -2.63 11.20 18.31
N ARG A 78 -2.10 11.37 17.14
CA ARG A 78 -2.18 10.29 16.12
C ARG A 78 -0.89 10.24 15.30
N HIS A 79 0.16 9.66 15.85
CA HIS A 79 1.44 9.57 15.09
C HIS A 79 1.34 8.37 14.15
N ILE A 80 1.44 8.57 12.86
CA ILE A 80 1.31 7.41 11.93
C ILE A 80 2.48 7.38 10.94
N THR A 81 2.65 6.23 10.32
CA THR A 81 3.71 6.05 9.29
C THR A 81 3.20 5.05 8.27
N LEU A 82 3.60 5.16 7.03
CA LEU A 82 3.08 4.20 6.02
C LEU A 82 4.19 3.82 5.03
N TRP A 83 5.02 2.88 5.39
CA TRP A 83 6.11 2.46 4.46
C TRP A 83 5.50 2.08 3.10
N PHE A 84 5.74 2.86 2.09
CA PHE A 84 5.17 2.55 0.74
C PHE A 84 6.12 1.62 -0.02
N TRP A 85 6.28 0.41 0.41
CA TRP A 85 7.19 -0.51 -0.32
C TRP A 85 6.55 -0.92 -1.65
N LEU A 86 6.69 -0.13 -2.68
CA LEU A 86 6.08 -0.51 -3.98
C LEU A 86 6.79 -1.73 -4.55
N VAL A 87 6.05 -2.73 -4.94
CA VAL A 87 6.66 -3.93 -5.53
C VAL A 87 6.27 -3.98 -7.01
N GLU A 88 6.60 -5.00 -7.75
CA GLU A 88 6.19 -4.97 -9.19
C GLU A 88 6.18 -6.37 -9.84
N ARG A 89 6.35 -7.43 -9.12
CA ARG A 89 6.31 -8.78 -9.80
C ARG A 89 6.05 -9.89 -8.77
N TRP A 90 4.85 -9.97 -8.27
CA TRP A 90 4.54 -11.04 -7.28
C TRP A 90 4.25 -12.36 -8.00
N GLU A 91 4.30 -13.45 -7.28
CA GLU A 91 4.03 -14.78 -7.93
C GLU A 91 2.51 -15.01 -8.03
N GLY A 92 2.05 -15.47 -9.17
CA GLY A 92 0.59 -15.77 -9.36
C GLY A 92 -0.30 -14.76 -8.62
N GLU A 93 -0.49 -14.94 -7.34
CA GLU A 93 -1.35 -14.01 -6.55
C GLU A 93 -0.46 -13.00 -5.82
N PRO A 94 -1.01 -11.84 -5.55
CA PRO A 94 -0.29 -10.76 -4.83
C PRO A 94 -0.32 -11.02 -3.32
N TRP A 95 -0.13 -10.00 -2.53
CA TRP A 95 -0.17 -10.16 -1.06
C TRP A 95 0.13 -8.83 -0.37
N GLY A 96 -0.67 -8.45 0.60
CA GLY A 96 -0.43 -7.17 1.30
C GLY A 96 -1.74 -6.62 1.86
N LYS A 97 -2.81 -6.74 1.10
CA LYS A 97 -4.12 -6.22 1.58
C LYS A 97 -4.29 -6.54 3.07
N GLU A 98 -4.19 -5.56 3.91
CA GLU A 98 -4.34 -5.81 5.37
C GLU A 98 -5.83 -5.96 5.68
N GLY A 99 -6.35 -7.15 5.56
CA GLY A 99 -7.80 -7.35 5.84
C GLY A 99 -8.62 -6.44 4.91
N GLN A 100 -8.10 -6.19 3.74
CA GLN A 100 -8.82 -5.31 2.78
C GLN A 100 -8.98 -6.05 1.44
N PRO A 101 -9.81 -5.51 0.58
CA PRO A 101 -10.07 -6.09 -0.74
C PRO A 101 -8.92 -5.78 -1.72
N GLY A 102 -7.70 -5.88 -1.29
CA GLY A 102 -6.56 -5.59 -2.21
C GLY A 102 -6.84 -6.26 -3.55
N GLU A 103 -6.83 -5.50 -4.61
CA GLU A 103 -7.09 -6.10 -5.95
C GLU A 103 -6.29 -5.36 -7.02
N TRP A 104 -5.80 -6.05 -8.02
CA TRP A 104 -5.02 -5.36 -9.07
C TRP A 104 -5.84 -4.18 -9.57
N MET A 105 -5.22 -3.07 -9.82
CA MET A 105 -5.98 -1.89 -10.31
C MET A 105 -5.19 -1.19 -11.39
N SER A 106 -5.62 -1.29 -12.62
CA SER A 106 -4.89 -0.62 -13.72
C SER A 106 -5.29 0.86 -13.76
N LEU A 107 -5.30 1.52 -12.64
CA LEU A 107 -5.69 2.96 -12.61
C LEU A 107 -4.65 3.77 -13.39
N VAL A 108 -3.53 3.15 -13.70
CA VAL A 108 -2.47 3.84 -14.51
C VAL A 108 -2.00 5.09 -13.80
N GLY A 109 -0.72 5.17 -13.52
CA GLY A 109 -0.18 6.35 -12.81
C GLY A 109 -1.18 6.81 -11.76
N LEU A 110 -1.30 6.07 -10.69
CA LEU A 110 -2.29 6.42 -9.65
C LEU A 110 -2.37 7.94 -9.49
N ASN A 111 -3.45 8.44 -8.96
CA ASN A 111 -3.59 9.91 -8.81
C ASN A 111 -4.56 10.22 -7.66
N ALA A 112 -4.29 11.27 -6.93
CA ALA A 112 -5.21 11.66 -5.81
C ALA A 112 -6.65 11.56 -6.31
N ASP A 113 -6.85 11.73 -7.59
CA ASP A 113 -8.22 11.63 -8.17
C ASP A 113 -8.93 10.44 -7.54
N ASP A 114 -8.33 9.29 -7.59
CA ASP A 114 -8.95 8.08 -6.98
C ASP A 114 -8.32 7.85 -5.60
N PHE A 115 -7.29 8.57 -5.28
CA PHE A 115 -6.61 8.41 -3.96
C PHE A 115 -7.21 9.40 -2.94
N PRO A 116 -7.45 8.92 -1.74
CA PRO A 116 -8.02 9.74 -0.65
C PRO A 116 -7.01 10.81 -0.22
N PRO A 117 -7.52 11.90 0.31
CA PRO A 117 -6.66 13.02 0.78
C PRO A 117 -5.81 12.58 1.96
N ALA A 118 -6.33 11.75 2.83
CA ALA A 118 -5.55 11.29 4.02
C ALA A 118 -4.09 11.05 3.63
N ASN A 119 -3.87 10.35 2.56
CA ASN A 119 -2.47 10.07 2.13
C ASN A 119 -2.09 11.06 1.03
N GLU A 120 -2.20 12.32 1.31
CA GLU A 120 -1.86 13.37 0.32
C GLU A 120 -0.35 13.43 0.04
N PRO A 121 0.44 13.43 1.10
CA PRO A 121 1.91 13.53 0.98
C PRO A 121 2.50 12.50 0.02
N VAL A 122 2.02 11.30 0.03
CA VAL A 122 2.60 10.27 -0.89
C VAL A 122 1.72 10.14 -2.13
N ILE A 123 0.44 10.31 -1.98
CA ILE A 123 -0.45 10.20 -3.16
C ILE A 123 -0.01 11.25 -4.18
N ALA A 124 0.54 12.34 -3.70
CA ALA A 124 1.01 13.41 -4.61
C ALA A 124 2.06 12.85 -5.56
N LYS A 125 2.85 11.95 -5.06
CA LYS A 125 3.92 11.34 -5.89
C LYS A 125 3.34 10.29 -6.85
N LEU A 126 2.33 9.56 -6.44
CA LEU A 126 1.74 8.56 -7.38
C LEU A 126 1.10 9.33 -8.52
N LYS A 127 0.56 10.47 -8.21
CA LYS A 127 -0.06 11.31 -9.25
C LYS A 127 0.90 11.36 -10.44
N ARG A 128 2.17 11.23 -10.14
CA ARG A 128 3.21 11.29 -11.19
C ARG A 128 3.50 9.88 -11.71
N LEU A 129 3.43 8.88 -10.85
CA LEU A 129 3.72 7.45 -11.25
C LEU A 129 3.79 7.28 -12.77
MG MG B . -0.64 -7.50 8.58
PG APC C . -4.95 -5.60 11.91
O1G APC C . -5.37 -6.19 13.36
O2G APC C . -4.37 -6.66 11.06
O3G APC C . -6.22 -4.94 11.17
PB APC C . -2.64 -4.17 13.01
O1B APC C . -2.86 -4.93 14.40
O2B APC C . -1.44 -4.72 12.31
O3B APC C . -3.92 -4.37 12.05
PA APC C . -2.10 -2.51 14.68
O1A APC C . -0.82 -3.22 14.95
O2A APC C . -3.28 -2.86 15.49
C3A APC C . -2.44 -2.71 13.26
O5' APC C . -1.83 -0.93 14.94
C5' APC C . -1.83 0.01 13.86
C4' APC C . -3.10 0.85 13.87
O4' APC C . -2.85 2.21 13.44
C3' APC C . -4.13 0.27 12.92
O3' APC C . -5.14 -0.46 13.63
C2' APC C . -4.72 1.43 12.17
O2' APC C . -6.08 1.65 12.54
C1' APC C . -3.86 2.65 12.52
N9 APC C . -3.28 3.20 11.29
C8 APC C . -2.54 2.60 10.33
N7 APC C . -2.23 3.30 9.29
C5 APC C . -2.84 4.52 9.57
C6 APC C . -2.91 5.73 8.87
N6 APC C . -2.34 5.90 7.68
N1 APC C . -3.57 6.74 9.45
C2 APC C . -4.14 6.58 10.65
N3 APC C . -4.15 5.48 11.40
C4 APC C . -3.47 4.48 10.80
HOG3 APC C . -6.08 -4.00 11.16
H3A1 APC C . -1.63 -2.35 12.62
H3A2 APC C . -3.35 -2.17 13.01
H5'1 APC C . -1.75 -0.52 12.91
H5'2 APC C . -0.97 0.66 13.98
H4' APC C . -3.52 0.86 14.87
H3' APC C . -3.62 -0.38 12.21
HO3' APC C . -4.99 -0.47 14.57
H2' APC C . -4.66 1.25 11.10
HO2' APC C . -6.54 1.98 11.76
H1' APC C . -4.49 3.40 13.01
H8 APC C . -2.17 1.58 10.47
HN61 APC C . -1.83 5.15 7.25
HN62 APC C . -2.42 6.80 7.22
H2 APC C . -4.61 7.46 11.08
CO CON D . -4.58 -5.80 15.28
N1 CON D . -3.81 -5.41 17.20
N2 CON D . -6.28 -6.71 16.14
N3 CON D . -5.55 -3.93 15.29
N4 CON D . -3.59 -7.67 15.26
HN11 CON D . -3.09 -4.78 17.15
HN12 CON D . -3.49 -6.22 17.61
HN13 CON D . -4.51 -5.04 17.74
HN21 CON D . -6.77 -7.16 15.47
HN22 CON D . -6.00 -7.34 16.81
HN23 CON D . -6.82 -6.04 16.55
HN31 CON D . -5.18 -3.38 15.99
HN32 CON D . -6.48 -4.05 15.44
HN33 CON D . -5.41 -3.49 14.45
HN41 CON D . -3.97 -8.24 15.93
HN42 CON D . -3.69 -8.07 14.40
HN43 CON D . -2.66 -7.54 15.45
N MET A 1 4.80 10.15 22.70
CA MET A 1 3.40 9.68 22.47
C MET A 1 3.44 8.36 21.69
N LYS A 2 2.46 7.52 21.86
CA LYS A 2 2.46 6.22 21.14
C LYS A 2 2.68 6.46 19.65
N LYS A 3 3.01 5.43 18.91
CA LYS A 3 3.25 5.61 17.45
C LYS A 3 3.15 4.25 16.76
N LEU A 4 2.89 4.25 15.49
CA LEU A 4 2.79 2.96 14.74
C LEU A 4 3.01 3.23 13.25
N GLN A 5 3.66 2.33 12.57
CA GLN A 5 3.88 2.55 11.13
C GLN A 5 3.10 1.49 10.36
N ILE A 6 2.96 1.67 9.08
CA ILE A 6 2.21 0.67 8.29
C ILE A 6 3.07 0.23 7.12
N ALA A 7 3.52 -0.99 7.15
CA ALA A 7 4.38 -1.50 6.04
C ALA A 7 3.47 -1.93 4.89
N VAL A 8 2.83 -0.99 4.25
CA VAL A 8 1.93 -1.37 3.12
C VAL A 8 2.77 -1.63 1.88
N GLY A 9 3.12 -0.61 1.15
CA GLY A 9 3.90 -0.83 -0.09
C GLY A 9 2.94 -1.36 -1.14
N ILE A 10 2.25 -0.47 -1.77
CA ILE A 10 1.27 -0.90 -2.80
C ILE A 10 1.99 -1.87 -3.73
N ILE A 11 1.27 -2.70 -4.40
CA ILE A 11 1.94 -3.68 -5.29
C ILE A 11 1.39 -3.54 -6.71
N ARG A 12 1.94 -2.63 -7.49
CA ARG A 12 1.47 -2.46 -8.90
C ARG A 12 2.08 -3.59 -9.71
N ASN A 13 1.66 -3.82 -10.93
CA ASN A 13 2.29 -4.98 -11.62
C ASN A 13 2.12 -4.98 -13.15
N GLU A 14 1.13 -4.39 -13.73
CA GLU A 14 1.04 -4.49 -15.23
C GLU A 14 1.70 -3.26 -15.85
N ASN A 15 1.54 -2.19 -15.17
CA ASN A 15 2.12 -0.88 -15.58
C ASN A 15 2.07 -0.07 -14.31
N ASN A 16 0.94 -0.16 -13.70
CA ASN A 16 0.67 0.48 -12.41
C ASN A 16 -0.54 -0.27 -11.86
N GLU A 17 -0.62 -1.57 -12.10
CA GLU A 17 -1.81 -2.31 -11.58
C GLU A 17 -1.54 -2.78 -10.17
N ILE A 18 -2.03 -2.04 -9.21
CA ILE A 18 -1.79 -2.41 -7.80
C ILE A 18 -2.91 -3.27 -7.26
N PHE A 19 -2.57 -4.11 -6.32
CA PHE A 19 -3.58 -5.00 -5.66
C PHE A 19 -4.28 -4.18 -4.57
N ILE A 20 -4.63 -2.95 -4.88
CA ILE A 20 -5.27 -2.07 -3.87
C ILE A 20 -6.76 -2.35 -3.74
N THR A 21 -7.31 -2.04 -2.61
CA THR A 21 -8.76 -2.25 -2.41
C THR A 21 -9.50 -1.29 -3.34
N ARG A 22 -9.85 -1.77 -4.50
CA ARG A 22 -10.54 -0.91 -5.49
C ARG A 22 -12.04 -1.22 -5.48
N ARG A 23 -12.86 -0.24 -5.77
CA ARG A 23 -14.35 -0.46 -5.80
C ARG A 23 -14.63 -1.89 -6.31
N ALA A 24 -14.74 -2.83 -5.42
CA ALA A 24 -14.98 -4.24 -5.83
C ALA A 24 -16.09 -4.30 -6.88
N ALA A 25 -17.25 -3.75 -6.60
CA ALA A 25 -18.35 -3.80 -7.59
C ALA A 25 -18.09 -2.75 -8.69
N ASP A 26 -19.13 -2.24 -9.28
CA ASP A 26 -18.93 -1.21 -10.34
C ASP A 26 -18.61 0.13 -9.68
N ALA A 27 -19.40 0.55 -8.74
CA ALA A 27 -19.13 1.85 -8.05
C ALA A 27 -19.10 2.97 -9.09
N HIS A 28 -18.64 4.12 -8.68
CA HIS A 28 -18.56 5.28 -9.62
C HIS A 28 -17.61 6.32 -9.03
N MET A 29 -17.62 6.46 -7.73
CA MET A 29 -16.72 7.45 -7.08
C MET A 29 -15.30 7.29 -7.61
N ALA A 30 -14.82 6.08 -7.68
CA ALA A 30 -13.44 5.86 -8.20
C ALA A 30 -12.42 6.34 -7.15
N ASN A 31 -12.89 6.73 -6.00
CA ASN A 31 -11.95 7.19 -4.95
C ASN A 31 -11.71 6.05 -3.96
N LYS A 32 -12.14 4.86 -4.32
CA LYS A 32 -11.95 3.69 -3.42
C LYS A 32 -10.53 3.12 -3.56
N LEU A 33 -9.51 3.92 -3.39
CA LEU A 33 -8.13 3.38 -3.54
C LEU A 33 -7.35 3.62 -2.24
N GLU A 34 -7.47 2.76 -1.27
CA GLU A 34 -6.74 2.95 0.02
C GLU A 34 -5.30 2.43 -0.11
N PHE A 35 -4.81 1.72 0.88
CA PHE A 35 -3.42 1.19 0.80
C PHE A 35 -3.32 -0.08 1.63
N PRO A 36 -2.88 -1.14 1.02
CA PRO A 36 -2.71 -2.42 1.71
C PRO A 36 -1.75 -2.23 2.89
N GLY A 37 -2.27 -1.91 4.05
CA GLY A 37 -1.41 -1.68 5.24
C GLY A 37 -0.51 -2.89 5.52
N GLY A 38 -0.29 -3.20 6.78
CA GLY A 38 0.56 -4.36 7.14
C GLY A 38 1.13 -4.13 8.53
N LYS A 39 1.40 -2.89 8.86
CA LYS A 39 1.98 -2.55 10.19
C LYS A 39 3.42 -3.05 10.26
N ILE A 40 4.36 -2.19 10.00
CA ILE A 40 5.78 -2.64 10.07
C ILE A 40 6.22 -2.65 11.53
N GLU A 41 6.85 -3.71 11.94
CA GLU A 41 7.31 -3.82 13.35
C GLU A 41 8.21 -5.04 13.51
N MET A 42 7.92 -6.09 12.79
CA MET A 42 8.76 -7.32 12.89
C MET A 42 10.23 -6.95 12.80
N GLY A 43 11.08 -7.67 13.49
CA GLY A 43 12.53 -7.35 13.44
C GLY A 43 12.73 -5.88 13.80
N GLU A 44 13.31 -5.14 12.90
CA GLU A 44 13.53 -3.69 13.16
C GLU A 44 13.94 -3.00 11.85
N THR A 45 13.61 -3.58 10.74
CA THR A 45 13.99 -2.97 9.44
C THR A 45 12.79 -3.11 8.49
N PRO A 46 12.53 -2.08 7.73
CA PRO A 46 11.41 -2.08 6.78
C PRO A 46 11.43 -3.35 5.91
N GLU A 47 12.54 -4.05 5.87
CA GLU A 47 12.58 -5.30 5.07
C GLU A 47 11.90 -6.41 5.88
N GLN A 48 12.58 -7.04 6.78
CA GLN A 48 11.92 -8.12 7.57
C GLN A 48 10.55 -7.64 8.04
N ALA A 49 10.43 -6.39 8.31
CA ALA A 49 9.13 -5.85 8.79
C ALA A 49 8.07 -5.97 7.70
N VAL A 50 8.25 -5.30 6.60
CA VAL A 50 7.23 -5.38 5.50
C VAL A 50 7.21 -6.77 4.87
N VAL A 51 8.36 -7.26 4.52
CA VAL A 51 8.47 -8.61 3.89
C VAL A 51 7.79 -9.66 4.77
N ARG A 52 8.02 -9.62 6.05
CA ARG A 52 7.40 -10.61 6.96
C ARG A 52 5.92 -10.26 7.13
N GLU A 53 5.62 -9.00 7.12
CA GLU A 53 4.19 -8.56 7.23
C GLU A 53 3.51 -8.91 5.91
N LEU A 54 4.31 -9.22 4.93
CA LEU A 54 3.77 -9.58 3.59
C LEU A 54 3.30 -11.04 3.63
N GLN A 55 4.21 -11.95 3.83
CA GLN A 55 3.83 -13.40 3.89
C GLN A 55 2.78 -13.62 4.98
N GLU A 56 3.02 -13.16 6.17
CA GLU A 56 2.03 -13.37 7.28
C GLU A 56 0.63 -12.96 6.82
N GLU A 57 0.53 -12.13 5.82
CA GLU A 57 -0.83 -11.71 5.37
C GLU A 57 -1.45 -12.78 4.48
N VAL A 58 -1.25 -12.70 3.19
CA VAL A 58 -1.84 -13.70 2.27
C VAL A 58 -0.97 -14.97 2.27
N GLY A 59 0.14 -14.97 1.56
CA GLY A 59 0.99 -16.20 1.59
C GLY A 59 1.71 -16.45 0.25
N ILE A 60 1.90 -15.46 -0.57
CA ILE A 60 2.62 -15.72 -1.86
C ILE A 60 4.13 -15.68 -1.58
N THR A 61 4.97 -15.61 -2.59
CA THR A 61 6.43 -15.58 -2.29
C THR A 61 7.09 -14.34 -2.92
N PRO A 62 7.22 -14.29 -4.23
CA PRO A 62 7.83 -13.12 -4.88
C PRO A 62 6.97 -11.89 -4.66
N GLN A 63 7.31 -10.84 -5.34
CA GLN A 63 6.59 -9.54 -5.23
C GLN A 63 7.64 -8.46 -5.24
N HIS A 64 8.85 -8.81 -4.89
CA HIS A 64 9.93 -7.81 -4.87
C HIS A 64 9.49 -6.68 -3.95
N PHE A 65 10.16 -5.57 -3.97
CA PHE A 65 9.73 -4.47 -3.07
C PHE A 65 10.63 -3.25 -3.24
N SER A 66 10.07 -2.10 -3.02
CA SER A 66 10.85 -0.84 -3.14
C SER A 66 10.13 0.24 -2.34
N LEU A 67 10.86 1.09 -1.67
CA LEU A 67 10.20 2.16 -0.87
C LEU A 67 9.47 3.12 -1.81
N PHE A 68 10.21 3.83 -2.60
CA PHE A 68 9.63 4.81 -3.56
C PHE A 68 9.42 6.14 -2.82
N GLU A 69 8.70 6.09 -1.73
CA GLU A 69 8.43 7.32 -0.94
C GLU A 69 7.36 7.00 0.11
N LYS A 70 7.36 7.68 1.22
CA LYS A 70 6.34 7.38 2.26
C LYS A 70 5.92 8.69 2.93
N LEU A 71 5.26 8.61 4.06
CA LEU A 71 4.83 9.85 4.75
C LEU A 71 4.77 9.63 6.25
N GLU A 72 4.34 10.63 6.97
CA GLU A 72 4.21 10.51 8.44
C GLU A 72 3.06 11.43 8.87
N TYR A 73 1.86 10.92 8.92
CA TYR A 73 0.71 11.74 9.31
C TYR A 73 0.73 11.90 10.82
N GLU A 74 1.05 13.06 11.31
CA GLU A 74 1.12 13.26 12.77
C GLU A 74 -0.20 13.77 13.30
N PHE A 75 -1.00 12.90 13.86
CA PHE A 75 -2.31 13.32 14.41
C PHE A 75 -2.07 13.96 15.78
N PRO A 76 -3.10 14.56 16.32
CA PRO A 76 -3.03 15.20 17.65
C PRO A 76 -2.44 14.21 18.66
N ASP A 77 -3.05 13.06 18.78
CA ASP A 77 -2.54 12.03 19.73
C ASP A 77 -2.42 10.71 18.98
N ARG A 78 -2.05 10.76 17.73
CA ARG A 78 -1.93 9.51 16.93
C ARG A 78 -0.74 9.64 15.96
N HIS A 79 0.43 9.23 16.36
CA HIS A 79 1.59 9.32 15.44
C HIS A 79 1.58 8.14 14.48
N ILE A 80 0.95 8.28 13.34
CA ILE A 80 0.91 7.14 12.38
C ILE A 80 1.98 7.31 11.29
N THR A 81 2.37 6.23 10.70
CA THR A 81 3.35 6.27 9.59
C THR A 81 2.82 5.33 8.50
N LEU A 82 3.41 5.33 7.35
CA LEU A 82 2.89 4.43 6.29
C LEU A 82 3.96 4.19 5.23
N TRP A 83 4.82 3.24 5.45
CA TRP A 83 5.89 2.96 4.45
C TRP A 83 5.25 2.44 3.15
N PHE A 84 5.38 3.18 2.07
CA PHE A 84 4.78 2.71 0.78
C PHE A 84 5.80 1.88 0.02
N TRP A 85 6.09 0.70 0.48
CA TRP A 85 7.06 -0.15 -0.25
C TRP A 85 6.42 -0.66 -1.55
N LEU A 86 6.52 0.08 -2.62
CA LEU A 86 5.90 -0.38 -3.89
C LEU A 86 6.65 -1.60 -4.42
N VAL A 87 5.93 -2.63 -4.77
CA VAL A 87 6.57 -3.86 -5.31
C VAL A 87 6.04 -4.06 -6.74
N GLU A 88 6.51 -5.04 -7.48
CA GLU A 88 5.98 -5.20 -8.87
C GLU A 88 6.20 -6.62 -9.43
N ARG A 89 6.25 -7.65 -8.63
CA ARG A 89 6.44 -9.01 -9.25
C ARG A 89 5.98 -10.13 -8.28
N TRP A 90 4.74 -10.11 -7.86
CA TRP A 90 4.26 -11.21 -6.97
C TRP A 90 3.94 -12.45 -7.81
N GLU A 91 3.84 -13.60 -7.19
CA GLU A 91 3.53 -14.84 -7.97
C GLU A 91 2.02 -15.08 -7.97
N GLY A 92 1.50 -15.60 -9.05
CA GLY A 92 0.04 -15.89 -9.13
C GLY A 92 -0.77 -14.77 -8.47
N GLU A 93 -1.00 -14.87 -7.19
CA GLU A 93 -1.79 -13.81 -6.50
C GLU A 93 -0.85 -12.93 -5.66
N PRO A 94 -1.30 -11.72 -5.40
CA PRO A 94 -0.53 -10.74 -4.61
C PRO A 94 -0.57 -11.10 -3.12
N TRP A 95 -0.31 -10.14 -2.27
CA TRP A 95 -0.36 -10.41 -0.81
C TRP A 95 -0.04 -9.14 -0.02
N GLY A 96 -0.89 -8.15 -0.07
CA GLY A 96 -0.60 -6.90 0.69
C GLY A 96 -1.88 -6.36 1.34
N LYS A 97 -3.01 -6.52 0.71
CA LYS A 97 -4.29 -6.00 1.28
C LYS A 97 -4.31 -6.22 2.80
N GLU A 98 -4.16 -5.16 3.56
CA GLU A 98 -4.18 -5.29 5.04
C GLU A 98 -5.64 -5.34 5.51
N GLY A 99 -6.14 -6.52 5.80
CA GLY A 99 -7.55 -6.61 6.25
C GLY A 99 -8.46 -5.94 5.23
N GLN A 100 -7.98 -5.81 4.01
CA GLN A 100 -8.80 -5.16 2.95
C GLN A 100 -8.95 -6.14 1.78
N PRO A 101 -9.80 -5.78 0.84
CA PRO A 101 -10.07 -6.64 -0.34
C PRO A 101 -8.80 -6.82 -1.19
N GLY A 102 -8.09 -5.75 -1.45
CA GLY A 102 -6.85 -5.87 -2.27
C GLY A 102 -7.21 -6.43 -3.64
N GLU A 103 -7.08 -5.65 -4.68
CA GLU A 103 -7.42 -6.18 -6.04
C GLU A 103 -6.60 -5.46 -7.10
N TRP A 104 -6.08 -6.17 -8.07
CA TRP A 104 -5.31 -5.50 -9.14
C TRP A 104 -6.13 -4.32 -9.64
N MET A 105 -5.52 -3.20 -9.83
CA MET A 105 -6.29 -2.01 -10.30
C MET A 105 -5.64 -1.45 -11.56
N SER A 106 -6.33 -1.48 -12.67
CA SER A 106 -5.74 -0.95 -13.93
C SER A 106 -5.93 0.57 -13.98
N LEU A 107 -5.42 1.27 -13.02
CA LEU A 107 -5.55 2.76 -13.04
C LEU A 107 -4.48 3.33 -13.96
N VAL A 108 -3.29 2.80 -13.89
CA VAL A 108 -2.18 3.28 -14.76
C VAL A 108 -1.73 4.67 -14.31
N GLY A 109 -0.46 4.83 -14.04
CA GLY A 109 0.05 6.16 -13.58
C GLY A 109 -0.95 6.76 -12.60
N LEU A 110 -0.88 6.33 -11.37
CA LEU A 110 -1.84 6.83 -10.36
C LEU A 110 -2.03 8.35 -10.50
N ASN A 111 -3.04 8.89 -9.86
CA ASN A 111 -3.30 10.35 -9.99
C ASN A 111 -3.80 10.97 -8.68
N ALA A 112 -4.08 10.17 -7.67
CA ALA A 112 -4.62 10.71 -6.39
C ALA A 112 -6.12 10.95 -6.53
N ASP A 113 -6.56 11.27 -7.72
CA ASP A 113 -8.00 11.51 -7.97
C ASP A 113 -8.78 10.26 -7.60
N ASP A 114 -8.10 9.15 -7.48
CA ASP A 114 -8.78 7.88 -7.14
C ASP A 114 -8.38 7.43 -5.73
N PHE A 115 -7.36 8.03 -5.16
CA PHE A 115 -6.93 7.64 -3.79
C PHE A 115 -7.47 8.66 -2.77
N PRO A 116 -7.74 8.17 -1.58
CA PRO A 116 -8.27 9.01 -0.48
C PRO A 116 -7.23 10.07 -0.07
N PRO A 117 -7.70 11.25 0.24
CA PRO A 117 -6.84 12.36 0.66
C PRO A 117 -6.10 12.00 1.96
N ALA A 118 -6.62 11.05 2.68
CA ALA A 118 -5.95 10.65 3.96
C ALA A 118 -4.45 10.51 3.72
N ASN A 119 -4.07 9.77 2.72
CA ASN A 119 -2.62 9.60 2.42
C ASN A 119 -2.23 10.62 1.36
N GLU A 120 -2.48 11.87 1.63
CA GLU A 120 -2.16 12.96 0.67
C GLU A 120 -0.64 13.10 0.43
N PRO A 121 0.12 13.10 1.50
CA PRO A 121 1.59 13.30 1.41
C PRO A 121 2.26 12.30 0.45
N VAL A 122 1.81 11.09 0.38
CA VAL A 122 2.47 10.14 -0.55
C VAL A 122 1.65 10.02 -1.84
N ILE A 123 0.35 10.17 -1.75
CA ILE A 123 -0.48 10.08 -2.99
C ILE A 123 -0.03 11.22 -3.91
N ALA A 124 0.48 12.28 -3.32
CA ALA A 124 0.96 13.42 -4.14
C ALA A 124 1.99 12.89 -5.14
N LYS A 125 2.78 11.95 -4.70
CA LYS A 125 3.84 11.37 -5.57
C LYS A 125 3.23 10.36 -6.56
N LEU A 126 2.24 9.60 -6.17
CA LEU A 126 1.64 8.65 -7.15
C LEU A 126 0.97 9.47 -8.24
N LYS A 127 0.65 10.69 -7.93
CA LYS A 127 0.04 11.58 -8.95
C LYS A 127 1.02 11.64 -10.11
N ARG A 128 2.27 11.62 -9.77
CA ARG A 128 3.33 11.67 -10.79
C ARG A 128 3.54 10.25 -11.35
N LEU A 129 3.17 9.25 -10.60
CA LEU A 129 3.33 7.85 -11.07
C LEU A 129 2.92 7.75 -12.54
MG MG B . 0.04 -7.08 8.46
PG APC C . -3.70 -5.75 11.20
O1G APC C . -4.62 -6.27 12.41
O2G APC C . -2.89 -6.86 10.64
O3G APC C . -4.57 -5.08 10.03
PB APC C . -1.87 -4.38 13.05
O1B APC C . -2.64 -5.07 14.29
O2B APC C . -0.55 -5.01 12.86
O3B APC C . -2.72 -4.56 11.69
PA APC C . -1.62 -2.73 14.78
O1A APC C . -0.59 -3.64 15.32
O2A APC C . -2.99 -2.81 15.34
C3A APC C . -1.69 -2.93 13.32
O5' APC C . -1.10 -1.22 15.09
C5' APC C . -1.22 -0.18 14.11
C4' APC C . -2.55 0.56 14.23
O4' APC C . -2.43 1.93 13.82
C3' APC C . -3.57 -0.09 13.34
O3' APC C . -4.46 -0.93 14.07
C2' APC C . -4.31 1.02 12.65
O2' APC C . -5.66 1.11 13.11
C1' APC C . -3.55 2.30 12.99
N9 APC C . -3.12 2.94 11.74
C8 APC C . -2.37 2.44 10.72
N7 APC C . -2.27 3.16 9.65
C5 APC C . -3.02 4.29 9.99
C6 APC C . -3.35 5.47 9.30
N6 APC C . -2.93 5.72 8.06
N1 APC C . -4.11 6.37 9.94
C2 APC C . -4.54 6.13 11.18
N3 APC C . -4.31 5.05 11.92
C4 APC C . -3.54 4.16 11.26
HOG3 APC C . -4.20 -4.21 9.85
H3A1 APC C . -0.78 -2.58 12.84
H3A2 APC C . -2.55 -2.38 12.92
H5'1 APC C . -1.13 -0.62 13.12
H5'2 APC C . -0.41 0.52 14.25
H4' APC C . -2.90 0.51 15.26
H3' APC C . -3.05 -0.68 12.57
HO3' APC C . -4.70 -1.74 13.60
H2' APC C . -4.30 0.87 11.58
HO2' APC C . -6.19 1.37 12.36
H1' APC C . -4.21 2.97 13.53
H8 APC C . -1.86 1.49 10.82
HN61 APC C . -2.36 5.06 7.57
HN62 APC C . -3.19 6.59 7.62
H2 APC C . -5.13 6.92 11.65
CO CON D . -4.11 -6.58 14.42
N1 CON D . -3.59 -6.89 16.44
N2 CON D . -5.58 -8.09 14.56
N3 CON D . -5.51 -5.13 15.02
N4 CON D . -2.68 -8.02 13.84
HN11 CON D . -4.14 -6.33 17.00
HN12 CON D . -2.67 -6.66 16.58
HN13 CON D . -3.72 -7.82 16.67
HN21 CON D . -6.42 -7.69 14.81
HN22 CON D . -5.66 -8.53 13.71
HN23 CON D . -5.32 -8.72 15.23
HN31 CON D . -6.34 -5.27 14.55
HN32 CON D . -5.18 -4.26 14.81
HN33 CON D . -5.67 -5.20 15.96
HN41 CON D . -2.60 -8.02 12.88
HN42 CON D . -1.83 -7.82 14.23
HN43 CON D . -2.97 -8.88 14.13
N MET A 1 -1.03 7.07 22.23
CA MET A 1 -0.18 8.23 22.62
C MET A 1 1.25 8.01 22.10
N LYS A 2 1.40 7.16 21.13
CA LYS A 2 2.75 6.90 20.56
C LYS A 2 2.66 6.85 19.03
N LYS A 3 3.66 6.33 18.37
CA LYS A 3 3.62 6.27 16.88
C LYS A 3 3.44 4.81 16.42
N LEU A 4 2.87 4.64 15.25
CA LEU A 4 2.64 3.27 14.70
C LEU A 4 3.00 3.29 13.21
N GLN A 5 3.86 2.43 12.72
CA GLN A 5 4.18 2.47 11.26
C GLN A 5 3.33 1.46 10.50
N ILE A 6 3.27 1.58 9.20
CA ILE A 6 2.47 0.63 8.40
C ILE A 6 3.31 0.13 7.23
N ALA A 7 3.57 -1.15 7.18
CA ALA A 7 4.37 -1.69 6.05
C ALA A 7 3.41 -2.00 4.90
N VAL A 8 2.76 -1.00 4.38
CA VAL A 8 1.81 -1.24 3.26
C VAL A 8 2.56 -1.44 1.95
N GLY A 9 3.12 -0.40 1.39
CA GLY A 9 3.84 -0.58 0.11
C GLY A 9 2.87 -1.17 -0.89
N ILE A 10 2.14 -0.33 -1.56
CA ILE A 10 1.17 -0.84 -2.55
C ILE A 10 1.86 -1.88 -3.41
N ILE A 11 1.13 -2.62 -4.17
CA ILE A 11 1.77 -3.66 -5.01
C ILE A 11 1.27 -3.53 -6.45
N ARG A 12 1.99 -2.84 -7.27
CA ARG A 12 1.58 -2.67 -8.69
C ARG A 12 1.89 -3.97 -9.41
N ASN A 13 1.57 -4.10 -10.66
CA ASN A 13 1.82 -5.43 -11.28
C ASN A 13 2.11 -5.38 -12.79
N GLU A 14 1.22 -4.91 -13.63
CA GLU A 14 1.52 -4.98 -15.09
C GLU A 14 2.19 -3.69 -15.58
N ASN A 15 1.88 -2.63 -14.95
CA ASN A 15 2.50 -1.32 -15.29
C ASN A 15 2.24 -0.44 -14.10
N ASN A 16 1.05 -0.55 -13.60
CA ASN A 16 0.64 0.18 -12.40
C ASN A 16 -0.54 -0.60 -11.84
N GLU A 17 -0.52 -1.91 -11.97
CA GLU A 17 -1.68 -2.68 -11.44
C GLU A 17 -1.47 -2.89 -9.95
N ILE A 18 -1.91 -1.95 -9.16
CA ILE A 18 -1.75 -2.07 -7.69
C ILE A 18 -2.84 -2.98 -7.15
N PHE A 19 -2.53 -3.71 -6.11
CA PHE A 19 -3.56 -4.58 -5.48
C PHE A 19 -4.41 -3.69 -4.55
N ILE A 20 -4.81 -2.54 -5.04
CA ILE A 20 -5.58 -1.59 -4.23
C ILE A 20 -7.05 -1.98 -4.15
N THR A 21 -7.66 -1.60 -3.08
CA THR A 21 -9.11 -1.87 -2.89
C THR A 21 -9.88 -1.01 -3.90
N ARG A 22 -10.03 -1.46 -5.11
CA ARG A 22 -10.73 -0.64 -6.13
C ARG A 22 -12.24 -0.75 -5.93
N ARG A 23 -12.77 0.09 -5.06
CA ARG A 23 -14.24 0.07 -4.78
C ARG A 23 -14.80 -1.34 -4.94
N ALA A 24 -14.35 -2.26 -4.13
CA ALA A 24 -14.85 -3.66 -4.23
C ALA A 24 -16.37 -3.63 -4.44
N ALA A 25 -17.06 -2.77 -3.74
CA ALA A 25 -18.54 -2.70 -3.90
C ALA A 25 -18.87 -1.87 -5.15
N ASP A 26 -20.13 -1.69 -5.44
CA ASP A 26 -20.50 -0.89 -6.64
C ASP A 26 -20.37 0.59 -6.32
N ALA A 27 -19.44 1.27 -6.93
CA ALA A 27 -19.27 2.73 -6.65
C ALA A 27 -19.66 3.55 -7.87
N HIS A 28 -19.48 3.01 -9.05
CA HIS A 28 -19.82 3.78 -10.27
C HIS A 28 -19.19 5.16 -10.17
N MET A 29 -18.10 5.27 -9.47
CA MET A 29 -17.44 6.60 -9.32
C MET A 29 -15.91 6.45 -9.42
N ALA A 30 -15.24 6.42 -8.28
CA ALA A 30 -13.75 6.29 -8.28
C ALA A 30 -13.22 6.98 -7.02
N ASN A 31 -11.93 7.15 -6.92
CA ASN A 31 -11.35 7.80 -5.71
C ASN A 31 -11.29 6.76 -4.58
N LYS A 32 -11.88 5.61 -4.78
CA LYS A 32 -11.88 4.55 -3.74
C LYS A 32 -10.59 3.74 -3.81
N LEU A 33 -9.46 4.40 -3.72
CA LEU A 33 -8.15 3.69 -3.79
C LEU A 33 -7.38 3.94 -2.49
N GLU A 34 -7.51 3.06 -1.53
CA GLU A 34 -6.80 3.27 -0.22
C GLU A 34 -5.38 2.67 -0.26
N PHE A 35 -5.04 1.83 0.69
CA PHE A 35 -3.66 1.23 0.68
C PHE A 35 -3.64 -0.04 1.53
N PRO A 36 -3.13 -1.10 0.95
CA PRO A 36 -3.00 -2.39 1.65
C PRO A 36 -2.02 -2.26 2.82
N GLY A 37 -2.51 -2.05 4.01
CA GLY A 37 -1.61 -1.89 5.19
C GLY A 37 -0.67 -3.09 5.33
N GLY A 38 -0.24 -3.36 6.54
CA GLY A 38 0.69 -4.50 6.77
C GLY A 38 1.32 -4.33 8.16
N LYS A 39 1.54 -3.10 8.55
CA LYS A 39 2.15 -2.82 9.89
C LYS A 39 3.58 -3.34 9.94
N ILE A 40 4.55 -2.47 9.80
CA ILE A 40 5.97 -2.95 9.86
C ILE A 40 6.36 -3.09 11.34
N GLU A 41 7.02 -4.16 11.68
CA GLU A 41 7.43 -4.36 13.10
C GLU A 41 8.37 -5.56 13.23
N MET A 42 8.19 -6.57 12.41
CA MET A 42 9.08 -7.76 12.51
C MET A 42 10.53 -7.36 12.24
N GLY A 43 11.46 -8.09 12.81
CA GLY A 43 12.89 -7.75 12.60
C GLY A 43 13.18 -6.35 13.12
N GLU A 44 13.77 -5.52 12.31
CA GLU A 44 14.08 -4.13 12.74
C GLU A 44 14.33 -3.26 11.51
N THR A 45 13.86 -3.68 10.38
CA THR A 45 14.08 -2.89 9.14
C THR A 45 12.87 -3.08 8.23
N PRO A 46 12.45 -2.02 7.58
CA PRO A 46 11.29 -2.06 6.68
C PRO A 46 11.33 -3.30 5.78
N GLU A 47 12.47 -3.91 5.61
CA GLU A 47 12.52 -5.14 4.75
C GLU A 47 11.93 -6.32 5.53
N GLN A 48 12.69 -6.93 6.40
CA GLN A 48 12.11 -8.08 7.16
C GLN A 48 10.75 -7.68 7.72
N ALA A 49 10.60 -6.45 8.07
CA ALA A 49 9.30 -6.00 8.64
C ALA A 49 8.19 -6.13 7.61
N VAL A 50 8.28 -5.41 6.52
CA VAL A 50 7.20 -5.48 5.48
C VAL A 50 7.22 -6.84 4.78
N VAL A 51 8.37 -7.26 4.36
CA VAL A 51 8.52 -8.56 3.66
C VAL A 51 7.96 -9.70 4.52
N ARG A 52 8.18 -9.65 5.81
CA ARG A 52 7.66 -10.72 6.70
C ARG A 52 6.18 -10.44 6.92
N GLU A 53 5.83 -9.17 6.94
CA GLU A 53 4.41 -8.78 7.08
C GLU A 53 3.71 -9.12 5.77
N LEU A 54 4.50 -9.40 4.77
CA LEU A 54 3.96 -9.74 3.43
C LEU A 54 3.52 -11.21 3.42
N GLN A 55 4.42 -12.09 3.76
CA GLN A 55 4.09 -13.55 3.77
C GLN A 55 3.10 -13.89 4.90
N GLU A 56 3.19 -13.21 6.02
CA GLU A 56 2.28 -13.55 7.15
C GLU A 56 0.81 -13.27 6.79
N GLU A 57 0.54 -12.37 5.88
CA GLU A 57 -0.89 -12.11 5.53
C GLU A 57 -1.39 -13.19 4.56
N VAL A 58 -1.09 -13.05 3.29
CA VAL A 58 -1.56 -14.06 2.29
C VAL A 58 -0.64 -15.29 2.33
N GLY A 59 0.48 -15.23 1.65
CA GLY A 59 1.41 -16.39 1.68
C GLY A 59 2.14 -16.57 0.34
N ILE A 60 2.24 -15.54 -0.47
CA ILE A 60 2.96 -15.69 -1.77
C ILE A 60 4.47 -15.59 -1.50
N THR A 61 5.24 -15.02 -2.38
CA THR A 61 6.70 -14.93 -2.11
C THR A 61 7.33 -13.70 -2.81
N PRO A 62 7.45 -13.71 -4.12
CA PRO A 62 8.03 -12.56 -4.84
C PRO A 62 7.19 -11.33 -4.60
N GLN A 63 7.51 -10.27 -5.28
CA GLN A 63 6.79 -8.98 -5.14
C GLN A 63 7.78 -7.88 -5.48
N HIS A 64 9.05 -8.17 -5.35
CA HIS A 64 10.08 -7.14 -5.69
C HIS A 64 9.67 -5.83 -5.03
N PHE A 65 9.60 -5.83 -3.74
CA PHE A 65 9.18 -4.61 -3.01
C PHE A 65 10.15 -3.46 -3.28
N SER A 66 9.67 -2.26 -3.12
CA SER A 66 10.52 -1.06 -3.35
C SER A 66 9.97 0.06 -2.47
N LEU A 67 10.79 0.84 -1.85
CA LEU A 67 10.26 1.93 -0.98
C LEU A 67 9.54 2.97 -1.84
N PHE A 68 10.27 3.68 -2.65
CA PHE A 68 9.67 4.73 -3.52
C PHE A 68 9.50 6.01 -2.69
N GLU A 69 8.93 5.91 -1.51
CA GLU A 69 8.75 7.10 -0.65
C GLU A 69 7.75 6.77 0.44
N LYS A 70 7.50 7.67 1.34
CA LYS A 70 6.53 7.37 2.42
C LYS A 70 6.04 8.66 3.08
N LEU A 71 5.11 8.56 3.99
CA LEU A 71 4.60 9.77 4.69
C LEU A 71 4.46 9.49 6.18
N GLU A 72 4.00 10.46 6.92
CA GLU A 72 3.80 10.27 8.38
C GLU A 72 2.74 11.26 8.83
N TYR A 73 1.50 10.86 8.80
CA TYR A 73 0.40 11.77 9.22
C TYR A 73 0.29 11.74 10.73
N GLU A 74 -0.36 12.70 11.32
CA GLU A 74 -0.45 12.70 12.79
C GLU A 74 -1.92 12.59 13.24
N PHE A 75 -2.13 12.20 14.47
CA PHE A 75 -3.51 12.06 15.00
C PHE A 75 -3.59 12.84 16.33
N PRO A 76 -4.75 12.84 16.95
CA PRO A 76 -4.94 13.54 18.23
C PRO A 76 -3.86 13.09 19.23
N ASP A 77 -3.33 11.93 19.03
CA ASP A 77 -2.26 11.42 19.93
C ASP A 77 -1.70 10.15 19.32
N ARG A 78 -1.68 10.09 18.02
CA ARG A 78 -1.16 8.88 17.33
C ARG A 78 -0.36 9.29 16.09
N HIS A 79 0.94 9.41 16.22
CA HIS A 79 1.77 9.78 15.04
C HIS A 79 1.99 8.54 14.19
N ILE A 80 1.14 8.33 13.21
CA ILE A 80 1.27 7.11 12.36
C ILE A 80 2.29 7.32 11.24
N THR A 81 2.81 6.23 10.75
CA THR A 81 3.78 6.26 9.64
C THR A 81 3.30 5.24 8.62
N LEU A 82 3.64 5.38 7.37
CA LEU A 82 3.14 4.39 6.39
C LEU A 82 4.21 4.07 5.35
N TRP A 83 5.11 3.16 5.65
CA TRP A 83 6.16 2.82 4.65
C TRP A 83 5.48 2.39 3.34
N PHE A 84 5.58 3.20 2.31
CA PHE A 84 4.94 2.82 1.01
C PHE A 84 5.90 1.97 0.19
N TRP A 85 6.08 0.73 0.55
CA TRP A 85 6.99 -0.13 -0.24
C TRP A 85 6.28 -0.61 -1.51
N LEU A 86 6.36 0.14 -2.58
CA LEU A 86 5.67 -0.28 -3.83
C LEU A 86 6.36 -1.53 -4.40
N VAL A 87 5.59 -2.53 -4.77
CA VAL A 87 6.20 -3.77 -5.34
C VAL A 87 5.61 -3.98 -6.75
N GLU A 88 6.13 -4.89 -7.53
CA GLU A 88 5.58 -5.05 -8.91
C GLU A 88 5.76 -6.47 -9.49
N ARG A 89 5.93 -7.49 -8.71
CA ARG A 89 6.08 -8.85 -9.32
C ARG A 89 5.78 -9.95 -8.31
N TRP A 90 4.62 -9.93 -7.71
CA TRP A 90 4.27 -10.99 -6.73
C TRP A 90 3.95 -12.29 -7.49
N GLU A 91 4.05 -13.42 -6.83
CA GLU A 91 3.74 -14.70 -7.52
C GLU A 91 2.22 -14.90 -7.57
N GLY A 92 1.72 -15.44 -8.66
CA GLY A 92 0.25 -15.70 -8.81
C GLY A 92 -0.60 -14.69 -8.02
N GLU A 93 -0.77 -14.92 -6.74
CA GLU A 93 -1.60 -14.00 -5.92
C GLU A 93 -0.73 -12.94 -5.25
N PRO A 94 -1.35 -11.84 -4.91
CA PRO A 94 -0.69 -10.72 -4.24
C PRO A 94 -0.61 -11.00 -2.73
N TRP A 95 -0.47 -9.97 -1.94
CA TRP A 95 -0.41 -10.13 -0.47
C TRP A 95 -0.06 -8.81 0.21
N GLY A 96 -0.96 -8.26 0.97
CA GLY A 96 -0.68 -6.95 1.65
C GLY A 96 -2.00 -6.36 2.16
N LYS A 97 -3.05 -6.54 1.41
CA LYS A 97 -4.38 -5.99 1.82
C LYS A 97 -4.59 -6.15 3.33
N GLU A 98 -4.23 -5.16 4.10
CA GLU A 98 -4.45 -5.26 5.56
C GLU A 98 -5.96 -5.24 5.84
N GLY A 99 -6.57 -6.38 5.99
CA GLY A 99 -8.04 -6.41 6.24
C GLY A 99 -8.72 -5.57 5.16
N GLN A 100 -8.36 -5.78 3.93
CA GLN A 100 -8.98 -5.01 2.81
C GLN A 100 -9.09 -5.93 1.58
N PRO A 101 -9.89 -5.54 0.63
CA PRO A 101 -10.10 -6.37 -0.58
C PRO A 101 -8.81 -6.48 -1.36
N GLY A 102 -8.18 -5.38 -1.64
CA GLY A 102 -6.92 -5.41 -2.40
C GLY A 102 -7.17 -6.08 -3.75
N GLU A 103 -7.05 -5.35 -4.80
CA GLU A 103 -7.29 -5.96 -6.15
C GLU A 103 -6.45 -5.25 -7.21
N TRP A 104 -5.75 -5.99 -8.03
CA TRP A 104 -4.92 -5.33 -9.08
C TRP A 104 -5.78 -4.27 -9.76
N MET A 105 -5.26 -3.10 -9.95
CA MET A 105 -6.07 -2.03 -10.57
C MET A 105 -5.34 -1.48 -11.79
N SER A 106 -5.95 -1.55 -12.94
CA SER A 106 -5.28 -1.02 -14.16
C SER A 106 -5.47 0.50 -14.21
N LEU A 107 -4.94 1.20 -13.24
CA LEU A 107 -5.09 2.68 -13.22
C LEU A 107 -4.08 3.31 -14.19
N VAL A 108 -2.84 2.89 -14.11
CA VAL A 108 -1.78 3.44 -15.02
C VAL A 108 -1.26 4.76 -14.47
N GLY A 109 0.02 4.82 -14.18
CA GLY A 109 0.61 6.08 -13.64
C GLY A 109 -0.40 6.75 -12.71
N LEU A 110 -0.45 6.31 -11.49
CA LEU A 110 -1.43 6.88 -10.53
C LEU A 110 -1.52 8.41 -10.70
N ASN A 111 -2.54 9.00 -10.15
CA ASN A 111 -2.71 10.47 -10.29
C ASN A 111 -3.28 11.11 -9.02
N ALA A 112 -3.62 10.33 -8.04
CA ALA A 112 -4.22 10.91 -6.79
C ALA A 112 -5.68 11.25 -7.07
N ASP A 113 -6.10 11.12 -8.30
CA ASP A 113 -7.50 11.42 -8.66
C ASP A 113 -8.36 10.23 -8.27
N ASP A 114 -7.73 9.10 -8.07
CA ASP A 114 -8.48 7.86 -7.70
C ASP A 114 -8.17 7.51 -6.25
N PHE A 115 -7.21 8.14 -5.66
CA PHE A 115 -6.86 7.84 -4.24
C PHE A 115 -7.39 8.95 -3.33
N PRO A 116 -7.72 8.58 -2.11
CA PRO A 116 -8.25 9.52 -1.11
C PRO A 116 -7.20 10.58 -0.75
N PRO A 117 -7.67 11.77 -0.49
CA PRO A 117 -6.80 12.90 -0.13
C PRO A 117 -6.12 12.64 1.22
N ALA A 118 -6.74 11.87 2.08
CA ALA A 118 -6.12 11.60 3.41
C ALA A 118 -4.63 11.31 3.24
N ASN A 119 -4.30 10.38 2.39
CA ASN A 119 -2.87 10.04 2.17
C ASN A 119 -2.34 10.91 1.03
N GLU A 120 -2.56 12.18 1.12
CA GLU A 120 -2.08 13.12 0.07
C GLU A 120 -0.55 13.21 0.01
N PRO A 121 0.10 13.19 1.15
CA PRO A 121 1.58 13.32 1.20
C PRO A 121 2.28 12.27 0.33
N VAL A 122 1.77 11.07 0.27
CA VAL A 122 2.43 10.05 -0.57
C VAL A 122 1.68 9.92 -1.90
N ILE A 123 0.39 10.09 -1.89
CA ILE A 123 -0.37 10.01 -3.17
C ILE A 123 0.16 11.13 -4.08
N ALA A 124 0.76 12.13 -3.48
CA ALA A 124 1.33 13.25 -4.28
C ALA A 124 2.41 12.69 -5.19
N LYS A 125 3.13 11.73 -4.71
CA LYS A 125 4.22 11.11 -5.50
C LYS A 125 3.65 10.13 -6.53
N LEU A 126 2.64 9.37 -6.20
CA LEU A 126 2.06 8.43 -7.19
C LEU A 126 1.48 9.27 -8.33
N LYS A 127 1.17 10.49 -8.03
CA LYS A 127 0.63 11.38 -9.08
C LYS A 127 1.65 11.37 -10.22
N ARG A 128 2.89 11.36 -9.86
CA ARG A 128 3.98 11.33 -10.86
C ARG A 128 4.15 9.89 -11.36
N LEU A 129 3.76 8.94 -10.55
CA LEU A 129 3.88 7.50 -10.95
C LEU A 129 3.60 7.34 -12.45
MG MG B . 0.20 -7.33 8.97
PG APC C . -5.35 -4.88 10.97
O1G APC C . -5.68 -5.13 12.53
O2G APC C . -6.27 -5.67 10.10
O3G APC C . -5.43 -3.32 10.59
PB APC C . -2.49 -4.90 11.42
O1B APC C . -2.67 -5.20 12.99
O2B APC C . -1.37 -5.69 10.88
O3B APC C . -3.83 -5.28 10.65
PA APC C . -1.65 -2.89 12.46
O1A APC C . -0.45 -3.66 12.84
O2A APC C . -2.73 -2.75 13.46
C3A APC C . -2.22 -3.46 11.23
O5' APC C . -1.16 -1.40 12.09
C5' APC C . -0.94 -0.41 13.09
C4' APC C . -2.24 0.23 13.60
O4' APC C . -2.19 1.66 13.48
C3' APC C . -3.44 -0.26 12.81
O3' APC C . -4.27 -1.10 13.62
C2' APC C . -4.19 0.97 12.36
O2' APC C . -5.48 1.03 12.94
C1' APC C . -3.34 2.16 12.78
N9 APC C . -2.94 2.92 11.58
C8 APC C . -2.21 2.50 10.53
N7 APC C . -2.02 3.35 9.56
C5 APC C . -2.71 4.47 10.04
C6 APC C . -2.91 5.75 9.51
N6 APC C . -2.42 6.14 8.33
N1 APC C . -3.65 6.62 10.24
C2 APC C . -4.13 6.25 11.42
N3 APC C . -4.01 5.06 12.02
C4 APC C . -3.27 4.21 11.27
HOG3 APC C . -4.86 -2.85 11.21
H3A1 APC C . -1.51 -3.32 10.41
H3A2 APC C . -3.15 -2.93 10.99
H5'1 APC C . -0.32 0.37 12.65
H5'2 APC C . -0.41 -0.85 13.93
H4' APC C . -2.37 -0.03 14.64
H3' APC C . -3.10 -0.82 11.93
HO3' APC C . -5.03 -1.43 13.14
H2' APC C . -4.27 0.95 11.27
HO2' APC C . -6.05 1.47 12.30
H1' APC C . -3.92 2.81 13.44
H8 APC C . -1.79 1.50 10.51
HN61 APC C . -1.87 5.50 7.78
HN62 APC C . -2.60 7.08 7.99
H2 APC C . -4.72 7.00 11.96
CO CON D . -4.40 -5.61 14.14
N1 CON D . -3.15 -6.11 15.76
N2 CON D . -6.09 -6.02 15.34
N3 CON D . -4.45 -3.61 14.79
N4 CON D . -4.38 -7.63 13.50
HN11 CON D . -3.03 -7.06 15.79
HN12 CON D . -3.56 -5.82 16.58
HN13 CON D . -2.30 -5.68 15.66
HN21 CON D . -5.87 -5.91 16.25
HN22 CON D . -6.80 -5.41 15.11
HN23 CON D . -6.38 -6.91 15.18
HN31 CON D . -4.68 -3.04 14.05
HN32 CON D . -3.59 -3.36 15.13
HN33 CON D . -5.11 -3.50 15.48
HN41 CON D . -4.51 -7.66 12.55
HN42 CON D . -3.54 -8.02 13.72
HN43 CON D . -5.09 -8.09 13.94
N MET A 1 0.55 9.50 22.54
CA MET A 1 0.12 8.21 23.17
C MET A 1 1.01 7.08 22.67
N LYS A 2 1.50 7.19 21.47
CA LYS A 2 2.36 6.11 20.92
C LYS A 2 2.56 6.33 19.42
N LYS A 3 3.01 5.33 18.73
CA LYS A 3 3.19 5.45 17.27
C LYS A 3 3.18 4.06 16.64
N LEU A 4 2.74 3.96 15.43
CA LEU A 4 2.73 2.63 14.76
C LEU A 4 2.94 2.82 13.26
N GLN A 5 3.81 2.07 12.65
CA GLN A 5 4.04 2.27 11.19
C GLN A 5 3.27 1.20 10.44
N ILE A 6 2.94 1.48 9.21
CA ILE A 6 2.18 0.50 8.42
C ILE A 6 3.03 0.06 7.22
N ALA A 7 3.37 -1.20 7.17
CA ALA A 7 4.19 -1.70 6.04
C ALA A 7 3.27 -2.02 4.85
N VAL A 8 2.65 -1.01 4.29
CA VAL A 8 1.74 -1.27 3.16
C VAL A 8 2.53 -1.46 1.86
N GLY A 9 3.02 -0.41 1.27
CA GLY A 9 3.77 -0.57 0.01
C GLY A 9 2.81 -1.14 -1.04
N ILE A 10 2.19 -0.29 -1.78
CA ILE A 10 1.22 -0.77 -2.81
C ILE A 10 1.92 -1.81 -3.67
N ILE A 11 1.17 -2.59 -4.37
CA ILE A 11 1.79 -3.64 -5.21
C ILE A 11 1.25 -3.54 -6.63
N ARG A 12 1.92 -2.79 -7.48
CA ARG A 12 1.44 -2.67 -8.89
C ARG A 12 1.81 -3.97 -9.57
N ASN A 13 1.47 -4.17 -10.81
CA ASN A 13 1.81 -5.49 -11.38
C ASN A 13 1.93 -5.54 -12.92
N GLU A 14 0.91 -5.25 -13.66
CA GLU A 14 1.06 -5.41 -15.16
C GLU A 14 1.54 -4.12 -15.82
N ASN A 15 1.25 -3.03 -15.21
CA ASN A 15 1.69 -1.71 -15.73
C ASN A 15 1.58 -0.78 -14.56
N ASN A 16 0.47 -0.91 -13.90
CA ASN A 16 0.18 -0.14 -12.70
C ASN A 16 -0.93 -0.92 -12.00
N GLU A 17 -0.89 -2.22 -12.09
CA GLU A 17 -1.97 -3.01 -11.44
C GLU A 17 -1.70 -3.10 -9.95
N ILE A 18 -2.08 -2.10 -9.21
CA ILE A 18 -1.84 -2.12 -7.75
C ILE A 18 -2.90 -2.99 -7.09
N PHE A 19 -2.52 -3.74 -6.09
CA PHE A 19 -3.51 -4.59 -5.36
C PHE A 19 -4.23 -3.70 -4.34
N ILE A 20 -4.63 -2.52 -4.75
CA ILE A 20 -5.30 -1.56 -3.85
C ILE A 20 -6.77 -1.91 -3.67
N THR A 21 -7.31 -1.56 -2.56
CA THR A 21 -8.75 -1.83 -2.30
C THR A 21 -9.58 -0.94 -3.22
N ARG A 22 -9.96 -1.45 -4.35
CA ARG A 22 -10.74 -0.63 -5.32
C ARG A 22 -12.24 -0.93 -5.21
N ARG A 23 -12.94 -0.18 -4.38
CA ARG A 23 -14.41 -0.38 -4.22
C ARG A 23 -14.78 -1.85 -4.43
N ALA A 24 -14.64 -2.66 -3.41
CA ALA A 24 -14.99 -4.11 -3.58
C ALA A 24 -16.30 -4.22 -4.38
N ALA A 25 -17.29 -3.45 -4.03
CA ALA A 25 -18.58 -3.50 -4.77
C ALA A 25 -18.46 -2.69 -6.06
N ASP A 26 -19.48 -2.69 -6.87
CA ASP A 26 -19.42 -1.89 -8.15
C ASP A 26 -19.65 -0.41 -7.83
N ALA A 27 -18.60 0.38 -7.86
CA ALA A 27 -18.76 1.83 -7.57
C ALA A 27 -18.71 2.65 -8.85
N HIS A 28 -19.61 3.57 -9.02
CA HIS A 28 -19.61 4.41 -10.25
C HIS A 28 -18.60 5.55 -10.08
N MET A 29 -17.88 5.55 -8.99
CA MET A 29 -16.88 6.63 -8.76
C MET A 29 -15.47 6.11 -9.05
N ALA A 30 -14.54 6.23 -8.12
CA ALA A 30 -13.16 5.72 -8.38
C ALA A 30 -12.14 6.32 -7.39
N ASN A 31 -12.53 7.22 -6.53
CA ASN A 31 -11.56 7.78 -5.54
C ASN A 31 -11.38 6.78 -4.40
N LYS A 32 -11.93 5.61 -4.54
CA LYS A 32 -11.81 4.57 -3.47
C LYS A 32 -10.46 3.85 -3.60
N LEU A 33 -9.37 4.55 -3.45
CA LEU A 33 -8.04 3.88 -3.55
C LEU A 33 -7.25 4.14 -2.26
N GLU A 34 -7.35 3.24 -1.32
CA GLU A 34 -6.60 3.42 -0.04
C GLU A 34 -5.22 2.75 -0.17
N PHE A 35 -4.72 2.19 0.88
CA PHE A 35 -3.39 1.53 0.79
C PHE A 35 -3.39 0.26 1.66
N PRO A 36 -3.00 -0.84 1.07
CA PRO A 36 -2.93 -2.13 1.78
C PRO A 36 -1.96 -2.01 2.95
N GLY A 37 -2.46 -1.76 4.14
CA GLY A 37 -1.58 -1.62 5.34
C GLY A 37 -0.65 -2.82 5.51
N GLY A 38 -0.41 -3.23 6.73
CA GLY A 38 0.48 -4.38 6.99
C GLY A 38 1.10 -4.25 8.38
N LYS A 39 1.37 -3.03 8.79
CA LYS A 39 1.96 -2.79 10.14
C LYS A 39 3.40 -3.30 10.20
N ILE A 40 4.35 -2.45 9.97
CA ILE A 40 5.77 -2.88 10.03
C ILE A 40 6.21 -2.94 11.49
N GLU A 41 6.89 -3.98 11.88
CA GLU A 41 7.35 -4.08 13.29
C GLU A 41 8.32 -5.25 13.43
N MET A 42 8.11 -6.31 12.69
CA MET A 42 9.03 -7.49 12.78
C MET A 42 10.48 -7.02 12.70
N GLY A 43 11.40 -7.78 13.21
CA GLY A 43 12.83 -7.37 13.15
C GLY A 43 12.94 -5.89 13.52
N GLU A 44 13.49 -5.10 12.64
CA GLU A 44 13.61 -3.65 12.93
C GLU A 44 13.87 -2.89 11.63
N THR A 45 13.53 -3.48 10.51
CA THR A 45 13.77 -2.79 9.21
C THR A 45 12.52 -2.93 8.34
N PRO A 46 12.18 -1.89 7.60
CA PRO A 46 11.01 -1.93 6.71
C PRO A 46 11.05 -3.17 5.83
N GLU A 47 12.19 -3.81 5.72
CA GLU A 47 12.28 -5.04 4.89
C GLU A 47 11.68 -6.20 5.67
N GLN A 48 12.41 -6.83 6.53
CA GLN A 48 11.83 -7.97 7.31
C GLN A 48 10.45 -7.58 7.82
N ALA A 49 10.27 -6.36 8.19
CA ALA A 49 8.96 -5.93 8.72
C ALA A 49 7.88 -6.05 7.65
N VAL A 50 8.02 -5.35 6.57
CA VAL A 50 6.97 -5.43 5.50
C VAL A 50 7.00 -6.79 4.81
N VAL A 51 8.15 -7.22 4.42
CA VAL A 51 8.32 -8.53 3.72
C VAL A 51 7.76 -9.67 4.59
N ARG A 52 7.94 -9.59 5.88
CA ARG A 52 7.42 -10.65 6.77
C ARG A 52 5.93 -10.41 6.97
N GLU A 53 5.57 -9.17 7.09
CA GLU A 53 4.13 -8.82 7.22
C GLU A 53 3.46 -9.17 5.89
N LEU A 54 4.27 -9.38 4.89
CA LEU A 54 3.77 -9.72 3.53
C LEU A 54 3.43 -11.21 3.47
N GLN A 55 4.24 -12.02 4.09
CA GLN A 55 4.00 -13.49 4.07
C GLN A 55 2.92 -13.83 5.09
N GLU A 56 3.09 -13.39 6.29
CA GLU A 56 2.09 -13.69 7.35
C GLU A 56 0.67 -13.47 6.81
N GLU A 57 0.51 -12.65 5.80
CA GLU A 57 -0.83 -12.42 5.23
C GLU A 57 -1.22 -13.59 4.30
N VAL A 58 -1.00 -13.43 3.01
CA VAL A 58 -1.33 -14.51 2.05
C VAL A 58 -0.23 -15.57 2.04
N GLY A 59 0.87 -15.31 1.39
CA GLY A 59 1.97 -16.31 1.37
C GLY A 59 2.63 -16.42 -0.02
N ILE A 60 2.78 -15.33 -0.73
CA ILE A 60 3.44 -15.42 -2.07
C ILE A 60 4.95 -15.19 -1.89
N THR A 61 5.62 -14.59 -2.85
CA THR A 61 7.10 -14.37 -2.65
C THR A 61 7.69 -13.31 -3.61
N PRO A 62 7.65 -13.59 -4.90
CA PRO A 62 8.25 -12.68 -5.92
C PRO A 62 7.69 -11.26 -5.88
N GLN A 63 6.75 -10.96 -5.03
CA GLN A 63 6.20 -9.58 -5.01
C GLN A 63 7.34 -8.57 -5.17
N HIS A 64 8.53 -8.93 -4.79
CA HIS A 64 9.64 -7.96 -4.89
C HIS A 64 9.22 -6.72 -4.09
N PHE A 65 9.94 -5.65 -4.19
CA PHE A 65 9.52 -4.45 -3.40
C PHE A 65 10.46 -3.27 -3.62
N SER A 66 9.96 -2.10 -3.34
CA SER A 66 10.77 -0.86 -3.52
C SER A 66 10.17 0.21 -2.60
N LEU A 67 10.97 1.10 -2.08
CA LEU A 67 10.43 2.15 -1.18
C LEU A 67 9.57 3.13 -1.97
N PHE A 68 10.19 3.89 -2.84
CA PHE A 68 9.45 4.89 -3.67
C PHE A 68 9.24 6.17 -2.84
N GLU A 69 8.68 6.05 -1.66
CA GLU A 69 8.45 7.24 -0.78
C GLU A 69 7.23 7.00 0.11
N LYS A 70 7.34 7.28 1.38
CA LYS A 70 6.17 7.09 2.29
C LYS A 70 5.83 8.41 2.98
N LEU A 71 5.09 8.35 4.05
CA LEU A 71 4.73 9.60 4.77
C LEU A 71 4.64 9.33 6.27
N GLU A 72 4.43 10.36 7.03
CA GLU A 72 4.30 10.21 8.50
C GLU A 72 3.32 11.27 8.98
N TYR A 73 2.04 10.99 8.89
CA TYR A 73 1.04 11.99 9.32
C TYR A 73 0.80 11.83 10.81
N GLU A 74 0.94 12.89 11.56
CA GLU A 74 0.71 12.77 13.02
C GLU A 74 -0.74 13.13 13.31
N PHE A 75 -1.23 12.74 14.44
CA PHE A 75 -2.64 13.07 14.76
C PHE A 75 -2.71 13.72 16.15
N PRO A 76 -3.87 14.24 16.48
CA PRO A 76 -4.08 14.88 17.79
C PRO A 76 -3.57 13.97 18.91
N ASP A 77 -3.50 12.70 18.62
CA ASP A 77 -3.01 11.72 19.62
C ASP A 77 -2.81 10.39 18.91
N ARG A 78 -2.26 10.45 17.73
CA ARG A 78 -2.06 9.21 16.94
C ARG A 78 -0.87 9.39 15.99
N HIS A 79 0.31 9.05 16.43
CA HIS A 79 1.49 9.20 15.53
C HIS A 79 1.52 7.99 14.60
N ILE A 80 1.07 8.14 13.38
CA ILE A 80 1.07 6.97 12.47
C ILE A 80 1.99 7.16 11.27
N THR A 81 2.60 6.09 10.85
CA THR A 81 3.50 6.12 9.68
C THR A 81 2.93 5.16 8.62
N LEU A 82 3.40 5.24 7.40
CA LEU A 82 2.86 4.30 6.37
C LEU A 82 3.92 4.04 5.30
N TRP A 83 4.89 3.21 5.61
CA TRP A 83 5.94 2.91 4.59
C TRP A 83 5.27 2.48 3.28
N PHE A 84 5.63 3.09 2.18
CA PHE A 84 5.00 2.71 0.88
C PHE A 84 5.96 1.85 0.07
N TRP A 85 6.11 0.60 0.41
CA TRP A 85 7.03 -0.27 -0.36
C TRP A 85 6.33 -0.70 -1.65
N LEU A 86 6.51 0.04 -2.73
CA LEU A 86 5.84 -0.35 -4.01
C LEU A 86 6.52 -1.59 -4.58
N VAL A 87 5.74 -2.56 -4.97
CA VAL A 87 6.31 -3.80 -5.55
C VAL A 87 5.80 -3.93 -7.00
N GLU A 88 6.14 -4.97 -7.73
CA GLU A 88 5.63 -5.03 -9.13
C GLU A 88 5.62 -6.45 -9.71
N ARG A 89 5.97 -7.48 -8.99
CA ARG A 89 5.94 -8.83 -9.62
C ARG A 89 5.68 -9.93 -8.59
N TRP A 90 4.51 -9.99 -8.04
CA TRP A 90 4.22 -11.07 -7.06
C TRP A 90 3.88 -12.36 -7.80
N GLU A 91 3.83 -13.47 -7.11
CA GLU A 91 3.49 -14.75 -7.80
C GLU A 91 1.98 -15.00 -7.71
N GLY A 92 1.40 -15.56 -8.74
CA GLY A 92 -0.05 -15.84 -8.74
C GLY A 92 -0.83 -14.69 -8.09
N GLU A 93 -1.05 -14.76 -6.81
CA GLU A 93 -1.81 -13.67 -6.11
C GLU A 93 -0.85 -12.83 -5.27
N PRO A 94 -1.30 -11.66 -4.92
CA PRO A 94 -0.50 -10.72 -4.09
C PRO A 94 -0.51 -11.18 -2.63
N TRP A 95 -0.31 -10.27 -1.72
CA TRP A 95 -0.31 -10.63 -0.28
C TRP A 95 -0.02 -9.38 0.56
N GLY A 96 -0.68 -8.28 0.26
CA GLY A 96 -0.44 -7.04 1.05
C GLY A 96 -1.75 -6.46 1.57
N LYS A 97 -2.86 -6.80 0.97
CA LYS A 97 -4.15 -6.23 1.45
C LYS A 97 -4.26 -6.41 2.97
N GLU A 98 -4.06 -5.34 3.70
CA GLU A 98 -4.15 -5.43 5.18
C GLU A 98 -5.61 -5.33 5.61
N GLY A 99 -6.27 -6.44 5.79
CA GLY A 99 -7.70 -6.39 6.20
C GLY A 99 -8.50 -5.67 5.12
N GLN A 100 -7.91 -5.47 3.97
CA GLN A 100 -8.63 -4.78 2.86
C GLN A 100 -8.84 -5.77 1.72
N PRO A 101 -9.73 -5.44 0.83
CA PRO A 101 -10.04 -6.29 -0.32
C PRO A 101 -8.79 -6.46 -1.17
N GLY A 102 -8.06 -5.40 -1.41
CA GLY A 102 -6.83 -5.50 -2.24
C GLY A 102 -7.18 -6.10 -3.60
N GLU A 103 -7.08 -5.34 -4.65
CA GLU A 103 -7.43 -5.91 -5.99
C GLU A 103 -6.55 -5.29 -7.09
N TRP A 104 -5.99 -6.11 -7.96
CA TRP A 104 -5.16 -5.55 -9.05
C TRP A 104 -5.94 -4.42 -9.70
N MET A 105 -5.35 -3.27 -9.79
CA MET A 105 -6.07 -2.13 -10.39
C MET A 105 -5.26 -1.59 -11.56
N SER A 106 -5.68 -1.85 -12.77
CA SER A 106 -4.94 -1.32 -13.94
C SER A 106 -5.20 0.18 -13.99
N LEU A 107 -4.47 0.92 -13.21
CA LEU A 107 -4.68 2.40 -13.16
C LEU A 107 -3.99 3.07 -14.34
N VAL A 108 -2.68 3.30 -14.23
CA VAL A 108 -1.87 3.97 -15.31
C VAL A 108 -1.34 5.29 -14.77
N GLY A 109 -0.07 5.35 -14.42
CA GLY A 109 0.49 6.62 -13.87
C GLY A 109 -0.52 7.21 -12.90
N LEU A 110 -0.57 6.69 -11.70
CA LEU A 110 -1.55 7.19 -10.69
C LEU A 110 -1.67 8.71 -10.76
N ASN A 111 -2.71 9.25 -10.18
CA ASN A 111 -2.92 10.73 -10.24
C ASN A 111 -3.42 11.28 -8.89
N ALA A 112 -3.75 10.42 -7.96
CA ALA A 112 -4.31 10.88 -6.65
C ALA A 112 -5.80 11.13 -6.80
N ASP A 113 -6.25 11.40 -8.00
CA ASP A 113 -7.69 11.63 -8.24
C ASP A 113 -8.46 10.40 -7.76
N ASP A 114 -7.82 9.27 -7.82
CA ASP A 114 -8.46 8.01 -7.38
C ASP A 114 -8.11 7.74 -5.92
N PHE A 115 -7.05 8.35 -5.44
CA PHE A 115 -6.63 8.14 -4.03
C PHE A 115 -7.20 9.24 -3.13
N PRO A 116 -7.49 8.89 -1.91
CA PRO A 116 -8.03 9.84 -0.92
C PRO A 116 -6.96 10.89 -0.55
N PRO A 117 -7.39 12.10 -0.36
CA PRO A 117 -6.49 13.21 -0.01
C PRO A 117 -5.84 12.95 1.36
N ALA A 118 -6.49 12.22 2.22
CA ALA A 118 -5.90 11.92 3.56
C ALA A 118 -4.42 11.62 3.41
N ASN A 119 -4.07 10.76 2.48
CA ASN A 119 -2.64 10.43 2.27
C ASN A 119 -2.11 11.30 1.14
N GLU A 120 -2.26 12.58 1.26
CA GLU A 120 -1.79 13.52 0.21
C GLU A 120 -0.26 13.45 0.02
N PRO A 121 0.47 13.39 1.10
CA PRO A 121 1.95 13.36 1.03
C PRO A 121 2.48 12.24 0.13
N VAL A 122 2.00 11.04 0.27
CA VAL A 122 2.51 9.93 -0.60
C VAL A 122 1.70 9.87 -1.89
N ILE A 123 0.42 10.10 -1.81
CA ILE A 123 -0.40 10.06 -3.06
C ILE A 123 0.10 11.18 -3.97
N ALA A 124 0.76 12.15 -3.39
CA ALA A 124 1.30 13.28 -4.19
C ALA A 124 2.34 12.72 -5.15
N LYS A 125 2.99 11.68 -4.72
CA LYS A 125 4.05 11.05 -5.55
C LYS A 125 3.43 10.12 -6.60
N LEU A 126 2.40 9.38 -6.27
CA LEU A 126 1.78 8.50 -7.29
C LEU A 126 1.18 9.40 -8.38
N LYS A 127 0.93 10.62 -8.05
CA LYS A 127 0.39 11.56 -9.04
C LYS A 127 1.37 11.62 -10.20
N ARG A 128 2.63 11.54 -9.84
CA ARG A 128 3.71 11.57 -10.86
C ARG A 128 3.88 10.16 -11.42
N LEU A 129 3.44 9.18 -10.69
CA LEU A 129 3.58 7.77 -11.16
C LEU A 129 3.25 7.69 -12.65
MG MG B . 0.04 -7.32 8.57
PG APC C . -4.42 -4.83 11.08
O1G APC C . -5.13 -5.68 12.24
O2G APC C . -4.79 -5.36 9.74
O3G APC C . -4.81 -3.26 11.17
PB APC C . -1.89 -4.73 12.55
O1B APC C . -2.49 -5.67 13.71
O2B APC C . -0.53 -5.17 12.20
O3B APC C . -2.82 -4.83 11.23
PA APC C . -1.73 -3.31 14.50
O1A APC C . -0.63 -4.22 14.87
O2A APC C . -3.07 -3.55 15.08
C3A APC C . -1.86 -3.32 13.03
O5' APC C . -1.28 -1.83 14.96
C5' APC C . -1.37 -0.72 14.07
C4' APC C . -2.69 0.03 14.22
O4' APC C . -2.54 1.44 13.98
C3' APC C . -3.70 -0.50 13.22
O3' APC C . -4.64 -1.37 13.85
C2' APC C . -4.38 0.71 12.64
O2' APC C . -5.76 0.76 13.03
C1' APC C . -3.63 1.92 13.16
N9 APC C . -3.14 2.74 12.03
C8 APC C . -2.35 2.38 10.99
N7 APC C . -2.13 3.26 10.08
C5 APC C . -2.87 4.34 10.55
C6 APC C . -3.07 5.64 10.05
N6 APC C . -2.54 6.07 8.92
N1 APC C . -3.84 6.46 10.78
C2 APC C . -4.38 6.05 11.92
N3 APC C . -4.25 4.85 12.49
C4 APC C . -3.48 4.03 11.74
HOG3 APC C . -4.14 -2.77 10.70
H3A1 APC C . -1.01 -2.81 12.58
H3A2 APC C . -2.78 -2.82 12.73
H5'1 APC C . -1.27 -1.06 13.05
H5'2 APC C . -0.55 -0.04 14.29
H4' APC C . -3.07 -0.13 15.23
H3' APC C . -3.17 -1.03 12.42
HO3' APC C . -4.35 -1.65 14.72
H2' APC C . -4.31 0.68 11.55
HO2' APC C . -6.25 1.09 12.28
H1' APC C . -4.30 2.53 13.77
H8 APC C . -1.89 1.38 10.94
HN61 APC C . -1.96 5.46 8.37
HN62 APC C . -2.71 7.02 8.60
H2 APC C . -4.97 6.78 12.47
CO CON D . -4.26 -6.84 13.79
N1 CON D . -3.40 -8.00 15.32
N2 CON D . -6.01 -8.00 13.88
N3 CON D . -5.04 -5.50 15.22
N4 CON D . -3.47 -8.17 12.35
HN11 CON D . -4.10 -8.33 15.90
HN12 CON D . -2.80 -7.46 15.84
HN13 CON D . -2.93 -8.73 14.93
HN21 CON D . -6.46 -7.98 13.04
HN22 CON D . -5.79 -8.90 14.09
HN23 CON D . -6.58 -7.65 14.56
HN31 CON D . -5.64 -4.89 14.79
HN32 CON D . -4.33 -5.01 15.63
HN33 CON D . -5.52 -5.99 15.89
HN41 CON D . -2.60 -7.87 12.09
HN42 CON D . -3.40 -9.04 12.75
HN43 CON D . -4.05 -8.20 11.60
N MET A 1 1.68 10.88 21.41
CA MET A 1 2.52 10.32 22.51
C MET A 1 2.90 8.88 22.16
N LYS A 2 2.84 8.53 20.90
CA LYS A 2 3.19 7.14 20.49
C LYS A 2 3.49 7.14 18.99
N LYS A 3 3.49 6.00 18.38
CA LYS A 3 3.77 5.96 16.91
C LYS A 3 3.07 4.73 16.31
N LEU A 4 2.89 4.74 15.02
CA LEU A 4 2.23 3.59 14.35
C LEU A 4 2.60 3.60 12.88
N GLN A 5 3.40 2.68 12.42
CA GLN A 5 3.75 2.68 10.97
C GLN A 5 2.99 1.57 10.27
N ILE A 6 3.03 1.56 8.96
CA ILE A 6 2.30 0.51 8.22
C ILE A 6 3.20 -0.03 7.11
N ALA A 7 3.44 -1.31 7.11
CA ALA A 7 4.31 -1.89 6.04
C ALA A 7 3.43 -2.21 4.84
N VAL A 8 2.82 -1.21 4.24
CA VAL A 8 1.95 -1.47 3.07
C VAL A 8 2.81 -1.66 1.82
N GLY A 9 3.30 -0.61 1.25
CA GLY A 9 4.10 -0.78 0.02
C GLY A 9 3.18 -1.36 -1.04
N ILE A 10 2.51 -0.52 -1.76
CA ILE A 10 1.57 -1.02 -2.79
C ILE A 10 2.32 -1.96 -3.70
N ILE A 11 1.63 -2.73 -4.45
CA ILE A 11 2.32 -3.70 -5.33
C ILE A 11 1.82 -3.56 -6.76
N ARG A 12 2.18 -2.49 -7.43
CA ARG A 12 1.75 -2.34 -8.86
C ARG A 12 2.66 -3.24 -9.69
N ASN A 13 2.30 -3.62 -10.88
CA ASN A 13 3.23 -4.54 -11.57
C ASN A 13 3.04 -4.66 -13.10
N GLU A 14 1.95 -4.30 -13.70
CA GLU A 14 1.90 -4.49 -15.19
C GLU A 14 2.35 -3.21 -15.87
N ASN A 15 2.05 -2.15 -15.22
CA ASN A 15 2.44 -0.79 -15.67
C ASN A 15 2.28 0.05 -14.44
N ASN A 16 1.16 -0.17 -13.82
CA ASN A 16 0.81 0.47 -12.56
C ASN A 16 -0.32 -0.39 -11.99
N GLU A 17 -0.24 -1.71 -12.15
CA GLU A 17 -1.35 -2.54 -11.66
C GLU A 17 -1.10 -2.99 -10.23
N ILE A 18 -1.61 -2.27 -9.26
CA ILE A 18 -1.39 -2.69 -7.86
C ILE A 18 -2.59 -3.47 -7.36
N PHE A 19 -2.36 -4.34 -6.43
CA PHE A 19 -3.45 -5.18 -5.82
C PHE A 19 -4.20 -4.33 -4.77
N ILE A 20 -4.51 -3.09 -5.10
CA ILE A 20 -5.20 -2.18 -4.13
C ILE A 20 -6.69 -2.45 -4.08
N THR A 21 -7.28 -2.12 -2.97
CA THR A 21 -8.76 -2.30 -2.84
C THR A 21 -9.45 -1.31 -3.78
N ARG A 22 -9.75 -1.74 -4.97
CA ARG A 22 -10.40 -0.84 -5.97
C ARG A 22 -11.91 -1.10 -6.03
N ARG A 23 -12.66 -0.51 -5.15
CA ARG A 23 -14.15 -0.70 -5.13
C ARG A 23 -14.51 -2.10 -5.63
N ALA A 24 -14.50 -3.07 -4.75
CA ALA A 24 -14.84 -4.46 -5.19
C ALA A 24 -16.06 -4.43 -6.11
N ALA A 25 -17.13 -3.82 -5.67
CA ALA A 25 -18.35 -3.74 -6.53
C ALA A 25 -18.14 -2.68 -7.61
N ASP A 26 -19.21 -2.21 -8.20
CA ASP A 26 -19.07 -1.18 -9.26
C ASP A 26 -18.86 0.19 -8.60
N ALA A 27 -19.36 0.37 -7.41
CA ALA A 27 -19.20 1.68 -6.72
C ALA A 27 -19.62 2.81 -7.65
N HIS A 28 -19.43 4.03 -7.22
CA HIS A 28 -19.82 5.19 -8.06
C HIS A 28 -19.04 6.42 -7.59
N MET A 29 -17.90 6.21 -6.98
CA MET A 29 -17.10 7.36 -6.49
C MET A 29 -15.67 7.29 -7.03
N ALA A 30 -15.09 6.13 -7.05
CA ALA A 30 -13.70 5.99 -7.58
C ALA A 30 -12.70 6.45 -6.52
N ASN A 31 -13.16 6.85 -5.37
CA ASN A 31 -12.21 7.26 -4.30
C ASN A 31 -11.90 6.05 -3.41
N LYS A 32 -12.32 4.89 -3.83
CA LYS A 32 -12.08 3.66 -3.04
C LYS A 32 -10.67 3.13 -3.27
N LEU A 33 -9.68 3.97 -3.43
CA LEU A 33 -8.30 3.46 -3.67
C LEU A 33 -7.44 3.75 -2.45
N GLU A 34 -7.44 2.87 -1.49
CA GLU A 34 -6.62 3.09 -0.26
C GLU A 34 -5.24 2.46 -0.45
N PHE A 35 -4.73 1.80 0.56
CA PHE A 35 -3.39 1.16 0.41
C PHE A 35 -3.32 -0.09 1.29
N PRO A 36 -2.86 -1.16 0.69
CA PRO A 36 -2.72 -2.46 1.39
C PRO A 36 -1.83 -2.29 2.62
N GLY A 37 -2.41 -2.08 3.77
CA GLY A 37 -1.61 -1.88 5.01
C GLY A 37 -0.65 -3.05 5.24
N GLY A 38 -0.39 -3.37 6.48
CA GLY A 38 0.55 -4.49 6.79
C GLY A 38 1.07 -4.33 8.22
N LYS A 39 1.36 -3.11 8.61
CA LYS A 39 1.88 -2.83 9.99
C LYS A 39 3.33 -3.30 10.12
N ILE A 40 4.25 -2.42 9.92
CA ILE A 40 5.69 -2.81 10.08
C ILE A 40 6.04 -2.79 11.56
N GLU A 41 6.67 -3.83 12.02
CA GLU A 41 7.05 -3.88 13.46
C GLU A 41 7.94 -5.09 13.72
N MET A 42 7.75 -6.15 12.98
CA MET A 42 8.58 -7.38 13.20
C MET A 42 10.06 -7.04 13.01
N GLY A 43 10.94 -7.89 13.48
CA GLY A 43 12.39 -7.62 13.34
C GLY A 43 12.69 -6.19 13.78
N GLU A 44 13.26 -5.41 12.90
CA GLU A 44 13.57 -4.00 13.24
C GLU A 44 13.92 -3.25 11.95
N THR A 45 13.41 -3.73 10.85
CA THR A 45 13.70 -3.07 9.55
C THR A 45 12.48 -3.21 8.66
N PRO A 46 12.19 -2.20 7.88
CA PRO A 46 11.04 -2.25 6.96
C PRO A 46 11.09 -3.52 6.13
N GLU A 47 12.22 -4.17 6.06
CA GLU A 47 12.30 -5.44 5.28
C GLU A 47 11.61 -6.55 6.08
N GLN A 48 12.28 -7.17 7.00
CA GLN A 48 11.62 -8.27 7.78
C GLN A 48 10.23 -7.82 8.21
N ALA A 49 10.08 -6.59 8.54
CA ALA A 49 8.75 -6.10 8.98
C ALA A 49 7.73 -6.24 7.85
N VAL A 50 7.91 -5.52 6.79
CA VAL A 50 6.93 -5.59 5.66
C VAL A 50 6.93 -6.98 5.02
N VAL A 51 8.08 -7.48 4.72
CA VAL A 51 8.21 -8.83 4.08
C VAL A 51 7.51 -9.89 4.94
N ARG A 52 7.75 -9.87 6.22
CA ARG A 52 7.11 -10.87 7.13
C ARG A 52 5.64 -10.50 7.25
N GLU A 53 5.34 -9.23 7.09
CA GLU A 53 3.92 -8.78 7.13
C GLU A 53 3.29 -9.15 5.79
N LEU A 54 4.12 -9.46 4.84
CA LEU A 54 3.65 -9.82 3.49
C LEU A 54 3.20 -11.27 3.51
N GLN A 55 4.08 -12.16 3.85
CA GLN A 55 3.72 -13.61 3.91
C GLN A 55 2.63 -13.83 4.97
N GLU A 56 2.83 -13.33 6.16
CA GLU A 56 1.80 -13.53 7.22
C GLU A 56 0.43 -13.07 6.71
N GLU A 57 0.41 -12.25 5.69
CA GLU A 57 -0.89 -11.78 5.15
C GLU A 57 -1.51 -12.85 4.24
N VAL A 58 -1.22 -12.78 2.97
CA VAL A 58 -1.78 -13.77 2.01
C VAL A 58 -0.97 -15.07 2.06
N GLY A 59 0.17 -15.11 1.42
CA GLY A 59 0.99 -16.36 1.46
C GLY A 59 1.65 -16.64 0.12
N ILE A 60 1.92 -15.65 -0.68
CA ILE A 60 2.59 -15.91 -1.99
C ILE A 60 4.09 -16.03 -1.72
N THR A 61 4.94 -15.60 -2.63
CA THR A 61 6.39 -15.72 -2.36
C THR A 61 7.14 -14.52 -2.97
N PRO A 62 7.23 -14.44 -4.28
CA PRO A 62 7.89 -13.33 -4.94
C PRO A 62 7.11 -12.04 -4.70
N GLN A 63 7.49 -11.02 -5.41
CA GLN A 63 6.85 -9.67 -5.30
C GLN A 63 7.99 -8.67 -5.22
N HIS A 64 9.16 -9.15 -4.86
CA HIS A 64 10.30 -8.23 -4.77
C HIS A 64 9.85 -7.07 -3.89
N PHE A 65 10.55 -5.97 -3.88
CA PHE A 65 10.08 -4.87 -3.00
C PHE A 65 10.96 -3.64 -3.16
N SER A 66 10.36 -2.48 -3.08
CA SER A 66 11.13 -1.21 -3.21
C SER A 66 10.49 -0.18 -2.27
N LEU A 67 11.27 0.65 -1.66
CA LEU A 67 10.68 1.66 -0.72
C LEU A 67 9.98 2.77 -1.51
N PHE A 68 10.73 3.54 -2.25
CA PHE A 68 10.15 4.67 -3.05
C PHE A 68 9.96 5.88 -2.13
N GLU A 69 9.32 5.69 -1.00
CA GLU A 69 9.12 6.82 -0.05
C GLU A 69 8.03 6.45 0.96
N LYS A 70 7.74 7.33 1.87
CA LYS A 70 6.70 7.03 2.88
C LYS A 70 6.19 8.34 3.49
N LEU A 71 4.92 8.43 3.79
CA LEU A 71 4.40 9.70 4.38
C LEU A 71 4.32 9.57 5.88
N GLU A 72 3.73 10.53 6.53
CA GLU A 72 3.58 10.47 8.00
C GLU A 72 2.46 11.43 8.42
N TYR A 73 1.27 10.91 8.58
CA TYR A 73 0.14 11.79 8.98
C TYR A 73 0.24 12.01 10.48
N GLU A 74 0.31 13.24 10.90
CA GLU A 74 0.44 13.49 12.35
C GLU A 74 -0.93 13.79 12.93
N PHE A 75 -1.18 13.34 14.13
CA PHE A 75 -2.50 13.60 14.76
C PHE A 75 -2.27 14.40 16.04
N PRO A 76 -3.34 14.89 16.62
CA PRO A 76 -3.24 15.66 17.87
C PRO A 76 -2.39 14.89 18.88
N ASP A 77 -2.43 13.59 18.81
CA ASP A 77 -1.62 12.75 19.72
C ASP A 77 -1.52 11.35 19.12
N ARG A 78 -1.32 11.30 17.83
CA ARG A 78 -1.23 9.99 17.14
C ARG A 78 -0.23 10.08 15.97
N HIS A 79 1.00 9.70 16.19
CA HIS A 79 2.00 9.74 15.08
C HIS A 79 1.85 8.49 14.22
N ILE A 80 1.41 8.64 13.00
CA ILE A 80 1.23 7.44 12.12
C ILE A 80 2.28 7.45 11.00
N THR A 81 2.43 6.33 10.35
CA THR A 81 3.40 6.23 9.23
C THR A 81 2.93 5.13 8.28
N LEU A 82 3.20 5.24 7.02
CA LEU A 82 2.75 4.18 6.06
C LEU A 82 3.87 3.86 5.08
N TRP A 83 4.85 3.11 5.50
CA TRP A 83 5.96 2.75 4.57
C TRP A 83 5.40 2.31 3.22
N PHE A 84 5.67 3.03 2.17
CA PHE A 84 5.13 2.64 0.83
C PHE A 84 6.15 1.77 0.10
N TRP A 85 6.34 0.55 0.54
CA TRP A 85 7.31 -0.33 -0.17
C TRP A 85 6.69 -0.81 -1.48
N LEU A 86 6.91 -0.10 -2.56
CA LEU A 86 6.30 -0.53 -3.85
C LEU A 86 7.03 -1.78 -4.39
N VAL A 87 6.29 -2.80 -4.70
CA VAL A 87 6.90 -4.05 -5.24
C VAL A 87 6.38 -4.24 -6.68
N GLU A 88 6.89 -5.20 -7.42
CA GLU A 88 6.38 -5.34 -8.82
C GLU A 88 6.59 -6.74 -9.42
N ARG A 89 6.56 -7.79 -8.64
CA ARG A 89 6.73 -9.15 -9.27
C ARG A 89 6.19 -10.25 -8.36
N TRP A 90 4.94 -10.18 -7.97
CA TRP A 90 4.38 -11.26 -7.10
C TRP A 90 4.02 -12.47 -7.96
N GLU A 91 3.92 -13.62 -7.36
CA GLU A 91 3.58 -14.84 -8.14
C GLU A 91 2.04 -14.99 -8.21
N GLY A 92 1.53 -15.35 -9.36
CA GLY A 92 0.05 -15.57 -9.54
C GLY A 92 -0.77 -14.62 -8.64
N GLU A 93 -0.90 -14.94 -7.39
CA GLU A 93 -1.68 -14.07 -6.48
C GLU A 93 -0.75 -13.10 -5.76
N PRO A 94 -1.23 -11.91 -5.53
CA PRO A 94 -0.46 -10.86 -4.83
C PRO A 94 -0.49 -11.12 -3.32
N TRP A 95 -0.19 -10.12 -2.54
CA TRP A 95 -0.25 -10.28 -1.06
C TRP A 95 0.07 -8.94 -0.38
N GLY A 96 -0.88 -8.40 0.32
CA GLY A 96 -0.65 -7.10 1.01
C GLY A 96 -1.97 -6.53 1.51
N LYS A 97 -3.04 -6.76 0.78
CA LYS A 97 -4.38 -6.24 1.21
C LYS A 97 -4.52 -6.36 2.73
N GLU A 98 -4.32 -5.29 3.45
CA GLU A 98 -4.45 -5.34 4.92
C GLU A 98 -5.93 -5.26 5.29
N GLY A 99 -6.52 -6.36 5.69
CA GLY A 99 -7.97 -6.32 6.04
C GLY A 99 -8.72 -5.65 4.90
N GLN A 100 -8.23 -5.80 3.69
CA GLN A 100 -8.91 -5.18 2.52
C GLN A 100 -9.01 -6.20 1.38
N PRO A 101 -9.84 -5.90 0.41
CA PRO A 101 -10.04 -6.79 -0.75
C PRO A 101 -8.75 -6.94 -1.54
N GLY A 102 -8.07 -5.86 -1.81
CA GLY A 102 -6.81 -5.94 -2.59
C GLY A 102 -7.14 -6.52 -3.97
N GLU A 103 -6.97 -5.74 -5.00
CA GLU A 103 -7.27 -6.26 -6.38
C GLU A 103 -6.41 -5.54 -7.41
N TRP A 104 -5.83 -6.26 -8.33
CA TRP A 104 -5.00 -5.60 -9.37
C TRP A 104 -5.78 -4.41 -9.90
N MET A 105 -5.14 -3.29 -10.04
CA MET A 105 -5.87 -2.09 -10.54
C MET A 105 -5.13 -1.53 -11.75
N SER A 106 -5.75 -1.55 -12.90
CA SER A 106 -5.06 -1.02 -14.11
C SER A 106 -5.12 0.50 -14.16
N LEU A 107 -4.87 1.16 -13.06
CA LEU A 107 -4.88 2.63 -13.07
C LEU A 107 -3.70 3.12 -13.92
N VAL A 108 -3.72 4.34 -14.36
CA VAL A 108 -2.60 4.85 -15.20
C VAL A 108 -1.93 6.02 -14.48
N GLY A 109 -0.69 5.87 -14.09
CA GLY A 109 -0.01 6.98 -13.36
C GLY A 109 -0.99 7.56 -12.34
N LEU A 110 -1.07 6.95 -11.19
CA LEU A 110 -2.02 7.42 -10.15
C LEU A 110 -2.17 8.94 -10.17
N ASN A 111 -3.27 9.42 -9.65
CA ASN A 111 -3.52 10.89 -9.66
C ASN A 111 -4.11 11.36 -8.34
N ALA A 112 -4.43 10.47 -7.43
CA ALA A 112 -5.05 10.88 -6.14
C ALA A 112 -6.56 11.05 -6.38
N ASP A 113 -6.93 11.52 -7.54
CA ASP A 113 -8.35 11.70 -7.88
C ASP A 113 -9.12 10.43 -7.56
N ASP A 114 -8.44 9.32 -7.58
CA ASP A 114 -9.10 8.02 -7.31
C ASP A 114 -8.73 7.55 -5.90
N PHE A 115 -7.66 8.07 -5.36
CA PHE A 115 -7.26 7.66 -3.99
C PHE A 115 -7.73 8.73 -3.00
N PRO A 116 -8.03 8.28 -1.80
CA PRO A 116 -8.52 9.17 -0.73
C PRO A 116 -7.46 10.21 -0.38
N PRO A 117 -7.87 11.46 -0.29
CA PRO A 117 -6.96 12.56 0.04
C PRO A 117 -6.31 12.32 1.41
N ALA A 118 -6.89 11.45 2.21
CA ALA A 118 -6.30 11.18 3.55
C ALA A 118 -4.80 10.96 3.39
N ASN A 119 -4.42 10.08 2.51
CA ASN A 119 -2.98 9.81 2.27
C ASN A 119 -2.47 10.82 1.24
N GLU A 120 -2.80 12.06 1.42
CA GLU A 120 -2.38 13.13 0.46
C GLU A 120 -0.85 13.20 0.30
N PRO A 121 -0.14 13.14 1.40
CA PRO A 121 1.35 13.24 1.38
C PRO A 121 2.00 12.25 0.41
N VAL A 122 1.57 11.02 0.37
CA VAL A 122 2.23 10.04 -0.54
C VAL A 122 1.42 9.94 -1.85
N ILE A 123 0.13 10.07 -1.79
CA ILE A 123 -0.66 9.99 -3.04
C ILE A 123 -0.20 11.16 -3.93
N ALA A 124 0.29 12.19 -3.30
CA ALA A 124 0.79 13.38 -4.06
C ALA A 124 1.87 12.91 -5.02
N LYS A 125 2.60 11.92 -4.61
CA LYS A 125 3.70 11.37 -5.44
C LYS A 125 3.15 10.41 -6.51
N LEU A 126 2.19 9.59 -6.17
CA LEU A 126 1.64 8.66 -7.20
C LEU A 126 0.92 9.51 -8.25
N LYS A 127 0.63 10.73 -7.91
CA LYS A 127 -0.02 11.63 -8.90
C LYS A 127 0.95 11.76 -10.06
N ARG A 128 2.19 11.77 -9.73
CA ARG A 128 3.26 11.88 -10.74
C ARG A 128 3.50 10.50 -11.35
N LEU A 129 3.09 9.47 -10.65
CA LEU A 129 3.28 8.08 -11.17
C LEU A 129 2.75 7.99 -12.60
MG MG B . -0.33 -7.15 8.31
PG APC C . -4.58 -2.68 9.91
O1G APC C . -5.84 -3.52 10.44
O2G APC C . -4.67 -2.45 8.45
O3G APC C . -4.49 -1.26 10.66
PB APC C . -2.69 -4.04 11.67
O1B APC C . -3.93 -4.62 12.51
O2B APC C . -1.74 -5.13 11.37
O3B APC C . -3.21 -3.42 10.28
PA APC C . -2.54 -2.93 13.83
O1A APC C . -2.08 -4.15 14.54
O2A APC C . -3.99 -2.67 13.74
C3A APC C . -2.00 -2.98 12.45
O5' APC C . -1.88 -1.68 14.60
C5' APC C . -1.61 -0.44 13.91
C4' APC C . -2.82 0.50 13.94
O4' APC C . -2.50 1.79 13.39
C3' APC C . -3.94 -0.07 13.11
O3' APC C . -4.97 -0.64 13.95
C2' APC C . -4.48 1.06 12.29
O2' APC C . -5.84 1.35 12.63
C1' APC C . -3.59 2.26 12.58
N9 APC C . -3.12 2.86 11.33
C8 APC C . -2.42 2.30 10.32
N7 APC C . -2.21 3.02 9.27
C5 APC C . -2.85 4.22 9.62
C6 APC C . -3.02 5.44 8.95
N6 APC C . -2.56 5.67 7.72
N1 APC C . -3.69 6.41 9.59
C2 APC C . -4.18 6.20 10.81
N3 APC C . -4.09 5.08 11.53
C4 APC C . -3.40 4.13 10.88
HOG3 APC C . -3.55 -1.12 10.88
H3A1 APC C . -0.94 -3.20 12.49
H3A2 APC C . -2.15 -2.01 11.96
H5'1 APC C . -1.35 -0.65 12.87
H5'2 APC C . -0.77 0.06 14.39
H4' APC C . -3.14 0.62 14.97
H3' APC C . -3.54 -0.84 12.46
HO3' APC C . -4.87 -0.39 14.87
H2' APC C . -4.41 0.80 11.23
HO2' APC C . -6.32 1.49 11.80
H1' APC C . -4.15 2.99 13.15
H8 APC C . -2.02 1.29 10.40
HN61 APC C . -2.06 4.95 7.23
HN62 APC C . -2.71 6.57 7.28
H2 APC C . -4.70 7.03 11.28
CO CON D . -6.02 -4.73 12.15
N1 CON D . -6.22 -5.96 13.87
N2 CON D . -8.10 -4.87 11.82
N3 CON D . -6.33 -3.02 13.34
N4 CON D . -5.72 -6.45 10.97
HN11 CON D . -5.76 -6.78 13.72
HN12 CON D . -7.15 -6.12 14.03
HN13 CON D . -5.84 -5.50 14.63
HN21 CON D . -8.35 -4.26 11.13
HN22 CON D . -8.33 -5.76 11.55
HN23 CON D . -8.57 -4.65 12.62
HN31 CON D . -7.24 -2.73 13.28
HN32 CON D . -5.76 -2.31 13.03
HN33 CON D . -6.12 -3.21 14.25
HN41 CON D . -4.98 -6.94 11.30
HN42 CON D . -6.50 -7.00 10.98
HN43 CON D . -5.54 -6.18 10.06
N MET A 1 1.47 10.40 21.26
CA MET A 1 2.68 9.92 21.97
C MET A 1 3.23 8.68 21.25
N LYS A 2 2.63 7.55 21.47
CA LYS A 2 3.13 6.32 20.81
C LYS A 2 3.23 6.55 19.31
N LYS A 3 3.49 5.52 18.57
CA LYS A 3 3.60 5.67 17.09
C LYS A 3 3.18 4.35 16.43
N LEU A 4 2.71 4.42 15.21
CA LEU A 4 2.31 3.18 14.50
C LEU A 4 2.70 3.34 13.03
N GLN A 5 3.54 2.49 12.52
CA GLN A 5 3.92 2.62 11.08
C GLN A 5 3.13 1.57 10.31
N ILE A 6 3.00 1.75 9.03
CA ILE A 6 2.23 0.76 8.24
C ILE A 6 3.13 0.20 7.14
N ALA A 7 3.37 -1.08 7.17
CA ALA A 7 4.22 -1.69 6.11
C ALA A 7 3.31 -2.08 4.95
N VAL A 8 2.62 -1.13 4.39
CA VAL A 8 1.71 -1.44 3.26
C VAL A 8 2.53 -1.61 1.98
N GLY A 9 3.02 -0.56 1.41
CA GLY A 9 3.78 -0.71 0.16
C GLY A 9 2.86 -1.35 -0.87
N ILE A 10 2.06 -0.53 -1.49
CA ILE A 10 1.11 -1.07 -2.50
C ILE A 10 1.87 -2.02 -3.39
N ILE A 11 1.18 -2.88 -4.08
CA ILE A 11 1.88 -3.85 -4.95
C ILE A 11 1.41 -3.64 -6.39
N ARG A 12 2.14 -2.87 -7.16
CA ARG A 12 1.73 -2.61 -8.57
C ARG A 12 2.02 -3.86 -9.40
N ASN A 13 1.62 -3.90 -10.63
CA ASN A 13 1.86 -5.17 -11.37
C ASN A 13 2.04 -4.98 -12.89
N GLU A 14 1.08 -4.54 -13.64
CA GLU A 14 1.30 -4.48 -15.13
C GLU A 14 1.86 -3.14 -15.58
N ASN A 15 1.48 -2.11 -14.91
CA ASN A 15 1.97 -0.74 -15.26
C ASN A 15 1.71 0.08 -14.03
N ASN A 16 0.56 -0.13 -13.50
CA ASN A 16 0.15 0.54 -12.29
C ASN A 16 -0.94 -0.33 -11.70
N GLU A 17 -0.81 -1.64 -11.84
CA GLU A 17 -1.89 -2.49 -11.29
C GLU A 17 -1.60 -2.82 -9.84
N ILE A 18 -1.96 -1.94 -8.95
CA ILE A 18 -1.70 -2.19 -7.51
C ILE A 18 -2.78 -3.13 -6.96
N PHE A 19 -2.44 -3.93 -6.00
CA PHE A 19 -3.45 -4.87 -5.40
C PHE A 19 -4.29 -4.09 -4.37
N ILE A 20 -4.70 -2.91 -4.72
CA ILE A 20 -5.49 -2.07 -3.80
C ILE A 20 -6.97 -2.44 -3.86
N THR A 21 -7.69 -2.08 -2.86
CA THR A 21 -9.15 -2.34 -2.86
C THR A 21 -9.77 -1.39 -3.90
N ARG A 22 -10.02 -1.87 -5.08
CA ARG A 22 -10.58 -0.98 -6.14
C ARG A 22 -12.08 -1.16 -6.27
N ARG A 23 -12.84 -0.52 -5.39
CA ARG A 23 -14.34 -0.61 -5.46
C ARG A 23 -14.76 -1.98 -5.99
N ALA A 24 -14.83 -2.96 -5.13
CA ALA A 24 -15.23 -4.33 -5.59
C ALA A 24 -16.41 -4.24 -6.55
N ALA A 25 -17.44 -3.52 -6.17
CA ALA A 25 -18.62 -3.40 -7.07
C ALA A 25 -18.32 -2.36 -8.14
N ASP A 26 -19.24 -2.13 -9.03
CA ASP A 26 -18.98 -1.13 -10.09
C ASP A 26 -18.69 0.22 -9.43
N ALA A 27 -19.27 0.47 -8.29
CA ALA A 27 -19.02 1.75 -7.59
C ALA A 27 -19.43 2.91 -8.50
N HIS A 28 -19.68 4.06 -7.94
CA HIS A 28 -20.06 5.23 -8.76
C HIS A 28 -19.21 6.43 -8.34
N MET A 29 -18.05 6.17 -7.79
CA MET A 29 -17.17 7.29 -7.35
C MET A 29 -15.77 7.08 -7.94
N ALA A 30 -14.87 6.48 -7.18
CA ALA A 30 -13.47 6.21 -7.65
C ALA A 30 -12.49 6.52 -6.52
N ASN A 31 -12.97 7.03 -5.41
CA ASN A 31 -12.06 7.33 -4.28
C ASN A 31 -11.88 6.07 -3.43
N LYS A 32 -12.26 4.94 -3.97
CA LYS A 32 -12.12 3.67 -3.23
C LYS A 32 -10.69 3.13 -3.31
N LEU A 33 -9.71 3.98 -3.45
CA LEU A 33 -8.32 3.44 -3.55
C LEU A 33 -7.56 3.74 -2.24
N GLU A 34 -7.73 2.91 -1.25
CA GLU A 34 -7.00 3.13 0.03
C GLU A 34 -5.62 2.48 -0.09
N PHE A 35 -5.10 1.89 0.95
CA PHE A 35 -3.77 1.26 0.86
C PHE A 35 -3.74 -0.04 1.67
N PRO A 36 -3.33 -1.12 1.05
CA PRO A 36 -3.25 -2.42 1.73
C PRO A 36 -2.26 -2.32 2.89
N GLY A 37 -2.75 -2.07 4.08
CA GLY A 37 -1.86 -1.93 5.27
C GLY A 37 -0.93 -3.14 5.43
N GLY A 38 -0.58 -3.45 6.65
CA GLY A 38 0.32 -4.60 6.92
C GLY A 38 0.93 -4.41 8.31
N LYS A 39 1.22 -3.18 8.66
CA LYS A 39 1.81 -2.86 10.00
C LYS A 39 3.26 -3.32 10.09
N ILE A 40 4.19 -2.42 9.88
CA ILE A 40 5.62 -2.83 10.00
C ILE A 40 6.00 -2.83 11.47
N GLU A 41 6.60 -3.89 11.93
CA GLU A 41 6.99 -3.94 13.37
C GLU A 41 7.87 -5.17 13.60
N MET A 42 7.65 -6.23 12.88
CA MET A 42 8.48 -7.45 13.07
C MET A 42 9.96 -7.08 12.94
N GLY A 43 10.84 -7.94 13.39
CA GLY A 43 12.29 -7.64 13.29
C GLY A 43 12.53 -6.19 13.75
N GLU A 44 13.11 -5.39 12.90
CA GLU A 44 13.36 -3.97 13.27
C GLU A 44 13.69 -3.19 12.01
N THR A 45 13.26 -3.65 10.88
CA THR A 45 13.56 -2.94 9.61
C THR A 45 12.36 -3.06 8.68
N PRO A 46 12.06 -2.01 7.96
CA PRO A 46 10.95 -2.03 7.00
C PRO A 46 11.03 -3.27 6.11
N GLU A 47 12.18 -3.90 6.05
CA GLU A 47 12.31 -5.12 5.24
C GLU A 47 11.66 -6.29 5.98
N GLN A 48 12.38 -6.97 6.83
CA GLN A 48 11.76 -8.11 7.58
C GLN A 48 10.37 -7.73 8.05
N ALA A 49 10.18 -6.50 8.40
CA ALA A 49 8.83 -6.08 8.87
C ALA A 49 7.82 -6.20 7.74
N VAL A 50 7.98 -5.45 6.68
CA VAL A 50 7.00 -5.51 5.56
C VAL A 50 7.05 -6.88 4.88
N VAL A 51 8.21 -7.35 4.54
CA VAL A 51 8.37 -8.66 3.86
C VAL A 51 7.73 -9.77 4.71
N ARG A 52 7.96 -9.76 5.99
CA ARG A 52 7.37 -10.80 6.88
C ARG A 52 5.88 -10.50 7.02
N GLU A 53 5.53 -9.25 6.92
CA GLU A 53 4.10 -8.87 6.97
C GLU A 53 3.48 -9.21 5.63
N LEU A 54 4.33 -9.46 4.67
CA LEU A 54 3.86 -9.81 3.31
C LEU A 54 3.47 -11.29 3.26
N GLN A 55 4.39 -12.14 3.65
CA GLN A 55 4.11 -13.61 3.64
C GLN A 55 3.08 -13.97 4.71
N GLU A 56 3.19 -13.39 5.87
CA GLU A 56 2.23 -13.73 6.96
C GLU A 56 0.79 -13.43 6.52
N GLU A 57 0.60 -12.58 5.54
CA GLU A 57 -0.79 -12.28 5.11
C GLU A 57 -1.33 -13.39 4.19
N VAL A 58 -1.13 -13.24 2.90
CA VAL A 58 -1.63 -14.27 1.94
C VAL A 58 -0.71 -15.49 1.94
N GLY A 59 0.40 -15.43 1.25
CA GLY A 59 1.32 -16.61 1.25
C GLY A 59 1.99 -16.81 -0.12
N ILE A 60 2.26 -15.76 -0.85
CA ILE A 60 2.93 -15.94 -2.18
C ILE A 60 4.45 -15.90 -1.97
N THR A 61 5.20 -15.22 -2.80
CA THR A 61 6.67 -15.19 -2.57
C THR A 61 7.30 -13.92 -3.18
N PRO A 62 7.39 -13.83 -4.50
CA PRO A 62 7.98 -12.65 -5.14
C PRO A 62 7.15 -11.41 -4.86
N GLN A 63 7.53 -10.32 -5.46
CA GLN A 63 6.81 -9.03 -5.28
C GLN A 63 7.82 -7.90 -5.48
N HIS A 64 9.08 -8.19 -5.31
CA HIS A 64 10.13 -7.16 -5.52
C HIS A 64 9.75 -5.89 -4.76
N PHE A 65 9.42 -6.03 -3.52
CA PHE A 65 9.03 -4.83 -2.72
C PHE A 65 10.06 -3.71 -2.89
N SER A 66 9.60 -2.49 -2.81
CA SER A 66 10.52 -1.33 -2.97
C SER A 66 9.94 -0.14 -2.19
N LEU A 67 10.74 0.55 -1.43
CA LEU A 67 10.19 1.70 -0.64
C LEU A 67 9.51 2.72 -1.57
N PHE A 68 10.29 3.43 -2.34
CA PHE A 68 9.75 4.45 -3.28
C PHE A 68 9.56 5.78 -2.52
N GLU A 69 8.88 5.74 -1.41
CA GLU A 69 8.65 6.99 -0.59
C GLU A 69 7.39 6.83 0.24
N LYS A 70 7.41 7.26 1.46
CA LYS A 70 6.19 7.12 2.33
C LYS A 70 5.85 8.46 2.96
N LEU A 71 4.86 8.48 3.82
CA LEU A 71 4.49 9.75 4.47
C LEU A 71 4.51 9.57 5.98
N GLU A 72 4.00 10.53 6.69
CA GLU A 72 3.95 10.43 8.17
C GLU A 72 2.82 11.34 8.66
N TYR A 73 1.61 10.86 8.64
CA TYR A 73 0.47 11.67 9.09
C TYR A 73 0.45 11.66 10.61
N GLU A 74 0.83 12.74 11.22
CA GLU A 74 0.87 12.77 12.70
C GLU A 74 -0.48 13.20 13.24
N PHE A 75 -0.56 13.47 14.50
CA PHE A 75 -1.86 13.88 15.08
C PHE A 75 -1.61 14.60 16.42
N PRO A 76 -2.64 15.21 16.93
CA PRO A 76 -2.56 15.92 18.21
C PRO A 76 -1.94 15.00 19.28
N ASP A 77 -2.13 13.72 19.12
CA ASP A 77 -1.55 12.75 20.08
C ASP A 77 -1.53 11.39 19.39
N ARG A 78 -1.16 11.37 18.14
CA ARG A 78 -1.15 10.10 17.38
C ARG A 78 -0.07 10.17 16.28
N HIS A 79 1.11 9.70 16.57
CA HIS A 79 2.19 9.74 15.53
C HIS A 79 2.04 8.53 14.61
N ILE A 80 1.55 8.73 13.41
CA ILE A 80 1.37 7.57 12.49
C ILE A 80 2.29 7.71 11.28
N THR A 81 2.90 6.63 10.88
CA THR A 81 3.77 6.65 9.68
C THR A 81 3.09 5.79 8.62
N LEU A 82 3.66 5.65 7.46
CA LEU A 82 3.01 4.81 6.43
C LEU A 82 4.02 4.38 5.36
N TRP A 83 4.90 3.48 5.70
CA TRP A 83 5.90 3.02 4.70
C TRP A 83 5.17 2.60 3.42
N PHE A 84 5.60 3.06 2.28
CA PHE A 84 4.91 2.67 1.01
C PHE A 84 5.84 1.76 0.21
N TRP A 85 6.02 0.55 0.66
CA TRP A 85 6.90 -0.38 -0.09
C TRP A 85 6.22 -0.79 -1.40
N LEU A 86 6.36 -0.01 -2.43
CA LEU A 86 5.72 -0.39 -3.71
C LEU A 86 6.46 -1.59 -4.29
N VAL A 87 5.75 -2.64 -4.54
CA VAL A 87 6.38 -3.86 -5.13
C VAL A 87 5.82 -4.03 -6.54
N GLU A 88 6.46 -4.77 -7.40
CA GLU A 88 5.91 -4.90 -8.78
C GLU A 88 6.23 -6.26 -9.43
N ARG A 89 6.24 -7.35 -8.69
CA ARG A 89 6.53 -8.65 -9.38
C ARG A 89 6.06 -9.84 -8.53
N TRP A 90 5.02 -9.70 -7.77
CA TRP A 90 4.56 -10.87 -6.97
C TRP A 90 4.34 -12.04 -7.93
N GLU A 91 4.22 -13.23 -7.42
CA GLU A 91 4.04 -14.42 -8.33
C GLU A 91 2.60 -14.48 -8.85
N GLY A 92 1.91 -15.57 -8.65
CA GLY A 92 0.50 -15.66 -9.16
C GLY A 92 -0.38 -14.64 -8.44
N GLU A 93 -0.34 -14.62 -7.14
CA GLU A 93 -1.21 -13.65 -6.40
C GLU A 93 -0.35 -12.75 -5.49
N PRO A 94 -0.88 -11.60 -5.18
CA PRO A 94 -0.21 -10.62 -4.30
C PRO A 94 -0.26 -11.10 -2.85
N TRP A 95 -0.06 -10.21 -1.90
CA TRP A 95 -0.11 -10.62 -0.47
C TRP A 95 0.21 -9.43 0.45
N GLY A 96 -0.41 -8.31 0.25
CA GLY A 96 -0.11 -7.14 1.14
C GLY A 96 -1.42 -6.50 1.61
N LYS A 97 -2.53 -7.07 1.25
CA LYS A 97 -3.85 -6.47 1.67
C LYS A 97 -4.19 -6.85 3.12
N GLU A 98 -3.86 -6.01 4.06
CA GLU A 98 -4.20 -6.31 5.48
C GLU A 98 -5.63 -6.87 5.54
N GLY A 99 -6.60 -6.00 5.66
CA GLY A 99 -8.01 -6.45 5.68
C GLY A 99 -8.69 -5.98 4.40
N GLN A 100 -7.95 -5.33 3.55
CA GLN A 100 -8.51 -4.82 2.26
C GLN A 100 -8.72 -6.00 1.30
N PRO A 101 -9.74 -5.90 0.47
CA PRO A 101 -10.01 -6.95 -0.53
C PRO A 101 -8.77 -7.13 -1.38
N GLY A 102 -8.02 -6.07 -1.52
CA GLY A 102 -6.77 -6.12 -2.32
C GLY A 102 -7.09 -6.66 -3.73
N GLU A 103 -6.98 -5.82 -4.72
CA GLU A 103 -7.26 -6.30 -6.10
C GLU A 103 -6.46 -5.46 -7.09
N TRP A 104 -5.73 -6.12 -7.96
CA TRP A 104 -4.91 -5.36 -8.95
C TRP A 104 -5.73 -4.19 -9.48
N MET A 105 -5.11 -3.07 -9.68
CA MET A 105 -5.85 -1.88 -10.18
C MET A 105 -4.99 -1.17 -11.21
N SER A 106 -5.20 -1.44 -12.47
CA SER A 106 -4.39 -0.77 -13.53
C SER A 106 -4.91 0.63 -13.76
N LEU A 107 -4.69 1.54 -12.83
CA LEU A 107 -5.20 2.93 -13.04
C LEU A 107 -4.26 3.69 -13.97
N VAL A 108 -3.11 3.13 -14.24
CA VAL A 108 -2.14 3.78 -15.15
C VAL A 108 -1.66 5.09 -14.52
N GLY A 109 -0.36 5.21 -14.33
CA GLY A 109 0.20 6.45 -13.71
C GLY A 109 -0.79 7.00 -12.69
N LEU A 110 -0.78 6.46 -11.51
CA LEU A 110 -1.75 6.90 -10.47
C LEU A 110 -1.91 8.43 -10.53
N ASN A 111 -2.93 8.96 -9.92
CA ASN A 111 -3.15 10.44 -9.97
C ASN A 111 -3.71 10.99 -8.65
N ALA A 112 -4.02 10.15 -7.72
CA ALA A 112 -4.63 10.64 -6.43
C ALA A 112 -6.13 10.87 -6.66
N ASP A 113 -6.52 11.13 -7.89
CA ASP A 113 -7.94 11.35 -8.21
C ASP A 113 -8.73 10.10 -7.79
N ASP A 114 -8.16 8.97 -8.02
CA ASP A 114 -8.82 7.70 -7.64
C ASP A 114 -8.48 7.36 -6.19
N PHE A 115 -7.50 8.03 -5.64
CA PHE A 115 -7.11 7.76 -4.23
C PHE A 115 -7.70 8.83 -3.29
N PRO A 116 -8.04 8.39 -2.10
CA PRO A 116 -8.61 9.30 -1.08
C PRO A 116 -7.63 10.41 -0.73
N PRO A 117 -8.14 11.59 -0.52
CA PRO A 117 -7.32 12.76 -0.17
C PRO A 117 -6.63 12.55 1.19
N ALA A 118 -6.98 11.52 1.90
CA ALA A 118 -6.36 11.28 3.22
C ALA A 118 -4.85 11.04 3.07
N ASN A 119 -4.48 10.11 2.23
CA ASN A 119 -3.03 9.82 2.05
C ASN A 119 -2.45 10.73 0.96
N GLU A 120 -2.80 11.99 0.97
CA GLU A 120 -2.27 12.92 -0.07
C GLU A 120 -0.73 12.96 -0.06
N PRO A 121 -0.14 13.04 1.11
CA PRO A 121 1.32 13.11 1.24
C PRO A 121 2.06 12.08 0.37
N VAL A 122 1.64 10.85 0.34
CA VAL A 122 2.36 9.85 -0.50
C VAL A 122 1.64 9.71 -1.86
N ILE A 123 0.34 9.80 -1.87
CA ILE A 123 -0.40 9.71 -3.14
C ILE A 123 0.04 10.89 -4.01
N ALA A 124 0.62 11.89 -3.40
CA ALA A 124 1.10 13.07 -4.16
C ALA A 124 2.18 12.59 -5.12
N LYS A 125 2.94 11.65 -4.67
CA LYS A 125 4.04 11.10 -5.49
C LYS A 125 3.49 10.19 -6.60
N LEU A 126 2.51 9.37 -6.31
CA LEU A 126 1.96 8.48 -7.37
C LEU A 126 1.29 9.37 -8.43
N LYS A 127 0.94 10.56 -8.04
CA LYS A 127 0.33 11.49 -9.01
C LYS A 127 1.31 11.65 -10.15
N ARG A 128 2.56 11.65 -9.81
CA ARG A 128 3.63 11.79 -10.82
C ARG A 128 3.85 10.41 -11.46
N LEU A 129 3.49 9.37 -10.76
CA LEU A 129 3.66 7.99 -11.32
C LEU A 129 3.18 7.96 -12.77
MG MG B . -0.03 -7.58 8.80
PG APC C . -5.05 -4.65 11.36
O1G APC C . -5.52 -5.16 12.82
O2G APC C . -5.63 -5.48 10.29
O3G APC C . -5.46 -3.10 11.13
PB APC C . -2.30 -4.45 12.35
O1B APC C . -2.65 -5.32 13.66
O2B APC C . -1.01 -4.90 11.78
O3B APC C . -3.45 -4.63 11.24
PA APC C . -2.15 -2.89 14.20
O1A APC C . -1.20 -3.89 14.71
O2A APC C . -3.54 -2.92 14.71
C3A APC C . -2.21 -3.01 12.72
O5' APC C . -1.55 -1.44 14.57
C5' APC C . -1.64 -0.34 13.66
C4' APC C . -3.00 0.36 13.75
O4' APC C . -2.86 1.78 13.54
C3' APC C . -3.95 -0.17 12.69
O3' APC C . -4.95 -1.02 13.27
C2' APC C . -4.58 1.04 12.04
O2' APC C . -5.98 1.09 12.34
C1' APC C . -3.86 2.26 12.62
N9 APC C . -3.25 3.04 11.53
C8 APC C . -2.40 2.66 10.54
N7 APC C . -2.02 3.56 9.71
C5 APC C . -2.69 4.68 10.18
C6 APC C . -2.73 6.01 9.74
N6 APC C . -2.06 6.44 8.66
N1 APC C . -3.48 6.88 10.44
C2 APC C . -4.16 6.47 11.50
N3 APC C . -4.21 5.24 12.00
C4 APC C . -3.44 4.39 11.29
HOG3 APC C . -5.02 -2.58 11.81
H3A1 APC C . -1.30 -2.58 12.29
H3A2 APC C . -3.08 -2.48 12.34
H5'1 APC C . -1.50 -0.71 12.64
H5'2 APC C . -0.86 0.37 13.89
H4' APC C . -3.43 0.18 14.73
H3' APC C . -3.38 -0.71 11.93
HO3' APC C . -5.16 -0.78 14.17
H2' APC C . -4.43 1.01 10.97
HO2' APC C . -6.42 1.45 11.55
H1' APC C . -4.58 2.88 13.16
H8 APC C . -2.02 1.64 10.48
HN61 APC C . -1.50 5.79 8.13
HN62 APC C . -2.12 7.41 8.38
H2 APC C . -4.73 7.23 12.03
CO CON D . -4.44 -6.23 14.28
N1 CON D . -3.36 -7.30 15.74
N2 CON D . -6.22 -7.15 14.93
N3 CON D . -4.76 -4.66 15.67
N4 CON D . -4.14 -7.80 12.90
HN11 CON D . -3.53 -6.93 16.61
HN12 CON D . -2.43 -7.24 15.55
HN13 CON D . -3.63 -8.22 15.73
HN21 CON D . -6.10 -7.46 15.83
HN22 CON D . -6.94 -6.52 14.90
HN23 CON D . -6.41 -7.89 14.37
HN31 CON D . -5.29 -3.99 15.26
HN32 CON D . -3.92 -4.28 15.93
HN33 CON D . -5.21 -5.01 16.44
HN41 CON D . -3.98 -8.61 13.38
HN42 CON D . -4.91 -7.89 12.35
HN43 CON D . -3.38 -7.59 12.35
N MET A 1 2.23 10.50 21.86
CA MET A 1 3.61 9.96 21.93
C MET A 1 3.67 8.58 21.28
N LYS A 2 2.61 7.83 21.38
CA LYS A 2 2.60 6.48 20.75
C LYS A 2 2.95 6.59 19.27
N LYS A 3 2.91 5.50 18.56
CA LYS A 3 3.22 5.54 17.10
C LYS A 3 2.64 4.29 16.42
N LEU A 4 2.15 4.45 15.24
CA LEU A 4 1.57 3.29 14.49
C LEU A 4 2.00 3.38 13.03
N GLN A 5 2.86 2.51 12.57
CA GLN A 5 3.29 2.58 11.15
C GLN A 5 2.49 1.60 10.31
N ILE A 6 2.49 1.78 9.03
CA ILE A 6 1.74 0.86 8.15
C ILE A 6 2.65 0.35 7.03
N ALA A 7 3.03 -0.90 7.09
CA ALA A 7 3.93 -1.47 6.05
C ALA A 7 3.10 -1.91 4.85
N VAL A 8 2.47 -0.98 4.18
CA VAL A 8 1.63 -1.35 3.03
C VAL A 8 2.51 -1.58 1.79
N GLY A 9 3.06 -0.55 1.22
CA GLY A 9 3.87 -0.78 0.00
C GLY A 9 2.94 -1.39 -1.03
N ILE A 10 2.08 -0.59 -1.58
CA ILE A 10 1.11 -1.10 -2.58
C ILE A 10 1.84 -2.04 -3.51
N ILE A 11 1.20 -3.08 -3.92
CA ILE A 11 1.89 -4.04 -4.80
C ILE A 11 1.51 -3.75 -6.25
N ARG A 12 2.34 -3.03 -6.95
CA ARG A 12 2.04 -2.70 -8.38
C ARG A 12 2.36 -3.95 -9.21
N ASN A 13 2.03 -3.99 -10.48
CA ASN A 13 2.32 -5.26 -11.20
C ASN A 13 2.65 -5.09 -12.69
N GLU A 14 1.76 -4.64 -13.54
CA GLU A 14 2.14 -4.59 -15.00
C GLU A 14 2.76 -3.26 -15.39
N ASN A 15 2.37 -2.26 -14.71
CA ASN A 15 2.93 -0.90 -14.97
C ASN A 15 2.58 -0.11 -13.74
N ASN A 16 1.37 -0.31 -13.30
CA ASN A 16 0.86 0.32 -12.09
C ASN A 16 -0.33 -0.52 -11.66
N GLU A 17 -0.31 -1.81 -11.93
CA GLU A 17 -1.48 -2.61 -11.51
C GLU A 17 -1.30 -2.98 -10.05
N ILE A 18 -1.78 -2.12 -9.20
CA ILE A 18 -1.63 -2.36 -7.75
C ILE A 18 -2.74 -3.26 -7.23
N PHE A 19 -2.44 -4.01 -6.21
CA PHE A 19 -3.48 -4.89 -5.59
C PHE A 19 -4.29 -4.03 -4.62
N ILE A 20 -4.66 -2.84 -5.03
CA ILE A 20 -5.41 -1.92 -4.15
C ILE A 20 -6.88 -2.28 -4.16
N THR A 21 -7.57 -1.90 -3.13
CA THR A 21 -9.03 -2.18 -3.06
C THR A 21 -9.74 -1.23 -4.03
N ARG A 22 -9.85 -1.61 -5.27
CA ARG A 22 -10.50 -0.73 -6.27
C ARG A 22 -12.02 -0.90 -6.20
N ARG A 23 -12.66 -0.19 -5.29
CA ARG A 23 -14.13 -0.29 -5.11
C ARG A 23 -14.63 -1.68 -5.49
N ALA A 24 -14.23 -2.67 -4.76
CA ALA A 24 -14.68 -4.06 -5.07
C ALA A 24 -16.18 -4.05 -5.34
N ALA A 25 -16.95 -3.54 -4.41
CA ALA A 25 -18.43 -3.51 -4.62
C ALA A 25 -18.76 -2.41 -5.62
N ASP A 26 -20.02 -2.19 -5.90
CA ASP A 26 -20.39 -1.12 -6.86
C ASP A 26 -20.22 0.24 -6.20
N ALA A 27 -19.04 0.79 -6.24
CA ALA A 27 -18.83 2.13 -5.61
C ALA A 27 -19.58 3.20 -6.39
N HIS A 28 -19.79 3.00 -7.66
CA HIS A 28 -20.48 4.06 -8.46
C HIS A 28 -19.77 5.37 -8.15
N MET A 29 -18.54 5.28 -7.74
CA MET A 29 -17.76 6.48 -7.38
C MET A 29 -16.29 6.21 -7.62
N ALA A 30 -15.43 7.04 -7.12
CA ALA A 30 -13.99 6.82 -7.29
C ALA A 30 -13.28 7.11 -5.97
N ASN A 31 -12.04 7.49 -6.01
CA ASN A 31 -11.29 7.77 -4.75
C ASN A 31 -11.18 6.47 -3.92
N LYS A 32 -11.67 5.38 -4.45
CA LYS A 32 -11.60 4.08 -3.72
C LYS A 32 -10.23 3.42 -3.93
N LEU A 33 -9.16 4.14 -3.73
CA LEU A 33 -7.80 3.53 -3.92
C LEU A 33 -6.98 3.79 -2.66
N GLU A 34 -7.08 2.95 -1.66
CA GLU A 34 -6.32 3.18 -0.39
C GLU A 34 -4.95 2.47 -0.45
N PHE A 35 -4.65 1.62 0.51
CA PHE A 35 -3.31 0.94 0.49
C PHE A 35 -3.37 -0.34 1.35
N PRO A 36 -3.03 -1.46 0.77
CA PRO A 36 -3.02 -2.76 1.47
C PRO A 36 -1.79 -2.88 2.39
N GLY A 37 -1.92 -2.57 3.65
CA GLY A 37 -0.72 -2.67 4.56
C GLY A 37 -1.18 -3.11 5.96
N GLY A 38 -0.64 -4.18 6.46
CA GLY A 38 -1.05 -4.67 7.81
C GLY A 38 0.00 -4.35 8.88
N LYS A 39 0.09 -3.10 9.26
CA LYS A 39 1.02 -2.66 10.34
C LYS A 39 2.41 -3.31 10.27
N ILE A 40 3.44 -2.50 10.15
CA ILE A 40 4.83 -3.05 10.16
C ILE A 40 5.20 -3.26 11.63
N GLU A 41 5.69 -4.41 11.98
CA GLU A 41 6.05 -4.62 13.41
C GLU A 41 6.78 -5.96 13.61
N MET A 42 6.65 -6.89 12.69
CA MET A 42 7.34 -8.20 12.85
C MET A 42 8.75 -7.98 13.42
N GLY A 43 9.65 -7.48 12.62
CA GLY A 43 11.04 -7.23 13.11
C GLY A 43 11.16 -5.77 13.52
N GLU A 44 12.22 -5.13 13.09
CA GLU A 44 12.42 -3.70 13.43
C GLU A 44 12.84 -2.93 12.17
N THR A 45 12.87 -3.61 11.04
CA THR A 45 13.28 -2.94 9.78
C THR A 45 12.10 -3.03 8.80
N PRO A 46 11.89 -1.99 8.03
CA PRO A 46 10.80 -1.98 7.04
C PRO A 46 10.90 -3.22 6.15
N GLU A 47 12.04 -3.87 6.13
CA GLU A 47 12.17 -5.11 5.31
C GLU A 47 11.53 -6.27 6.06
N GLN A 48 12.27 -6.94 6.90
CA GLN A 48 11.67 -8.09 7.65
C GLN A 48 10.28 -7.71 8.13
N ALA A 49 10.10 -6.47 8.47
CA ALA A 49 8.76 -6.04 8.96
C ALA A 49 7.72 -6.18 7.86
N VAL A 50 7.88 -5.48 6.77
CA VAL A 50 6.88 -5.57 5.67
C VAL A 50 6.94 -6.94 4.98
N VAL A 51 8.11 -7.37 4.63
CA VAL A 51 8.29 -8.69 3.95
C VAL A 51 7.67 -9.82 4.80
N ARG A 52 7.90 -9.79 6.08
CA ARG A 52 7.32 -10.85 6.96
C ARG A 52 5.82 -10.57 7.07
N GLU A 53 5.47 -9.31 7.12
CA GLU A 53 4.03 -8.94 7.17
C GLU A 53 3.42 -9.29 5.82
N LEU A 54 4.26 -9.54 4.86
CA LEU A 54 3.78 -9.88 3.48
C LEU A 54 3.37 -11.35 3.46
N GLN A 55 4.31 -12.22 3.72
CA GLN A 55 4.00 -13.68 3.71
C GLN A 55 2.89 -13.99 4.71
N GLU A 56 3.02 -13.53 5.93
CA GLU A 56 1.98 -13.82 6.95
C GLU A 56 0.60 -13.50 6.40
N GLU A 57 0.52 -12.67 5.39
CA GLU A 57 -0.82 -12.33 4.83
C GLU A 57 -1.27 -13.45 3.88
N VAL A 58 -1.04 -13.30 2.62
CA VAL A 58 -1.46 -14.34 1.65
C VAL A 58 -0.46 -15.50 1.64
N GLY A 59 0.68 -15.35 1.00
CA GLY A 59 1.66 -16.48 1.02
C GLY A 59 2.37 -16.66 -0.34
N ILE A 60 2.60 -15.60 -1.09
CA ILE A 60 3.34 -15.78 -2.38
C ILE A 60 4.84 -15.69 -2.07
N THR A 61 5.66 -15.30 -3.01
CA THR A 61 7.12 -15.20 -2.71
C THR A 61 7.70 -13.89 -3.28
N PRO A 62 7.83 -13.79 -4.58
CA PRO A 62 8.38 -12.58 -5.21
C PRO A 62 7.50 -11.37 -4.93
N GLN A 63 7.79 -10.29 -5.60
CA GLN A 63 7.02 -9.02 -5.45
C GLN A 63 8.02 -7.87 -5.54
N HIS A 64 9.26 -8.14 -5.22
CA HIS A 64 10.31 -7.08 -5.31
C HIS A 64 9.76 -5.78 -4.70
N PHE A 65 9.61 -5.75 -3.41
CA PHE A 65 9.06 -4.52 -2.76
C PHE A 65 10.07 -3.38 -2.90
N SER A 66 9.60 -2.20 -3.11
CA SER A 66 10.51 -1.03 -3.25
C SER A 66 9.98 0.11 -2.38
N LEU A 67 10.83 0.78 -1.66
CA LEU A 67 10.35 1.89 -0.79
C LEU A 67 9.63 2.93 -1.64
N PHE A 68 10.34 3.57 -2.53
CA PHE A 68 9.74 4.60 -3.42
C PHE A 68 9.62 5.94 -2.65
N GLU A 69 9.06 5.90 -1.47
CA GLU A 69 8.90 7.13 -0.64
C GLU A 69 7.66 6.96 0.22
N LYS A 70 7.69 7.43 1.43
CA LYS A 70 6.51 7.27 2.32
C LYS A 70 6.15 8.60 2.98
N LEU A 71 5.10 8.61 3.77
CA LEU A 71 4.68 9.86 4.44
C LEU A 71 4.54 9.61 5.94
N GLU A 72 4.45 10.66 6.70
CA GLU A 72 4.26 10.53 8.16
C GLU A 72 3.29 11.62 8.59
N TYR A 73 2.02 11.33 8.60
CA TYR A 73 1.02 12.35 9.00
C TYR A 73 1.02 12.46 10.52
N GLU A 74 1.45 13.56 11.04
CA GLU A 74 1.49 13.72 12.50
C GLU A 74 0.17 14.33 12.96
N PHE A 75 -0.28 13.97 14.12
CA PHE A 75 -1.56 14.53 14.61
C PHE A 75 -1.38 14.97 16.07
N PRO A 76 -2.38 15.63 16.60
CA PRO A 76 -2.35 16.09 18.00
C PRO A 76 -1.87 14.96 18.91
N ASP A 77 -2.33 13.77 18.66
CA ASP A 77 -1.92 12.60 19.48
C ASP A 77 -1.99 11.36 18.61
N ARG A 78 -1.48 11.45 17.41
CA ARG A 78 -1.52 10.30 16.48
C ARG A 78 -0.29 10.32 15.56
N HIS A 79 0.76 9.65 15.94
CA HIS A 79 1.98 9.64 15.08
C HIS A 79 1.90 8.44 14.13
N ILE A 80 1.05 8.51 13.14
CA ILE A 80 0.94 7.35 12.20
C ILE A 80 2.00 7.43 11.11
N THR A 81 2.35 6.29 10.57
CA THR A 81 3.35 6.23 9.49
C THR A 81 2.82 5.26 8.44
N LEU A 82 3.23 5.39 7.21
CA LEU A 82 2.70 4.45 6.19
C LEU A 82 3.81 4.05 5.23
N TRP A 83 4.70 3.19 5.65
CA TRP A 83 5.79 2.79 4.71
C TRP A 83 5.16 2.41 3.36
N PHE A 84 5.59 3.03 2.29
CA PHE A 84 5.00 2.72 0.95
C PHE A 84 5.94 1.83 0.15
N TRP A 85 6.07 0.58 0.52
CA TRP A 85 6.95 -0.30 -0.28
C TRP A 85 6.24 -0.69 -1.58
N LEU A 86 6.33 0.12 -2.61
CA LEU A 86 5.63 -0.25 -3.87
C LEU A 86 6.40 -1.41 -4.52
N VAL A 87 5.71 -2.49 -4.75
CA VAL A 87 6.38 -3.66 -5.38
C VAL A 87 5.97 -3.72 -6.85
N GLU A 88 6.50 -4.65 -7.61
CA GLU A 88 6.11 -4.69 -9.05
C GLU A 88 6.33 -6.08 -9.66
N ARG A 89 6.47 -7.12 -8.88
CA ARG A 89 6.66 -8.48 -9.50
C ARG A 89 6.32 -9.60 -8.52
N TRP A 90 5.10 -9.70 -8.10
CA TRP A 90 4.74 -10.82 -7.18
C TRP A 90 4.54 -12.09 -8.01
N GLU A 91 4.45 -13.22 -7.38
CA GLU A 91 4.24 -14.48 -8.15
C GLU A 91 2.73 -14.72 -8.31
N GLY A 92 2.23 -14.66 -9.52
CA GLY A 92 0.77 -14.92 -9.76
C GLY A 92 -0.10 -14.21 -8.73
N GLU A 93 -0.25 -14.78 -7.57
CA GLU A 93 -1.10 -14.16 -6.53
C GLU A 93 -0.31 -13.08 -5.78
N PRO A 94 -1.00 -12.03 -5.39
CA PRO A 94 -0.39 -10.93 -4.63
C PRO A 94 -0.26 -11.35 -3.16
N TRP A 95 0.02 -10.45 -2.27
CA TRP A 95 0.11 -10.86 -0.83
C TRP A 95 0.42 -9.68 0.09
N GLY A 96 -0.07 -8.51 -0.22
CA GLY A 96 0.19 -7.35 0.67
C GLY A 96 -1.14 -6.78 1.16
N LYS A 97 -2.23 -7.38 0.76
CA LYS A 97 -3.57 -6.88 1.17
C LYS A 97 -3.93 -7.32 2.58
N GLU A 98 -4.29 -6.40 3.41
CA GLU A 98 -4.72 -6.74 4.78
C GLU A 98 -6.19 -7.17 4.71
N GLY A 99 -7.02 -6.72 5.60
CA GLY A 99 -8.46 -7.09 5.50
C GLY A 99 -8.96 -6.59 4.14
N GLN A 100 -8.25 -5.66 3.57
CA GLN A 100 -8.64 -5.10 2.24
C GLN A 100 -8.77 -6.24 1.21
N PRO A 101 -9.66 -6.06 0.27
CA PRO A 101 -9.87 -7.04 -0.79
C PRO A 101 -8.60 -7.13 -1.63
N GLY A 102 -7.97 -6.00 -1.84
CA GLY A 102 -6.73 -5.97 -2.64
C GLY A 102 -7.02 -6.52 -4.04
N GLU A 103 -6.89 -5.72 -5.05
CA GLU A 103 -7.17 -6.24 -6.42
C GLU A 103 -6.31 -5.48 -7.45
N TRP A 104 -5.62 -6.17 -8.32
CA TRP A 104 -4.79 -5.45 -9.34
C TRP A 104 -5.66 -4.35 -9.94
N MET A 105 -5.15 -3.16 -10.01
CA MET A 105 -5.96 -2.05 -10.56
C MET A 105 -5.26 -1.46 -11.78
N SER A 106 -5.92 -1.44 -12.91
CA SER A 106 -5.29 -0.86 -14.12
C SER A 106 -5.45 0.66 -14.10
N LEU A 107 -5.16 1.26 -12.99
CA LEU A 107 -5.29 2.74 -12.86
C LEU A 107 -4.10 3.37 -13.61
N VAL A 108 -3.00 2.67 -13.66
CA VAL A 108 -1.80 3.16 -14.42
C VAL A 108 -1.39 4.53 -13.92
N GLY A 109 -0.15 4.68 -13.49
CA GLY A 109 0.30 5.99 -12.98
C GLY A 109 -0.81 6.54 -12.11
N LEU A 110 -0.86 6.12 -10.87
CA LEU A 110 -1.97 6.58 -10.00
C LEU A 110 -2.16 8.10 -10.17
N ASN A 111 -3.15 8.68 -9.55
CA ASN A 111 -3.36 10.14 -9.76
C ASN A 111 -3.84 10.87 -8.52
N ALA A 112 -4.13 10.16 -7.46
CA ALA A 112 -4.65 10.84 -6.22
C ALA A 112 -6.16 11.06 -6.39
N ASP A 113 -6.59 11.34 -7.59
CA ASP A 113 -8.04 11.54 -7.85
C ASP A 113 -8.76 10.28 -7.36
N ASP A 114 -8.06 9.19 -7.32
CA ASP A 114 -8.66 7.91 -6.84
C ASP A 114 -8.13 7.62 -5.45
N PHE A 115 -7.05 8.26 -5.07
CA PHE A 115 -6.49 8.04 -3.71
C PHE A 115 -7.09 9.08 -2.74
N PRO A 116 -7.72 8.61 -1.70
CA PRO A 116 -8.33 9.48 -0.69
C PRO A 116 -7.33 10.58 -0.26
N PRO A 117 -7.85 11.73 0.06
CA PRO A 117 -7.04 12.89 0.48
C PRO A 117 -6.24 12.56 1.74
N ALA A 118 -6.74 11.72 2.58
CA ALA A 118 -6.01 11.37 3.83
C ALA A 118 -4.52 11.17 3.50
N ASN A 119 -4.21 10.21 2.68
CA ASN A 119 -2.80 9.95 2.31
C ASN A 119 -2.42 10.81 1.10
N GLU A 120 -2.68 12.08 1.19
CA GLU A 120 -2.39 13.01 0.07
C GLU A 120 -0.88 13.24 -0.13
N PRO A 121 -0.13 13.38 0.94
CA PRO A 121 1.32 13.65 0.85
C PRO A 121 2.08 12.64 -0.01
N VAL A 122 1.85 11.37 0.16
CA VAL A 122 2.59 10.38 -0.66
C VAL A 122 1.81 10.14 -1.96
N ILE A 123 0.52 10.30 -1.93
CA ILE A 123 -0.27 10.09 -3.16
C ILE A 123 0.12 11.20 -4.14
N ALA A 124 0.60 12.28 -3.61
CA ALA A 124 1.04 13.41 -4.48
C ALA A 124 2.11 12.87 -5.41
N LYS A 125 2.80 11.87 -4.94
CA LYS A 125 3.90 11.27 -5.76
C LYS A 125 3.34 10.28 -6.78
N LEU A 126 2.36 9.47 -6.44
CA LEU A 126 1.83 8.52 -7.46
C LEU A 126 1.20 9.34 -8.57
N LYS A 127 0.76 10.52 -8.23
CA LYS A 127 0.17 11.40 -9.26
C LYS A 127 1.15 11.46 -10.41
N ARG A 128 2.41 11.47 -10.08
CA ARG A 128 3.47 11.53 -11.10
C ARG A 128 3.75 10.11 -11.61
N LEU A 129 3.50 9.12 -10.78
CA LEU A 129 3.75 7.70 -11.21
C LEU A 129 3.30 7.51 -12.65
MG MG B . -0.27 -7.53 8.27
PG APC C . -4.57 -3.11 9.01
O1G APC C . -5.97 -3.59 9.65
O2G APC C . -4.48 -3.51 7.59
O3G APC C . -4.38 -1.52 9.14
PB APC C . -3.18 -3.97 11.42
O1B APC C . -4.42 -4.88 11.92
O2B APC C . -1.90 -4.67 11.67
O3B APC C . -3.33 -3.72 9.84
PA APC C . -2.77 -2.84 13.53
O1A APC C . -1.34 -3.27 13.52
O2A APC C . -3.76 -3.70 14.20
C3A APC C . -3.19 -2.67 12.12
O5' APC C . -2.82 -1.41 14.27
C5' APC C . -2.57 -0.18 13.56
C4' APC C . -3.81 0.70 13.54
O4' APC C . -3.48 2.07 13.21
C3' APC C . -4.81 0.21 12.50
O3' APC C . -5.91 -0.45 13.12
C2' APC C . -5.27 1.44 11.75
O2' APC C . -6.66 1.69 11.96
C1' APC C . -4.44 2.61 12.28
N9 APC C . -3.76 3.31 11.16
C8 APC C . -2.94 2.80 10.21
N7 APC C . -2.53 3.61 9.29
C5 APC C . -3.16 4.80 9.66
C6 APC C . -3.16 6.07 9.10
N6 APC C . -2.48 6.39 7.99
N1 APC C . -3.88 7.03 9.72
C2 APC C . -4.55 6.74 10.83
N3 APC C . -4.64 5.56 11.44
C4 APC C . -3.91 4.63 10.80
HOG3 APC C . -3.74 -1.37 9.84
H3A1 APC C . -2.52 -1.98 11.62
H3A2 APC C . -4.21 -2.26 12.11
H5'1 APC C . -2.27 -0.42 12.53
H5'2 APC C . -1.76 0.35 14.06
H4' APC C . -4.27 0.67 14.52
H3' APC C . -4.31 -0.45 11.80
HO3' APC C . -6.47 0.15 13.62
H2' APC C . -5.07 1.32 10.69
HO2' APC C . -7.01 2.09 11.16
H1' APC C . -5.09 3.31 12.79
H8 APC C . -2.57 1.78 10.26
HN61 APC C . -1.95 5.68 7.51
HN62 APC C . -2.51 7.33 7.62
H2 APC C . -5.08 7.56 11.30
CO CON D . -6.35 -5.09 11.10
N1 CON D . -6.77 -6.59 12.53
N2 CON D . -8.29 -5.31 10.28
N3 CON D . -7.08 -3.61 12.42
N4 CON D . -5.63 -6.57 9.78
HN11 CON D . -7.28 -6.22 13.24
HN12 CON D . -5.95 -6.95 12.86
HN13 CON D . -7.28 -7.29 12.11
HN21 CON D . -8.83 -4.58 10.59
HN22 CON D . -8.23 -5.29 9.33
HN23 CON D . -8.66 -6.14 10.57
HN31 CON D . -7.07 -2.77 11.98
HN32 CON D . -6.52 -3.58 13.20
HN33 CON D . -7.98 -3.83 12.67
HN41 CON D . -5.16 -7.25 10.27
HN42 CON D . -6.37 -6.96 9.31
HN43 CON D . -5.03 -6.17 9.14
#